data_4XBH
#
_entry.id   4XBH
#
_cell.length_a   69.361
_cell.length_b   108.142
_cell.length_c   212.784
_cell.angle_alpha   90.000
_cell.angle_beta   90.000
_cell.angle_gamma   90.000
#
_symmetry.space_group_name_H-M   'P 21 21 21'
#
loop_
_entity.id
_entity.type
_entity.pdbx_description
1 polymer Neprilysin
2 branched 2-acetamido-2-deoxy-beta-D-glucopyranose-(1-4)-2-acetamido-2-deoxy-beta-D-glucopyranose
3 non-polymer 'ZINC ION'
4 non-polymer 'PHOSPHATE ION'
5 non-polymer 2-acetamido-2-deoxy-beta-D-glucopyranose
6 water water
#
_entity_poly.entity_id   1
_entity_poly.type   'polypeptide(L)'
_entity_poly.pdbx_seq_one_letter_code
;GICKSSDCIKSAARLIQNMDATAEPCTDFFKYACGGWLKRNVIPETSSRYSNFDILRDELEVILKDVLQEPKTEDIVAVQ
KAKTLYRSCVNETAIDSRGGQPLLKLLPDVYGWPVATQNWEQTYGTSWSAEKSIAQLNSKYGKKVLINFFVGTDDKNSMN
HIIHIDQPRLGLPSRDYYECTGIYKEACTAYVDFMIAVAKLIRQEEGLPIDENQISVEMNKVMELEKEIANATTKSEDRN
DPMLLYNKMTLAQIQNNFSLEINGKPFSWSNFTNEIMSTVNINIPNEEDVVVYAPEYLIKLKPILTKYSPRDLQNLMSWR
FIMDLVSSLSRTYKDSRNAFRKALYGTTSESATWRRCANYVNGNMENAVGRLYVEAAFAGESKHVVEDLIAQIREVFIQT
LDDLTWMDAETKKKAEEKALAIKERIGYPDDIVSNDNKLNNEYLELNYKEDEYFENIIQNLKFSQSKQLKKLREKVDKDE
WITGAAIVNAFYSSGRNQIVFPAGILQPPFFSAQQSNSLNYGGIGMVIGHEITHGFDDNGRNFNKDGDLVDWWTQQSANN
FKEQSQCMVYQYGNFSWDLAGGQHLNGINTLGENIADNGGIGQAYRAYQNYVKKNGEEKLLPGIDLNHKQLFFLNFAQVW
CGTYRPEYAVNSIKTDVHSPGNFRIIGSLQNSVEFSEAFQCPKNSYMNPEKKCRVW
;
_entity_poly.pdbx_strand_id   A,B
#
loop_
_chem_comp.id
_chem_comp.type
_chem_comp.name
_chem_comp.formula
NAG D-saccharide, beta linking 2-acetamido-2-deoxy-beta-D-glucopyranose 'C8 H15 N O6'
PO4 non-polymer 'PHOSPHATE ION' 'O4 P -3'
ZN non-polymer 'ZINC ION' 'Zn 2'
#
# COMPACT_ATOMS: atom_id res chain seq x y z
N GLY A 1 11.94 -8.13 -40.37
CA GLY A 1 10.89 -8.98 -39.85
C GLY A 1 10.70 -8.84 -38.35
N ILE A 2 10.52 -7.60 -37.91
CA ILE A 2 10.35 -7.31 -36.48
C ILE A 2 9.16 -6.36 -36.25
N CYS A 3 8.25 -6.78 -35.36
CA CYS A 3 7.08 -5.97 -35.04
C CYS A 3 7.47 -4.62 -34.44
N LYS A 4 6.71 -3.58 -34.78
CA LYS A 4 7.06 -2.22 -34.40
C LYS A 4 5.91 -1.44 -33.77
N SER A 5 4.75 -2.09 -33.64
CA SER A 5 3.58 -1.43 -33.08
C SER A 5 3.78 -1.10 -31.61
N SER A 6 2.97 -0.15 -31.11
CA SER A 6 3.02 0.22 -29.70
C SER A 6 2.64 -0.96 -28.81
N ASP A 7 1.79 -1.84 -29.34
CA ASP A 7 1.39 -3.05 -28.61
C ASP A 7 2.55 -4.02 -28.45
N CYS A 8 3.33 -4.21 -29.51
CA CYS A 8 4.47 -5.10 -29.46
C CYS A 8 5.57 -4.56 -28.55
N ILE A 9 5.66 -3.23 -28.50
CA ILE A 9 6.68 -2.58 -27.70
C ILE A 9 6.47 -2.81 -26.20
N LYS A 10 5.24 -2.63 -25.72
CA LYS A 10 5.02 -2.83 -24.29
C LYS A 10 4.94 -4.31 -23.94
N SER A 11 4.58 -5.14 -24.93
CA SER A 11 4.62 -6.59 -24.75
C SER A 11 6.05 -7.03 -24.56
N ALA A 12 6.94 -6.57 -25.44
CA ALA A 12 8.35 -6.89 -25.34
C ALA A 12 8.97 -6.35 -24.05
N ALA A 13 8.60 -5.12 -23.69
CA ALA A 13 9.16 -4.49 -22.50
C ALA A 13 8.76 -5.26 -21.25
N ARG A 14 7.51 -5.70 -21.20
CA ARG A 14 7.03 -6.51 -20.08
C ARG A 14 7.87 -7.78 -19.94
N LEU A 15 8.05 -8.50 -21.05
CA LEU A 15 8.86 -9.71 -21.05
C LEU A 15 10.30 -9.43 -20.59
N ILE A 16 10.88 -8.36 -21.13
CA ILE A 16 12.26 -7.97 -20.83
C ILE A 16 12.45 -7.58 -19.36
N GLN A 17 11.51 -6.79 -18.83
CA GLN A 17 11.59 -6.31 -17.46
C GLN A 17 11.44 -7.44 -16.45
N ASN A 18 10.64 -8.45 -16.80
CA ASN A 18 10.35 -9.54 -15.87
C ASN A 18 11.47 -10.58 -15.80
N MET A 19 12.19 -10.76 -16.91
CA MET A 19 13.20 -11.80 -16.97
C MET A 19 14.54 -11.32 -16.39
N ASP A 20 15.42 -12.26 -16.12
CA ASP A 20 16.80 -11.97 -15.74
C ASP A 20 17.74 -12.72 -16.68
N ALA A 21 18.20 -12.03 -17.71
CA ALA A 21 19.01 -12.64 -18.76
C ALA A 21 20.39 -13.09 -18.28
N THR A 22 20.75 -12.72 -17.06
CA THR A 22 22.04 -13.16 -16.51
C THR A 22 21.92 -14.55 -15.92
N ALA A 23 20.70 -14.98 -15.64
CA ALA A 23 20.47 -16.32 -15.14
C ALA A 23 20.50 -17.32 -16.28
N GLU A 24 20.94 -18.54 -15.99
CA GLU A 24 20.97 -19.60 -16.98
C GLU A 24 19.61 -20.31 -17.02
N PRO A 25 18.94 -20.27 -18.16
CA PRO A 25 17.59 -20.83 -18.31
C PRO A 25 17.51 -22.31 -17.94
N CYS A 26 18.58 -23.05 -18.19
CA CYS A 26 18.56 -24.50 -17.99
C CYS A 26 18.96 -24.89 -16.57
N THR A 27 19.38 -23.90 -15.79
CA THR A 27 19.71 -24.13 -14.38
C THR A 27 18.52 -23.81 -13.48
N ASP A 28 17.82 -22.74 -13.79
CA ASP A 28 16.64 -22.32 -13.04
C ASP A 28 15.81 -21.38 -13.91
N PHE A 29 14.75 -21.90 -14.51
CA PHE A 29 13.98 -21.10 -15.44
C PHE A 29 13.10 -20.09 -14.71
N PHE A 30 12.79 -20.35 -13.45
CA PHE A 30 12.05 -19.38 -12.65
C PHE A 30 12.86 -18.11 -12.47
N LYS A 31 14.13 -18.26 -12.10
CA LYS A 31 15.02 -17.10 -11.96
C LYS A 31 15.25 -16.42 -13.31
N TYR A 32 15.36 -17.22 -14.36
CA TYR A 32 15.53 -16.68 -15.70
C TYR A 32 14.32 -15.87 -16.16
N ALA A 33 13.13 -16.43 -15.97
CA ALA A 33 11.91 -15.83 -16.47
C ALA A 33 11.32 -14.77 -15.54
N CYS A 34 11.60 -14.88 -14.24
CA CYS A 34 10.93 -14.03 -13.26
C CYS A 34 11.89 -13.24 -12.37
N GLY A 35 13.19 -13.36 -12.62
CA GLY A 35 14.19 -12.67 -11.82
C GLY A 35 13.99 -11.17 -11.78
N GLY A 36 13.73 -10.58 -12.94
CA GLY A 36 13.48 -9.14 -13.03
C GLY A 36 12.17 -8.77 -12.38
N TRP A 37 11.18 -9.65 -12.50
CA TRP A 37 9.87 -9.43 -11.89
C TRP A 37 10.02 -9.25 -10.39
N LEU A 38 10.86 -10.08 -9.77
CA LEU A 38 11.05 -10.06 -8.32
C LEU A 38 11.62 -8.73 -7.83
N LYS A 39 12.61 -8.20 -8.53
CA LYS A 39 13.21 -6.91 -8.17
C LYS A 39 12.22 -5.77 -8.38
N ARG A 40 11.42 -5.90 -9.44
CA ARG A 40 10.51 -4.84 -9.89
C ARG A 40 9.22 -4.75 -9.07
N ASN A 41 8.74 -5.89 -8.59
CA ASN A 41 7.44 -5.95 -7.93
C ASN A 41 7.54 -6.40 -6.47
N VAL A 42 8.03 -5.50 -5.62
CA VAL A 42 8.07 -5.74 -4.18
C VAL A 42 6.66 -5.99 -3.64
N ILE A 43 6.52 -6.96 -2.74
CA ILE A 43 5.23 -7.26 -2.12
C ILE A 43 4.64 -6.05 -1.40
N PRO A 44 3.42 -5.63 -1.78
CA PRO A 44 2.74 -4.56 -1.06
C PRO A 44 2.51 -4.94 0.41
N GLU A 45 2.54 -3.95 1.29
CA GLU A 45 2.41 -4.19 2.72
C GLU A 45 1.06 -4.83 3.08
N THR A 46 0.10 -4.73 2.17
CA THR A 46 -1.23 -5.29 2.40
C THR A 46 -1.40 -6.63 1.67
N SER A 47 -0.37 -7.10 0.99
CA SER A 47 -0.42 -8.36 0.27
C SER A 47 0.34 -9.45 0.98
N SER A 48 -0.27 -10.63 1.09
CA SER A 48 0.37 -11.80 1.66
C SER A 48 1.08 -12.58 0.56
N ARG A 49 0.49 -12.53 -0.62
CA ARG A 49 1.09 -13.08 -1.83
C ARG A 49 1.07 -12.02 -2.92
N TYR A 50 2.11 -11.97 -3.73
CA TYR A 50 2.14 -11.07 -4.87
C TYR A 50 2.58 -11.82 -6.12
N SER A 51 1.90 -11.57 -7.23
CA SER A 51 2.14 -12.33 -8.44
C SER A 51 1.45 -11.69 -9.63
N ASN A 52 1.64 -12.28 -10.80
CA ASN A 52 0.94 -11.84 -11.99
C ASN A 52 -0.57 -11.86 -11.77
N PHE A 53 -1.09 -12.96 -11.24
CA PHE A 53 -2.51 -13.07 -10.93
C PHE A 53 -2.98 -11.97 -9.98
N ASP A 54 -2.22 -11.74 -8.92
CA ASP A 54 -2.60 -10.75 -7.91
C ASP A 54 -2.59 -9.33 -8.47
N ILE A 55 -1.61 -9.03 -9.33
CA ILE A 55 -1.52 -7.73 -9.96
C ILE A 55 -2.75 -7.46 -10.83
N LEU A 56 -3.11 -8.43 -11.66
CA LEU A 56 -4.31 -8.34 -12.49
C LEU A 56 -5.57 -8.17 -11.66
N ARG A 57 -5.62 -8.84 -10.51
CA ARG A 57 -6.78 -8.74 -9.63
C ARG A 57 -6.87 -7.36 -8.97
N ASP A 58 -5.73 -6.79 -8.61
CA ASP A 58 -5.67 -5.43 -8.08
C ASP A 58 -6.14 -4.42 -9.14
N GLU A 59 -5.69 -4.60 -10.37
CA GLU A 59 -6.06 -3.71 -11.46
C GLU A 59 -7.54 -3.81 -11.77
N LEU A 60 -8.10 -5.01 -11.60
CA LEU A 60 -9.53 -5.21 -11.82
C LEU A 60 -10.35 -4.47 -10.78
N GLU A 61 -9.85 -4.41 -9.54
CA GLU A 61 -10.52 -3.71 -8.45
C GLU A 61 -10.63 -2.21 -8.73
N VAL A 62 -9.63 -1.65 -9.40
CA VAL A 62 -9.64 -0.24 -9.80
C VAL A 62 -10.80 0.02 -10.75
N ILE A 63 -10.97 -0.89 -11.70
CA ILE A 63 -12.09 -0.81 -12.65
C ILE A 63 -13.43 -0.92 -11.92
N LEU A 64 -13.51 -1.82 -10.95
CA LEU A 64 -14.75 -1.99 -10.19
C LEU A 64 -15.07 -0.75 -9.36
N LYS A 65 -14.03 -0.11 -8.83
CA LYS A 65 -14.17 1.14 -8.10
C LYS A 65 -14.80 2.21 -9.01
N ASP A 66 -14.32 2.30 -10.24
CA ASP A 66 -14.82 3.31 -11.19
C ASP A 66 -16.29 3.11 -11.53
N VAL A 67 -16.71 1.86 -11.68
CA VAL A 67 -18.07 1.56 -12.11
C VAL A 67 -19.05 1.34 -10.94
N LEU A 68 -18.57 1.49 -9.72
CA LEU A 68 -19.45 1.31 -8.56
C LEU A 68 -19.61 2.59 -7.74
N GLN A 69 -18.62 3.49 -7.79
CA GLN A 69 -18.59 4.61 -6.86
C GLN A 69 -19.52 5.77 -7.26
N GLU A 70 -19.88 5.86 -8.54
CA GLU A 70 -20.72 6.96 -8.99
C GLU A 70 -22.09 6.50 -9.49
N PRO A 71 -23.15 6.92 -8.79
CA PRO A 71 -24.52 6.63 -9.24
C PRO A 71 -24.81 7.25 -10.59
N LYS A 72 -25.58 6.57 -11.42
CA LYS A 72 -26.01 7.12 -12.69
C LYS A 72 -27.53 7.02 -12.81
N THR A 73 -28.13 8.01 -13.47
CA THR A 73 -29.58 8.14 -13.49
C THR A 73 -30.29 6.98 -14.18
N GLU A 74 -29.63 6.39 -15.17
CA GLU A 74 -30.23 5.32 -15.96
C GLU A 74 -29.98 3.93 -15.36
N ASP A 75 -29.34 3.88 -14.19
CA ASP A 75 -29.01 2.61 -13.55
C ASP A 75 -30.24 1.77 -13.26
N ILE A 76 -30.28 0.54 -13.79
CA ILE A 76 -31.35 -0.39 -13.44
C ILE A 76 -31.23 -0.75 -11.95
N VAL A 77 -32.30 -1.30 -11.40
CA VAL A 77 -32.39 -1.56 -9.96
C VAL A 77 -31.26 -2.45 -9.43
N ALA A 78 -30.92 -3.49 -10.18
CA ALA A 78 -29.85 -4.40 -9.79
C ALA A 78 -28.54 -3.64 -9.60
N VAL A 79 -28.27 -2.69 -10.49
CA VAL A 79 -27.06 -1.87 -10.41
C VAL A 79 -27.16 -0.87 -9.26
N GLN A 80 -28.34 -0.30 -9.05
CA GLN A 80 -28.58 0.61 -7.93
C GLN A 80 -28.28 -0.08 -6.59
N LYS A 81 -28.69 -1.33 -6.48
CA LYS A 81 -28.49 -2.10 -5.25
C LYS A 81 -27.00 -2.38 -5.03
N ALA A 82 -26.29 -2.72 -6.09
CA ALA A 82 -24.85 -2.95 -6.02
C ALA A 82 -24.10 -1.68 -5.57
N LYS A 83 -24.54 -0.54 -6.06
CA LYS A 83 -23.88 0.72 -5.71
C LYS A 83 -24.22 1.17 -4.29
N THR A 84 -25.45 0.93 -3.87
CA THR A 84 -25.85 1.21 -2.50
C THR A 84 -25.05 0.35 -1.53
N LEU A 85 -24.87 -0.92 -1.88
CA LEU A 85 -24.07 -1.83 -1.07
C LEU A 85 -22.63 -1.34 -0.99
N TYR A 86 -22.08 -0.92 -2.12
CA TYR A 86 -20.70 -0.40 -2.16
C TYR A 86 -20.56 0.86 -1.31
N ARG A 87 -21.52 1.77 -1.46
CA ARG A 87 -21.49 3.03 -0.71
C ARG A 87 -21.55 2.79 0.81
N SER A 88 -22.38 1.84 1.23
CA SER A 88 -22.47 1.51 2.65
C SER A 88 -21.13 0.98 3.18
N CYS A 89 -20.43 0.26 2.32
CA CYS A 89 -19.18 -0.39 2.70
C CYS A 89 -18.03 0.60 2.89
N VAL A 90 -17.93 1.60 2.02
CA VAL A 90 -16.78 2.49 2.05
C VAL A 90 -16.97 3.69 2.99
N ASN A 91 -18.15 3.83 3.57
CA ASN A 91 -18.36 4.92 4.52
C ASN A 91 -17.84 4.54 5.90
N GLU A 92 -16.55 4.76 6.10
CA GLU A 92 -15.89 4.37 7.33
C GLU A 92 -16.32 5.23 8.51
N THR A 93 -16.70 6.48 8.23
CA THR A 93 -17.17 7.38 9.28
C THR A 93 -18.44 6.82 9.94
N ALA A 94 -19.37 6.34 9.12
CA ALA A 94 -20.61 5.78 9.62
C ALA A 94 -20.36 4.46 10.36
N ILE A 95 -19.43 3.67 9.85
CA ILE A 95 -19.06 2.41 10.48
C ILE A 95 -18.38 2.63 11.83
N ASP A 96 -17.42 3.55 11.87
CA ASP A 96 -16.70 3.85 13.10
C ASP A 96 -17.62 4.36 14.21
N SER A 97 -18.61 5.15 13.83
CA SER A 97 -19.49 5.79 14.81
C SER A 97 -20.41 4.79 15.52
N ARG A 98 -20.51 3.58 14.95
CA ARG A 98 -21.38 2.56 15.51
C ARG A 98 -20.66 1.60 16.44
N GLY A 99 -19.34 1.75 16.54
CA GLY A 99 -18.54 0.91 17.42
C GLY A 99 -18.72 -0.57 17.16
N GLY A 100 -19.06 -1.32 18.20
CA GLY A 100 -19.32 -2.75 18.07
C GLY A 100 -20.79 -3.08 18.19
N GLN A 101 -21.61 -2.04 18.28
CA GLN A 101 -23.06 -2.19 18.47
C GLN A 101 -23.78 -3.13 17.49
N PRO A 102 -23.43 -3.09 16.18
CA PRO A 102 -24.14 -4.03 15.29
C PRO A 102 -23.91 -5.50 15.63
N LEU A 103 -22.71 -5.82 16.13
CA LEU A 103 -22.41 -7.19 16.53
C LEU A 103 -23.05 -7.52 17.87
N LEU A 104 -22.91 -6.62 18.82
CA LEU A 104 -23.43 -6.82 20.17
C LEU A 104 -24.94 -7.04 20.16
N LYS A 105 -25.65 -6.28 19.32
CA LYS A 105 -27.10 -6.40 19.22
C LYS A 105 -27.50 -7.75 18.62
N LEU A 106 -26.63 -8.30 17.79
CA LEU A 106 -26.93 -9.51 17.03
C LEU A 106 -26.59 -10.79 17.79
N LEU A 107 -25.60 -10.71 18.68
CA LEU A 107 -25.08 -11.89 19.37
C LEU A 107 -26.10 -12.85 20.04
N PRO A 108 -27.22 -12.32 20.58
CA PRO A 108 -28.20 -13.28 21.12
C PRO A 108 -28.66 -14.34 20.11
N ASP A 109 -28.72 -13.97 18.84
CA ASP A 109 -29.21 -14.84 17.78
C ASP A 109 -28.45 -16.17 17.70
N VAL A 110 -27.20 -16.17 18.14
CA VAL A 110 -26.39 -17.38 18.12
C VAL A 110 -26.14 -17.93 19.52
N TYR A 111 -27.00 -17.52 20.46
CA TYR A 111 -26.92 -17.88 21.89
C TYR A 111 -25.75 -17.20 22.59
N GLY A 112 -25.38 -16.02 22.09
CA GLY A 112 -24.39 -15.18 22.74
C GLY A 112 -22.98 -15.75 22.80
N TRP A 113 -22.10 -14.99 23.44
CA TRP A 113 -20.73 -15.41 23.71
C TRP A 113 -20.51 -15.39 25.21
N PRO A 114 -20.52 -16.59 25.84
CA PRO A 114 -20.53 -16.73 27.30
C PRO A 114 -19.50 -15.84 28.01
N VAL A 115 -18.26 -15.84 27.54
CA VAL A 115 -17.19 -15.08 28.18
C VAL A 115 -17.49 -13.58 28.21
N ALA A 116 -18.30 -13.10 27.27
CA ALA A 116 -18.62 -11.68 27.22
C ALA A 116 -20.07 -11.40 27.61
N THR A 117 -20.71 -12.36 28.26
CA THR A 117 -22.08 -12.21 28.74
C THR A 117 -22.08 -11.99 30.26
N GLN A 118 -23.06 -11.25 30.77
CA GLN A 118 -23.14 -11.01 32.21
C GLN A 118 -23.39 -12.31 32.96
N ASN A 119 -24.44 -13.03 32.56
CA ASN A 119 -24.73 -14.34 33.12
C ASN A 119 -25.26 -15.26 32.02
N TRP A 120 -24.35 -15.96 31.35
CA TRP A 120 -24.70 -16.74 30.18
C TRP A 120 -25.67 -17.90 30.48
N GLU A 121 -25.37 -18.67 31.53
CA GLU A 121 -26.22 -19.80 31.89
C GLU A 121 -27.64 -19.35 32.19
N GLN A 122 -27.76 -18.22 32.89
CA GLN A 122 -29.07 -17.67 33.23
C GLN A 122 -29.84 -17.23 31.97
N THR A 123 -29.18 -16.45 31.12
CA THR A 123 -29.83 -15.85 29.96
C THR A 123 -30.05 -16.84 28.82
N TYR A 124 -29.07 -17.69 28.54
CA TYR A 124 -29.14 -18.57 27.37
C TYR A 124 -29.10 -20.06 27.70
N GLY A 125 -28.55 -20.41 28.86
CA GLY A 125 -28.34 -21.80 29.22
C GLY A 125 -29.58 -22.66 29.24
N THR A 126 -30.73 -22.04 29.54
CA THR A 126 -31.99 -22.76 29.66
C THR A 126 -32.50 -23.31 28.33
N SER A 127 -32.39 -22.51 27.28
CA SER A 127 -32.93 -22.90 25.97
C SER A 127 -31.85 -23.45 25.02
N TRP A 128 -30.62 -23.52 25.49
CA TRP A 128 -29.48 -23.91 24.67
C TRP A 128 -29.49 -25.39 24.30
N SER A 129 -29.11 -25.68 23.07
CA SER A 129 -28.78 -27.05 22.65
C SER A 129 -27.71 -26.98 21.55
N ALA A 130 -26.90 -28.02 21.43
CA ALA A 130 -25.88 -28.04 20.40
C ALA A 130 -26.52 -28.14 19.03
N GLU A 131 -27.60 -28.91 18.95
CA GLU A 131 -28.38 -29.05 17.73
C GLU A 131 -28.81 -27.68 17.20
N LYS A 132 -29.45 -26.90 18.05
CA LYS A 132 -29.98 -25.60 17.66
C LYS A 132 -28.87 -24.57 17.44
N SER A 133 -27.80 -24.64 18.23
CA SER A 133 -26.73 -23.66 18.12
C SER A 133 -25.95 -23.84 16.82
N ILE A 134 -25.52 -25.07 16.52
CA ILE A 134 -24.82 -25.36 15.28
C ILE A 134 -25.70 -25.02 14.07
N ALA A 135 -26.99 -25.38 14.18
CA ALA A 135 -27.94 -25.18 13.09
C ALA A 135 -28.15 -23.71 12.74
N GLN A 136 -28.23 -22.85 13.77
CA GLN A 136 -28.48 -21.43 13.54
C GLN A 136 -27.29 -20.75 12.87
N LEU A 137 -26.09 -21.06 13.37
CA LEU A 137 -24.86 -20.56 12.78
C LEU A 137 -24.73 -21.00 11.33
N ASN A 138 -25.16 -22.22 11.05
CA ASN A 138 -25.14 -22.78 9.71
C ASN A 138 -26.17 -22.11 8.78
N SER A 139 -27.44 -22.19 9.19
CA SER A 139 -28.54 -21.89 8.27
C SER A 139 -28.76 -20.39 8.06
N LYS A 140 -28.26 -19.57 8.98
CA LYS A 140 -28.44 -18.12 8.88
C LYS A 140 -27.16 -17.40 8.44
N TYR A 141 -26.00 -17.92 8.85
CA TYR A 141 -24.74 -17.20 8.66
C TYR A 141 -23.69 -17.96 7.86
N GLY A 142 -23.97 -19.23 7.56
CA GLY A 142 -23.05 -20.05 6.80
C GLY A 142 -21.78 -20.40 7.55
N LYS A 143 -21.79 -20.17 8.86
CA LYS A 143 -20.63 -20.48 9.70
C LYS A 143 -20.72 -21.92 10.17
N LYS A 144 -19.84 -22.77 9.65
CA LYS A 144 -19.88 -24.20 9.93
C LYS A 144 -18.97 -24.58 11.10
N VAL A 145 -19.58 -24.94 12.23
CA VAL A 145 -18.81 -25.33 13.40
C VAL A 145 -19.18 -26.74 13.90
N LEU A 146 -18.17 -27.46 14.38
CA LEU A 146 -18.29 -28.82 14.91
C LEU A 146 -18.68 -29.86 13.86
N ILE A 147 -19.82 -29.64 13.21
CA ILE A 147 -20.31 -30.53 12.16
C ILE A 147 -20.74 -29.75 10.94
N ASN A 148 -20.12 -30.01 9.79
CA ASN A 148 -20.50 -29.30 8.57
C ASN A 148 -21.68 -29.96 7.88
N PHE A 149 -22.70 -29.16 7.63
CA PHE A 149 -23.91 -29.59 6.94
C PHE A 149 -24.04 -28.71 5.71
N PHE A 150 -24.21 -29.30 4.54
CA PHE A 150 -24.54 -28.49 3.38
C PHE A 150 -25.32 -29.24 2.30
N VAL A 151 -26.16 -28.49 1.60
CA VAL A 151 -26.88 -29.01 0.44
C VAL A 151 -26.01 -28.76 -0.79
N GLY A 152 -25.65 -29.84 -1.48
CA GLY A 152 -24.84 -29.74 -2.67
C GLY A 152 -25.23 -30.77 -3.69
N THR A 153 -24.49 -30.83 -4.79
CA THR A 153 -24.75 -31.81 -5.84
C THR A 153 -24.41 -33.21 -5.37
N ASP A 154 -25.24 -34.19 -5.74
CA ASP A 154 -24.95 -35.59 -5.49
C ASP A 154 -23.82 -36.03 -6.42
N ASP A 155 -22.70 -36.43 -5.82
CA ASP A 155 -21.53 -36.94 -6.56
C ASP A 155 -21.90 -38.01 -7.60
N LYS A 156 -22.78 -38.92 -7.24
CA LYS A 156 -23.13 -40.04 -8.11
C LYS A 156 -24.39 -39.78 -8.94
N ASN A 157 -25.09 -38.68 -8.65
CA ASN A 157 -26.25 -38.27 -9.43
C ASN A 157 -26.23 -36.78 -9.67
N SER A 158 -25.51 -36.36 -10.72
CA SER A 158 -25.16 -34.95 -10.92
C SER A 158 -26.33 -34.03 -11.24
N MET A 159 -27.52 -34.59 -11.42
CA MET A 159 -28.70 -33.77 -11.67
C MET A 159 -29.44 -33.43 -10.39
N ASN A 160 -29.11 -34.14 -9.31
CA ASN A 160 -29.81 -33.97 -8.05
C ASN A 160 -28.99 -33.23 -7.01
N HIS A 161 -29.69 -32.66 -6.03
CA HIS A 161 -29.06 -32.11 -4.83
C HIS A 161 -29.27 -33.09 -3.67
N ILE A 162 -28.38 -33.04 -2.70
CA ILE A 162 -28.47 -33.92 -1.55
C ILE A 162 -27.71 -33.33 -0.36
N ILE A 163 -28.13 -33.70 0.83
CA ILE A 163 -27.47 -33.27 2.06
C ILE A 163 -26.12 -33.96 2.22
N HIS A 164 -25.10 -33.17 2.58
CA HIS A 164 -23.78 -33.69 2.90
C HIS A 164 -23.43 -33.41 4.36
N ILE A 165 -22.72 -34.35 4.97
CA ILE A 165 -22.16 -34.18 6.31
C ILE A 165 -20.65 -34.36 6.23
N ASP A 166 -19.89 -33.41 6.79
CA ASP A 166 -18.43 -33.47 6.72
C ASP A 166 -17.80 -32.83 7.95
N GLN A 167 -16.50 -33.03 8.10
CA GLN A 167 -15.75 -32.35 9.15
C GLN A 167 -15.63 -30.86 8.80
N PRO A 168 -15.66 -29.98 9.82
CA PRO A 168 -15.58 -28.54 9.58
C PRO A 168 -14.14 -28.04 9.46
N ARG A 169 -13.97 -26.84 8.94
CA ARG A 169 -12.65 -26.21 8.96
C ARG A 169 -12.44 -25.61 10.34
N LEU A 170 -11.25 -25.06 10.56
CA LEU A 170 -10.85 -24.61 11.90
C LEU A 170 -10.58 -23.10 11.91
N GLY A 171 -10.32 -22.56 13.10
CA GLY A 171 -9.98 -21.15 13.23
C GLY A 171 -8.63 -20.84 12.60
N LEU A 172 -7.71 -21.78 12.71
CA LEU A 172 -6.40 -21.67 12.09
C LEU A 172 -6.43 -22.35 10.72
N PRO A 173 -5.50 -22.00 9.82
CA PRO A 173 -5.52 -22.46 8.42
C PRO A 173 -5.63 -23.98 8.24
N SER A 174 -4.99 -24.76 9.10
CA SER A 174 -5.07 -26.21 9.00
C SER A 174 -4.86 -26.88 10.35
N ARG A 175 -5.12 -28.19 10.39
CA ARG A 175 -4.96 -28.99 11.60
C ARG A 175 -3.52 -28.98 12.12
N ASP A 176 -2.56 -28.78 11.20
CA ASP A 176 -1.14 -28.78 11.55
C ASP A 176 -0.79 -27.65 12.53
N TYR A 177 -1.48 -26.51 12.41
CA TYR A 177 -1.17 -25.35 13.24
C TYR A 177 -1.32 -25.63 14.73
N TYR A 178 -2.17 -26.59 15.08
CA TYR A 178 -2.53 -26.81 16.47
C TYR A 178 -1.47 -27.60 17.25
N GLU A 179 -0.36 -27.93 16.60
CA GLU A 179 0.84 -28.38 17.30
C GLU A 179 1.43 -27.20 18.06
N CYS A 180 1.24 -26.00 17.52
CA CYS A 180 1.64 -24.74 18.14
C CYS A 180 3.13 -24.67 18.49
N THR A 181 3.94 -25.42 17.76
CA THR A 181 5.38 -25.40 17.97
C THR A 181 6.09 -24.94 16.70
N GLY A 182 7.30 -24.42 16.85
CA GLY A 182 8.10 -24.00 15.72
C GLY A 182 7.43 -22.94 14.86
N ILE A 183 7.21 -23.27 13.59
CA ILE A 183 6.64 -22.33 12.64
C ILE A 183 5.16 -22.03 12.91
N TYR A 184 4.57 -22.77 13.84
CA TYR A 184 3.16 -22.56 14.19
C TYR A 184 3.01 -21.83 15.53
N LYS A 185 4.12 -21.65 16.23
CA LYS A 185 4.13 -21.11 17.59
C LYS A 185 3.50 -19.71 17.70
N GLU A 186 3.92 -18.79 16.85
CA GLU A 186 3.42 -17.42 16.91
C GLU A 186 1.93 -17.34 16.59
N ALA A 187 1.50 -18.11 15.60
CA ALA A 187 0.10 -18.14 15.20
C ALA A 187 -0.81 -18.52 16.36
N CYS A 188 -0.43 -19.55 17.12
CA CYS A 188 -1.27 -20.02 18.22
C CYS A 188 -1.39 -18.98 19.32
N THR A 189 -0.26 -18.34 19.64
CA THR A 189 -0.23 -17.29 20.65
C THR A 189 -1.11 -16.10 20.25
N ALA A 190 -0.96 -15.67 19.00
CA ALA A 190 -1.72 -14.53 18.50
C ALA A 190 -3.22 -14.87 18.45
N TYR A 191 -3.53 -16.12 18.14
CA TYR A 191 -4.89 -16.63 18.06
C TYR A 191 -5.63 -16.52 19.40
N VAL A 192 -4.98 -16.95 20.48
CA VAL A 192 -5.57 -16.89 21.81
C VAL A 192 -5.60 -15.45 22.35
N ASP A 193 -4.54 -14.68 22.08
CA ASP A 193 -4.52 -13.27 22.44
C ASP A 193 -5.62 -12.48 21.73
N PHE A 194 -5.92 -12.90 20.50
CA PHE A 194 -7.00 -12.33 19.70
C PHE A 194 -8.35 -12.55 20.40
N MET A 195 -8.59 -13.79 20.84
CA MET A 195 -9.81 -14.12 21.59
C MET A 195 -9.98 -13.23 22.81
N ILE A 196 -8.93 -13.15 23.61
CA ILE A 196 -8.93 -12.38 24.85
C ILE A 196 -9.21 -10.91 24.60
N ALA A 197 -8.53 -10.33 23.61
CA ALA A 197 -8.65 -8.90 23.31
C ALA A 197 -10.08 -8.54 22.90
N VAL A 198 -10.71 -9.39 22.10
CA VAL A 198 -12.06 -9.13 21.64
C VAL A 198 -13.06 -9.29 22.77
N ALA A 199 -12.83 -10.30 23.62
CA ALA A 199 -13.67 -10.51 24.79
C ALA A 199 -13.69 -9.27 25.68
N LYS A 200 -12.53 -8.66 25.86
CA LYS A 200 -12.39 -7.42 26.63
C LYS A 200 -13.10 -6.24 25.97
N LEU A 201 -12.98 -6.13 24.65
CA LEU A 201 -13.62 -5.03 23.93
C LEU A 201 -15.14 -5.10 24.08
N ILE A 202 -15.70 -6.28 23.88
CA ILE A 202 -17.14 -6.46 23.94
C ILE A 202 -17.66 -6.23 25.35
N ARG A 203 -16.98 -6.79 26.34
CA ARG A 203 -17.38 -6.58 27.73
C ARG A 203 -17.30 -5.11 28.11
N GLN A 204 -16.26 -4.41 27.66
CA GLN A 204 -16.12 -2.98 27.93
C GLN A 204 -17.26 -2.18 27.32
N GLU A 205 -17.66 -2.54 26.10
CA GLU A 205 -18.72 -1.82 25.41
C GLU A 205 -20.09 -2.16 26.00
N GLU A 206 -20.21 -3.34 26.61
CA GLU A 206 -21.45 -3.76 27.26
C GLU A 206 -21.55 -3.16 28.65
N GLY A 207 -20.48 -2.51 29.10
CA GLY A 207 -20.44 -1.93 30.43
C GLY A 207 -20.26 -2.97 31.53
N LEU A 208 -19.61 -4.08 31.20
CA LEU A 208 -19.38 -5.17 32.15
C LEU A 208 -17.98 -5.09 32.76
N PRO A 209 -17.80 -5.64 33.97
CA PRO A 209 -16.48 -5.67 34.61
C PRO A 209 -15.49 -6.55 33.86
N ILE A 210 -14.21 -6.18 33.89
CA ILE A 210 -13.16 -6.94 33.22
C ILE A 210 -12.31 -7.74 34.20
N ASP A 211 -12.45 -9.07 34.15
CA ASP A 211 -11.56 -9.96 34.88
C ASP A 211 -10.58 -10.58 33.89
N GLU A 212 -9.37 -10.03 33.83
CA GLU A 212 -8.36 -10.47 32.87
C GLU A 212 -8.06 -11.96 32.98
N ASN A 213 -7.85 -12.42 34.21
CA ASN A 213 -7.53 -13.83 34.45
C ASN A 213 -8.67 -14.78 34.09
N GLN A 214 -9.90 -14.38 34.37
CA GLN A 214 -11.04 -15.24 34.10
C GLN A 214 -11.27 -15.40 32.59
N ILE A 215 -11.11 -14.31 31.85
CA ILE A 215 -11.23 -14.35 30.40
C ILE A 215 -10.16 -15.27 29.82
N SER A 216 -8.94 -15.14 30.31
CA SER A 216 -7.83 -15.98 29.87
C SER A 216 -8.09 -17.47 30.11
N VAL A 217 -8.69 -17.80 31.25
CA VAL A 217 -9.03 -19.19 31.56
C VAL A 217 -10.03 -19.75 30.53
N GLU A 218 -11.07 -18.97 30.25
CA GLU A 218 -12.11 -19.42 29.32
C GLU A 218 -11.60 -19.55 27.89
N MET A 219 -10.73 -18.63 27.47
CA MET A 219 -10.26 -18.63 26.09
C MET A 219 -9.18 -19.67 25.84
N ASN A 220 -8.39 -19.97 26.86
CA ASN A 220 -7.45 -21.07 26.75
C ASN A 220 -8.19 -22.41 26.71
N LYS A 221 -9.32 -22.48 27.40
CA LYS A 221 -10.20 -23.65 27.31
C LYS A 221 -10.76 -23.82 25.90
N VAL A 222 -11.07 -22.71 25.24
CA VAL A 222 -11.51 -22.73 23.85
C VAL A 222 -10.43 -23.35 22.96
N MET A 223 -9.20 -22.93 23.16
CA MET A 223 -8.06 -23.46 22.40
C MET A 223 -7.84 -24.94 22.68
N GLU A 224 -7.90 -25.30 23.96
CA GLU A 224 -7.78 -26.70 24.37
C GLU A 224 -8.79 -27.58 23.64
N LEU A 225 -10.04 -27.14 23.61
CA LEU A 225 -11.11 -27.85 22.91
C LEU A 225 -10.87 -27.93 21.41
N GLU A 226 -10.46 -26.83 20.78
CA GLU A 226 -10.29 -26.84 19.34
C GLU A 226 -9.08 -27.66 18.92
N LYS A 227 -8.08 -27.74 19.80
CA LYS A 227 -6.94 -28.63 19.58
C LYS A 227 -7.39 -30.09 19.43
N GLU A 228 -8.26 -30.53 20.33
CA GLU A 228 -8.77 -31.90 20.28
C GLU A 228 -9.55 -32.15 18.99
N ILE A 229 -10.40 -31.19 18.62
CA ILE A 229 -11.19 -31.30 17.40
C ILE A 229 -10.29 -31.36 16.16
N ALA A 230 -9.29 -30.49 16.12
CA ALA A 230 -8.33 -30.47 15.01
C ALA A 230 -7.64 -31.82 14.84
N ASN A 231 -7.18 -32.37 15.98
CA ASN A 231 -6.53 -33.67 16.01
C ASN A 231 -7.47 -34.79 15.56
N ALA A 232 -8.77 -34.61 15.77
CA ALA A 232 -9.76 -35.60 15.39
C ALA A 232 -10.06 -35.58 13.88
N THR A 233 -9.78 -34.46 13.22
CA THR A 233 -10.08 -34.36 11.79
C THR A 233 -9.16 -35.26 10.97
N THR A 234 -9.65 -35.71 9.82
CA THR A 234 -8.87 -36.54 8.91
C THR A 234 -7.96 -35.68 8.04
N LYS A 235 -6.71 -36.10 7.89
CA LYS A 235 -5.72 -35.39 7.07
C LYS A 235 -6.21 -35.18 5.64
N SER A 236 -5.81 -34.06 5.04
CA SER A 236 -6.20 -33.74 3.68
C SER A 236 -5.66 -34.76 2.68
N GLU A 237 -4.51 -35.35 3.00
CA GLU A 237 -3.91 -36.38 2.16
C GLU A 237 -4.82 -37.60 2.01
N ASP A 238 -5.63 -37.87 3.02
CA ASP A 238 -6.51 -39.04 3.03
C ASP A 238 -7.92 -38.72 2.52
N ARG A 239 -8.06 -37.58 1.87
CA ARG A 239 -9.36 -37.14 1.37
C ARG A 239 -9.32 -36.76 -0.11
N ASN A 240 -8.38 -37.35 -0.86
CA ASN A 240 -8.27 -37.03 -2.28
C ASN A 240 -8.89 -38.10 -3.18
N ASP A 241 -9.40 -39.16 -2.58
CA ASP A 241 -10.08 -40.21 -3.33
C ASP A 241 -11.59 -40.04 -3.16
N PRO A 242 -12.27 -39.54 -4.21
CA PRO A 242 -13.72 -39.25 -4.16
C PRO A 242 -14.56 -40.51 -3.94
N MET A 243 -14.10 -41.64 -4.46
CA MET A 243 -14.79 -42.91 -4.29
C MET A 243 -14.83 -43.34 -2.82
N LEU A 244 -13.71 -43.17 -2.12
CA LEU A 244 -13.63 -43.56 -0.71
C LEU A 244 -14.38 -42.59 0.19
N LEU A 245 -14.44 -41.32 -0.20
CA LEU A 245 -15.13 -40.30 0.59
C LEU A 245 -16.65 -40.44 0.58
N TYR A 246 -17.19 -40.95 -0.52
CA TYR A 246 -18.64 -41.06 -0.68
C TYR A 246 -19.23 -42.21 0.14
N ASN A 247 -19.95 -41.86 1.19
CA ASN A 247 -20.68 -42.82 1.99
C ASN A 247 -22.15 -42.43 2.09
N LYS A 248 -22.99 -43.05 1.27
CA LYS A 248 -24.41 -42.74 1.31
C LYS A 248 -25.12 -43.59 2.36
N MET A 249 -25.87 -42.93 3.24
CA MET A 249 -26.66 -43.63 4.25
C MET A 249 -27.87 -42.79 4.63
N THR A 250 -28.83 -43.42 5.30
CA THR A 250 -30.04 -42.74 5.73
C THR A 250 -29.76 -41.96 7.01
N LEU A 251 -30.63 -41.01 7.32
CA LEU A 251 -30.52 -40.24 8.54
C LEU A 251 -30.59 -41.17 9.75
N ALA A 252 -31.44 -42.20 9.64
CA ALA A 252 -31.57 -43.19 10.70
C ALA A 252 -30.25 -43.92 10.94
N GLN A 253 -29.56 -44.27 9.86
CA GLN A 253 -28.28 -44.95 9.97
C GLN A 253 -27.21 -44.02 10.54
N ILE A 254 -27.33 -42.72 10.26
CA ILE A 254 -26.41 -41.75 10.81
C ILE A 254 -26.57 -41.66 12.32
N GLN A 255 -27.82 -41.63 12.79
CA GLN A 255 -28.10 -41.61 14.22
C GLN A 255 -27.55 -42.86 14.89
N ASN A 256 -27.66 -43.98 14.19
CA ASN A 256 -27.17 -45.27 14.67
C ASN A 256 -25.65 -45.29 14.79
N ASN A 257 -24.97 -44.87 13.74
CA ASN A 257 -23.51 -44.93 13.68
C ASN A 257 -22.79 -43.82 14.43
N PHE A 258 -23.39 -42.63 14.44
CA PHE A 258 -22.65 -41.46 14.89
C PHE A 258 -23.33 -40.73 16.03
N SER A 259 -23.66 -41.48 17.08
CA SER A 259 -24.27 -40.89 18.27
C SER A 259 -23.26 -39.99 18.98
N LEU A 260 -23.78 -38.97 19.65
CA LEU A 260 -22.95 -38.03 20.39
C LEU A 260 -23.64 -37.66 21.69
N GLU A 261 -22.87 -37.56 22.76
CA GLU A 261 -23.41 -37.13 24.04
C GLU A 261 -22.87 -35.76 24.39
N ILE A 262 -23.77 -34.81 24.62
CA ILE A 262 -23.38 -33.45 24.95
C ILE A 262 -24.14 -32.99 26.19
N ASN A 263 -23.39 -32.55 27.20
CA ASN A 263 -23.97 -32.14 28.48
C ASN A 263 -24.84 -33.26 29.09
N GLY A 264 -24.44 -34.50 28.87
CA GLY A 264 -25.15 -35.64 29.43
C GLY A 264 -26.36 -36.08 28.63
N LYS A 265 -26.66 -35.35 27.55
CA LYS A 265 -27.82 -35.65 26.72
C LYS A 265 -27.40 -36.17 25.35
N PRO A 266 -28.22 -37.05 24.75
CA PRO A 266 -27.92 -37.58 23.42
C PRO A 266 -28.21 -36.58 22.30
N PHE A 267 -27.28 -36.46 21.36
CA PHE A 267 -27.43 -35.57 20.20
C PHE A 267 -28.44 -36.15 19.21
N SER A 268 -29.43 -35.35 18.83
CA SER A 268 -30.42 -35.81 17.86
C SER A 268 -30.12 -35.29 16.46
N TRP A 269 -29.74 -36.19 15.55
CA TRP A 269 -29.43 -35.80 14.19
C TRP A 269 -30.68 -35.32 13.46
N SER A 270 -31.82 -35.91 13.77
CA SER A 270 -33.08 -35.48 13.18
C SER A 270 -33.40 -34.05 13.55
N ASN A 271 -33.22 -33.73 14.84
CA ASN A 271 -33.42 -32.38 15.34
C ASN A 271 -32.49 -31.39 14.67
N PHE A 272 -31.21 -31.74 14.63
CA PHE A 272 -30.17 -30.90 14.03
C PHE A 272 -30.48 -30.58 12.57
N THR A 273 -30.69 -31.62 11.76
CA THR A 273 -30.92 -31.42 10.34
C THR A 273 -32.21 -30.66 10.05
N ASN A 274 -33.21 -30.83 10.91
CA ASN A 274 -34.49 -30.16 10.70
C ASN A 274 -34.49 -28.73 11.23
N GLU A 275 -33.68 -28.45 12.24
CA GLU A 275 -33.46 -27.08 12.68
C GLU A 275 -32.88 -26.25 11.54
N ILE A 276 -32.03 -26.88 10.72
CA ILE A 276 -31.47 -26.21 9.55
C ILE A 276 -32.50 -26.09 8.42
N MET A 277 -33.09 -27.21 8.02
CA MET A 277 -33.94 -27.20 6.83
C MET A 277 -35.30 -26.52 7.03
N SER A 278 -35.72 -26.32 8.28
CA SER A 278 -37.00 -25.66 8.54
C SER A 278 -36.93 -24.18 8.16
N THR A 279 -35.71 -23.67 8.02
CA THR A 279 -35.50 -22.27 7.63
C THR A 279 -36.02 -22.01 6.22
N VAL A 280 -36.10 -23.06 5.41
CA VAL A 280 -36.68 -22.99 4.08
C VAL A 280 -37.88 -23.93 4.00
N ASN A 281 -38.41 -24.28 5.16
CA ASN A 281 -39.64 -25.07 5.28
C ASN A 281 -39.59 -26.43 4.58
N ILE A 282 -38.48 -27.14 4.75
CA ILE A 282 -38.36 -28.49 4.23
C ILE A 282 -38.16 -29.47 5.38
N ASN A 283 -39.03 -30.48 5.46
CA ASN A 283 -38.93 -31.51 6.48
C ASN A 283 -38.01 -32.65 6.02
N ILE A 284 -37.17 -33.11 6.94
CA ILE A 284 -36.24 -34.20 6.64
C ILE A 284 -36.59 -35.45 7.45
N PRO A 285 -37.17 -36.46 6.79
CA PRO A 285 -37.55 -37.71 7.45
C PRO A 285 -36.35 -38.63 7.72
N ASN A 286 -36.56 -39.68 8.50
CA ASN A 286 -35.48 -40.58 8.87
C ASN A 286 -34.96 -41.42 7.70
N GLU A 287 -35.76 -41.53 6.65
CA GLU A 287 -35.38 -42.33 5.47
C GLU A 287 -34.56 -41.52 4.48
N GLU A 288 -34.36 -40.24 4.78
CA GLU A 288 -33.60 -39.34 3.91
C GLU A 288 -32.19 -39.88 3.63
N ASP A 289 -31.82 -39.97 2.36
CA ASP A 289 -30.46 -40.35 1.99
C ASP A 289 -29.52 -39.17 2.23
N VAL A 290 -28.36 -39.47 2.81
CA VAL A 290 -27.38 -38.45 3.16
C VAL A 290 -25.97 -38.93 2.77
N VAL A 291 -25.13 -38.00 2.29
CA VAL A 291 -23.75 -38.33 1.96
C VAL A 291 -22.81 -37.88 3.09
N VAL A 292 -22.12 -38.84 3.69
CA VAL A 292 -21.21 -38.55 4.80
C VAL A 292 -19.75 -38.66 4.37
N TYR A 293 -19.06 -37.52 4.38
CA TYR A 293 -17.67 -37.46 3.91
C TYR A 293 -16.64 -37.85 4.97
N ALA A 294 -16.98 -37.69 6.24
CA ALA A 294 -16.02 -37.94 7.32
C ALA A 294 -16.57 -38.79 8.46
N PRO A 295 -16.80 -40.09 8.21
CA PRO A 295 -17.29 -40.97 9.28
C PRO A 295 -16.27 -41.14 10.42
N GLU A 296 -14.99 -41.22 10.10
CA GLU A 296 -13.95 -41.36 11.12
C GLU A 296 -13.91 -40.18 12.08
N TYR A 297 -14.10 -38.98 11.54
CA TYR A 297 -14.11 -37.77 12.35
C TYR A 297 -15.27 -37.77 13.35
N LEU A 298 -16.45 -38.16 12.90
CA LEU A 298 -17.64 -38.14 13.76
C LEU A 298 -17.51 -39.12 14.93
N ILE A 299 -16.91 -40.27 14.67
CA ILE A 299 -16.65 -41.24 15.73
C ILE A 299 -15.66 -40.69 16.77
N LYS A 300 -14.57 -40.11 16.29
CA LYS A 300 -13.56 -39.52 17.19
C LYS A 300 -14.13 -38.37 18.02
N LEU A 301 -15.22 -37.79 17.54
CA LEU A 301 -15.88 -36.69 18.25
C LEU A 301 -16.56 -37.17 19.54
N LYS A 302 -16.93 -38.44 19.58
CA LYS A 302 -17.69 -39.01 20.70
C LYS A 302 -17.04 -38.77 22.08
N PRO A 303 -15.76 -39.17 22.24
CA PRO A 303 -15.23 -38.96 23.59
C PRO A 303 -14.75 -37.54 23.87
N ILE A 304 -14.80 -36.66 22.86
CA ILE A 304 -14.30 -35.30 23.05
C ILE A 304 -15.36 -34.36 23.62
N LEU A 305 -16.55 -34.36 23.01
CA LEU A 305 -17.59 -33.39 23.36
C LEU A 305 -18.23 -33.61 24.74
N THR A 306 -18.10 -34.81 25.29
CA THR A 306 -18.66 -35.10 26.60
C THR A 306 -17.91 -34.36 27.72
N LYS A 307 -16.65 -34.05 27.47
CA LYS A 307 -15.78 -33.48 28.49
C LYS A 307 -15.94 -31.97 28.66
N TYR A 308 -16.76 -31.35 27.83
CA TYR A 308 -16.88 -29.89 27.86
C TYR A 308 -18.29 -29.42 28.18
N SER A 309 -18.38 -28.29 28.87
CA SER A 309 -19.66 -27.71 29.25
C SER A 309 -20.29 -26.96 28.07
N PRO A 310 -21.59 -26.65 28.18
CA PRO A 310 -22.22 -25.78 27.17
C PRO A 310 -21.52 -24.43 27.04
N ARG A 311 -21.04 -23.87 28.15
CA ARG A 311 -20.29 -22.62 28.09
C ARG A 311 -19.02 -22.78 27.26
N ASP A 312 -18.31 -23.89 27.48
CA ASP A 312 -17.09 -24.17 26.73
C ASP A 312 -17.38 -24.27 25.23
N LEU A 313 -18.38 -25.07 24.89
CA LEU A 313 -18.74 -25.30 23.49
C LEU A 313 -19.20 -24.03 22.79
N GLN A 314 -20.04 -23.24 23.48
CA GLN A 314 -20.55 -22.01 22.90
C GLN A 314 -19.48 -20.93 22.83
N ASN A 315 -18.54 -20.94 23.77
CA ASN A 315 -17.42 -20.02 23.72
C ASN A 315 -16.60 -20.23 22.44
N LEU A 316 -16.45 -21.49 22.03
CA LEU A 316 -15.77 -21.80 20.78
C LEU A 316 -16.61 -21.45 19.55
N MET A 317 -17.86 -21.90 19.54
CA MET A 317 -18.73 -21.69 18.37
C MET A 317 -18.97 -20.20 18.10
N SER A 318 -19.23 -19.42 19.14
CA SER A 318 -19.47 -17.99 18.96
C SER A 318 -18.19 -17.24 18.61
N TRP A 319 -17.04 -17.74 19.08
CA TRP A 319 -15.77 -17.12 18.70
C TRP A 319 -15.50 -17.31 17.21
N ARG A 320 -15.77 -18.51 16.70
CA ARG A 320 -15.63 -18.78 15.27
C ARG A 320 -16.52 -17.87 14.44
N PHE A 321 -17.66 -17.50 15.01
CA PHE A 321 -18.60 -16.56 14.41
C PHE A 321 -18.04 -15.14 14.47
N ILE A 322 -17.60 -14.74 15.65
CA ILE A 322 -17.17 -13.37 15.91
C ILE A 322 -15.86 -12.99 15.17
N MET A 323 -14.93 -13.93 15.05
CA MET A 323 -13.61 -13.61 14.49
C MET A 323 -13.68 -13.15 13.03
N ASP A 324 -14.71 -13.56 12.31
CA ASP A 324 -14.86 -13.19 10.90
C ASP A 324 -15.70 -11.93 10.70
N LEU A 325 -16.15 -11.32 11.80
CA LEU A 325 -17.02 -10.15 11.71
C LEU A 325 -16.36 -8.89 12.26
N VAL A 326 -15.32 -9.09 13.06
CA VAL A 326 -14.68 -7.99 13.77
C VAL A 326 -14.08 -6.94 12.82
N SER A 327 -13.70 -7.35 11.62
CA SER A 327 -13.10 -6.43 10.66
C SER A 327 -14.17 -5.62 9.92
N SER A 328 -15.44 -5.91 10.20
CA SER A 328 -16.54 -5.15 9.61
C SER A 328 -17.13 -4.16 10.62
N LEU A 329 -16.43 -3.99 11.74
CA LEU A 329 -16.86 -3.07 12.79
C LEU A 329 -15.94 -1.86 12.84
N SER A 330 -15.93 -1.14 13.97
CA SER A 330 -15.15 0.09 14.07
C SER A 330 -13.65 -0.21 14.15
N ARG A 331 -12.85 0.85 14.03
CA ARG A 331 -11.38 0.76 14.00
C ARG A 331 -10.80 -0.07 15.13
N THR A 332 -11.29 0.13 16.34
CA THR A 332 -10.80 -0.59 17.51
C THR A 332 -10.96 -2.09 17.33
N TYR A 333 -12.10 -2.50 16.76
CA TYR A 333 -12.36 -3.91 16.51
C TYR A 333 -11.50 -4.43 15.36
N LYS A 334 -11.32 -3.61 14.31
CA LYS A 334 -10.41 -3.95 13.22
C LYS A 334 -9.01 -4.25 13.75
N ASP A 335 -8.51 -3.36 14.60
CA ASP A 335 -7.13 -3.45 15.08
C ASP A 335 -6.88 -4.65 16.00
N SER A 336 -7.93 -5.21 16.59
CA SER A 336 -7.76 -6.35 17.48
C SER A 336 -7.23 -7.58 16.74
N ARG A 337 -7.36 -7.57 15.42
CA ARG A 337 -6.96 -8.69 14.59
C ARG A 337 -5.52 -8.57 14.08
N ASN A 338 -4.88 -7.42 14.34
CA ASN A 338 -3.57 -7.10 13.76
C ASN A 338 -2.52 -8.21 13.93
N ALA A 339 -2.26 -8.63 15.15
CA ALA A 339 -1.24 -9.65 15.41
C ALA A 339 -1.60 -11.00 14.79
N PHE A 340 -2.90 -11.31 14.78
CA PHE A 340 -3.38 -12.56 14.22
C PHE A 340 -3.23 -12.60 12.70
N ARG A 341 -3.57 -11.50 12.05
CA ARG A 341 -3.45 -11.37 10.60
C ARG A 341 -1.99 -11.51 10.17
N LYS A 342 -1.10 -10.87 10.92
CA LYS A 342 0.32 -10.91 10.63
C LYS A 342 0.88 -12.33 10.76
N ALA A 343 0.42 -13.05 11.77
CA ALA A 343 0.91 -14.41 12.01
C ALA A 343 0.53 -15.35 10.85
N LEU A 344 -0.64 -15.14 10.26
CA LEU A 344 -1.13 -16.02 9.21
C LEU A 344 -0.78 -15.54 7.80
N TYR A 345 -0.56 -14.24 7.63
CA TYR A 345 -0.41 -13.66 6.29
C TYR A 345 0.83 -12.81 6.13
N GLY A 346 1.41 -12.37 7.25
CA GLY A 346 2.61 -11.55 7.22
C GLY A 346 2.32 -10.09 6.93
N THR A 347 1.05 -9.77 6.70
CA THR A 347 0.66 -8.40 6.35
C THR A 347 0.60 -7.49 7.57
N THR A 348 1.04 -6.25 7.40
CA THR A 348 1.13 -5.29 8.50
C THR A 348 -0.16 -4.51 8.67
N SER A 349 -0.99 -4.48 7.64
CA SER A 349 -2.28 -3.80 7.70
C SER A 349 -3.29 -4.44 6.76
N GLU A 350 -4.57 -4.24 7.04
CA GLU A 350 -5.63 -4.69 6.16
C GLU A 350 -5.60 -3.87 4.88
N SER A 351 -6.00 -4.46 3.76
CA SER A 351 -5.98 -3.76 2.48
C SER A 351 -6.98 -2.60 2.47
N ALA A 352 -6.84 -1.72 1.48
CA ALA A 352 -7.67 -0.52 1.37
C ALA A 352 -9.16 -0.85 1.40
N THR A 353 -9.91 -0.04 2.13
CA THR A 353 -11.35 -0.23 2.30
C THR A 353 -12.08 -0.36 0.96
N TRP A 354 -11.81 0.56 0.03
CA TRP A 354 -12.49 0.51 -1.26
C TRP A 354 -12.16 -0.77 -2.04
N ARG A 355 -10.96 -1.31 -1.84
CA ARG A 355 -10.58 -2.57 -2.49
C ARG A 355 -11.35 -3.76 -1.92
N ARG A 356 -11.45 -3.81 -0.59
CA ARG A 356 -12.22 -4.86 0.07
C ARG A 356 -13.69 -4.78 -0.30
N CYS A 357 -14.22 -3.57 -0.36
CA CYS A 357 -15.62 -3.35 -0.66
C CYS A 357 -15.94 -3.72 -2.11
N ALA A 358 -15.04 -3.38 -3.02
CA ALA A 358 -15.23 -3.74 -4.43
C ALA A 358 -15.29 -5.25 -4.58
N ASN A 359 -14.35 -5.93 -3.91
CA ASN A 359 -14.32 -7.39 -3.90
C ASN A 359 -15.57 -7.98 -3.23
N TYR A 360 -15.98 -7.39 -2.12
CA TYR A 360 -17.16 -7.88 -1.41
C TYR A 360 -18.43 -7.81 -2.27
N VAL A 361 -18.65 -6.67 -2.92
CA VAL A 361 -19.82 -6.50 -3.76
C VAL A 361 -19.78 -7.47 -4.95
N ASN A 362 -18.58 -7.64 -5.51
CA ASN A 362 -18.37 -8.60 -6.59
C ASN A 362 -18.73 -10.02 -6.14
N GLY A 363 -18.32 -10.37 -4.93
CA GLY A 363 -18.60 -11.69 -4.37
C GLY A 363 -20.07 -11.96 -4.09
N ASN A 364 -20.83 -10.92 -3.78
CA ASN A 364 -22.23 -11.10 -3.39
C ASN A 364 -23.24 -10.76 -4.50
N MET A 365 -22.78 -10.03 -5.51
CA MET A 365 -23.64 -9.71 -6.66
C MET A 365 -22.86 -9.90 -7.95
N GLU A 366 -22.40 -11.13 -8.18
CA GLU A 366 -21.46 -11.44 -9.25
C GLU A 366 -22.00 -11.16 -10.65
N ASN A 367 -23.32 -11.28 -10.82
CA ASN A 367 -23.94 -11.01 -12.11
C ASN A 367 -24.08 -9.51 -12.37
N ALA A 368 -24.54 -8.77 -11.37
CA ALA A 368 -24.65 -7.33 -11.49
C ALA A 368 -23.28 -6.69 -11.71
N VAL A 369 -22.28 -7.14 -10.95
CA VAL A 369 -20.93 -6.60 -11.07
C VAL A 369 -20.24 -7.10 -12.34
N GLY A 370 -20.48 -8.37 -12.69
CA GLY A 370 -19.95 -8.92 -13.92
C GLY A 370 -20.43 -8.12 -15.13
N ARG A 371 -21.68 -7.66 -15.06
CA ARG A 371 -22.27 -6.84 -16.11
C ARG A 371 -21.53 -5.51 -16.27
N LEU A 372 -21.36 -4.79 -15.16
CA LEU A 372 -20.66 -3.51 -15.17
C LEU A 372 -19.21 -3.67 -15.64
N TYR A 373 -18.57 -4.75 -15.19
CA TYR A 373 -17.19 -4.99 -15.55
C TYR A 373 -16.99 -5.23 -17.05
N VAL A 374 -17.78 -6.15 -17.62
CA VAL A 374 -17.57 -6.52 -19.02
C VAL A 374 -17.92 -5.39 -19.98
N GLU A 375 -18.91 -4.57 -19.61
CA GLU A 375 -19.29 -3.43 -20.44
C GLU A 375 -18.17 -2.38 -20.45
N ALA A 376 -17.40 -2.33 -19.37
CA ALA A 376 -16.34 -1.34 -19.25
C ALA A 376 -14.99 -1.82 -19.75
N ALA A 377 -14.74 -3.13 -19.73
CA ALA A 377 -13.37 -3.62 -19.92
C ALA A 377 -13.19 -4.84 -20.81
N PHE A 378 -14.28 -5.48 -21.24
CA PHE A 378 -14.13 -6.73 -21.97
C PHE A 378 -14.55 -6.63 -23.43
N ALA A 379 -13.62 -6.98 -24.32
CA ALA A 379 -13.88 -7.03 -25.75
C ALA A 379 -14.54 -8.35 -26.12
N GLY A 380 -15.82 -8.30 -26.48
CA GLY A 380 -16.58 -9.48 -26.82
C GLY A 380 -16.04 -10.26 -28.02
N GLU A 381 -15.26 -9.59 -28.86
CA GLU A 381 -14.66 -10.23 -30.02
C GLU A 381 -13.71 -11.35 -29.62
N SER A 382 -13.26 -11.31 -28.38
CA SER A 382 -12.33 -12.31 -27.85
C SER A 382 -12.93 -13.71 -27.80
N LYS A 383 -14.24 -13.79 -27.61
CA LYS A 383 -14.92 -15.06 -27.34
C LYS A 383 -14.70 -16.11 -28.44
N HIS A 384 -14.84 -15.69 -29.69
CA HIS A 384 -14.75 -16.62 -30.81
C HIS A 384 -13.33 -17.16 -30.99
N VAL A 385 -12.34 -16.31 -30.74
CA VAL A 385 -10.94 -16.75 -30.83
C VAL A 385 -10.64 -17.80 -29.76
N VAL A 386 -11.11 -17.53 -28.55
CA VAL A 386 -10.94 -18.47 -27.44
C VAL A 386 -11.66 -19.79 -27.74
N GLU A 387 -12.84 -19.69 -28.34
CA GLU A 387 -13.59 -20.86 -28.80
C GLU A 387 -12.73 -21.76 -29.69
N ASP A 388 -12.03 -21.14 -30.63
CA ASP A 388 -11.22 -21.89 -31.58
C ASP A 388 -10.03 -22.55 -30.89
N LEU A 389 -9.40 -21.84 -29.96
CA LEU A 389 -8.28 -22.39 -29.20
C LEU A 389 -8.71 -23.63 -28.41
N ILE A 390 -9.89 -23.55 -27.81
CA ILE A 390 -10.45 -24.66 -27.03
C ILE A 390 -10.65 -25.89 -27.91
N ALA A 391 -11.18 -25.69 -29.11
CA ALA A 391 -11.38 -26.75 -30.07
C ALA A 391 -10.06 -27.43 -30.44
N GLN A 392 -9.04 -26.63 -30.67
CA GLN A 392 -7.71 -27.13 -31.02
C GLN A 392 -7.11 -27.99 -29.91
N ILE A 393 -7.18 -27.49 -28.68
CA ILE A 393 -6.55 -28.17 -27.56
C ILE A 393 -7.34 -29.41 -27.14
N ARG A 394 -8.66 -29.35 -27.26
CA ARG A 394 -9.51 -30.52 -27.05
C ARG A 394 -9.10 -31.64 -28.01
N GLU A 395 -8.92 -31.28 -29.27
CA GLU A 395 -8.54 -32.25 -30.31
C GLU A 395 -7.13 -32.79 -30.07
N VAL A 396 -6.23 -31.92 -29.58
CA VAL A 396 -4.88 -32.35 -29.26
C VAL A 396 -4.89 -33.40 -28.16
N PHE A 397 -5.72 -33.18 -27.14
CA PHE A 397 -5.86 -34.14 -26.05
C PHE A 397 -6.25 -35.51 -26.61
N ILE A 398 -7.26 -35.51 -27.48
CA ILE A 398 -7.77 -36.75 -28.05
C ILE A 398 -6.72 -37.46 -28.91
N GLN A 399 -6.00 -36.71 -29.74
CA GLN A 399 -4.95 -37.30 -30.56
C GLN A 399 -3.83 -37.87 -29.71
N THR A 400 -3.52 -37.19 -28.60
CA THR A 400 -2.45 -37.61 -27.70
C THR A 400 -2.73 -38.98 -27.08
N LEU A 401 -4.01 -39.35 -27.00
CA LEU A 401 -4.39 -40.64 -26.44
C LEU A 401 -3.70 -41.81 -27.13
N ASP A 402 -3.42 -41.65 -28.43
CA ASP A 402 -2.73 -42.70 -29.19
C ASP A 402 -1.30 -42.90 -28.73
N ASP A 403 -0.66 -41.83 -28.26
CA ASP A 403 0.75 -41.88 -27.86
C ASP A 403 0.94 -42.55 -26.49
N LEU A 404 -0.11 -42.51 -25.67
CA LEU A 404 -0.02 -43.00 -24.30
C LEU A 404 -0.10 -44.52 -24.24
N THR A 405 1.01 -45.16 -23.87
CA THR A 405 1.08 -46.62 -23.91
C THR A 405 0.63 -47.28 -22.60
N TRP A 406 0.37 -46.47 -21.58
CA TRP A 406 -0.02 -47.02 -20.28
C TRP A 406 -1.54 -47.21 -20.17
N MET A 407 -2.26 -46.87 -21.23
CA MET A 407 -3.71 -47.10 -21.28
C MET A 407 -4.07 -48.17 -22.31
N ASP A 408 -5.00 -49.05 -21.95
CA ASP A 408 -5.50 -50.03 -22.90
C ASP A 408 -6.49 -49.37 -23.85
N ALA A 409 -6.93 -50.10 -24.87
CA ALA A 409 -7.71 -49.53 -25.96
C ALA A 409 -9.08 -49.01 -25.52
N GLU A 410 -9.77 -49.73 -24.65
CA GLU A 410 -11.14 -49.36 -24.31
C GLU A 410 -11.20 -48.18 -23.33
N THR A 411 -10.14 -48.01 -22.54
CA THR A 411 -10.08 -46.87 -21.63
C THR A 411 -9.80 -45.59 -22.44
N LYS A 412 -9.05 -45.74 -23.53
CA LYS A 412 -8.79 -44.62 -24.43
C LYS A 412 -10.08 -44.14 -25.08
N LYS A 413 -10.92 -45.07 -25.51
CA LYS A 413 -12.19 -44.71 -26.12
C LYS A 413 -13.12 -43.99 -25.13
N LYS A 414 -13.12 -44.46 -23.89
CA LYS A 414 -13.94 -43.83 -22.86
C LYS A 414 -13.40 -42.44 -22.53
N ALA A 415 -12.08 -42.30 -22.54
CA ALA A 415 -11.44 -41.01 -22.28
C ALA A 415 -11.77 -40.01 -23.39
N GLU A 416 -11.67 -40.46 -24.65
CA GLU A 416 -12.05 -39.64 -25.79
C GLU A 416 -13.51 -39.20 -25.68
N GLU A 417 -14.36 -40.15 -25.32
CA GLU A 417 -15.78 -39.89 -25.13
C GLU A 417 -16.03 -38.79 -24.10
N LYS A 418 -15.33 -38.83 -22.96
CA LYS A 418 -15.49 -37.80 -21.96
C LYS A 418 -14.97 -36.45 -22.47
N ALA A 419 -13.84 -36.48 -23.18
CA ALA A 419 -13.24 -35.27 -23.73
C ALA A 419 -14.19 -34.57 -24.70
N LEU A 420 -14.90 -35.36 -25.51
CA LEU A 420 -15.85 -34.82 -26.47
C LEU A 420 -17.06 -34.19 -25.80
N ALA A 421 -17.39 -34.67 -24.61
CA ALA A 421 -18.58 -34.21 -23.89
C ALA A 421 -18.33 -32.95 -23.06
N ILE A 422 -17.07 -32.52 -22.97
CA ILE A 422 -16.73 -31.33 -22.19
C ILE A 422 -17.39 -30.09 -22.77
N LYS A 423 -18.12 -29.35 -21.92
CA LYS A 423 -18.79 -28.12 -22.32
C LYS A 423 -18.00 -26.89 -21.91
N GLU A 424 -18.00 -25.86 -22.74
CA GLU A 424 -17.21 -24.66 -22.47
C GLU A 424 -18.08 -23.47 -22.06
N ARG A 425 -17.50 -22.62 -21.20
CA ARG A 425 -18.12 -21.36 -20.82
C ARG A 425 -17.08 -20.25 -20.97
N ILE A 426 -17.41 -19.23 -21.77
CA ILE A 426 -16.42 -18.20 -22.10
C ILE A 426 -16.93 -16.78 -21.85
N GLY A 427 -16.16 -16.00 -21.10
CA GLY A 427 -16.42 -14.59 -20.93
C GLY A 427 -17.43 -14.27 -19.84
N TYR A 428 -18.71 -14.35 -20.18
CA TYR A 428 -19.78 -14.04 -19.24
C TYR A 428 -21.08 -14.64 -19.75
N PRO A 429 -22.04 -14.89 -18.85
CA PRO A 429 -23.37 -15.31 -19.32
C PRO A 429 -24.09 -14.15 -19.96
N ASP A 430 -24.56 -14.33 -21.19
CA ASP A 430 -25.13 -13.24 -21.98
C ASP A 430 -26.27 -12.51 -21.27
N ASP A 431 -27.04 -13.25 -20.47
CA ASP A 431 -28.23 -12.73 -19.82
C ASP A 431 -27.98 -11.53 -18.91
N ILE A 432 -26.82 -11.49 -18.25
CA ILE A 432 -26.54 -10.41 -17.31
C ILE A 432 -26.42 -9.06 -18.01
N VAL A 433 -26.23 -9.08 -19.33
CA VAL A 433 -26.15 -7.84 -20.10
C VAL A 433 -27.38 -7.65 -21.00
N SER A 434 -27.91 -8.75 -21.54
CA SER A 434 -28.96 -8.65 -22.55
C SER A 434 -30.38 -8.76 -21.98
N ASN A 435 -30.50 -9.09 -20.70
CA ASN A 435 -31.82 -9.26 -20.09
C ASN A 435 -31.95 -8.61 -18.71
N ASP A 436 -32.30 -7.33 -18.71
CA ASP A 436 -32.41 -6.54 -17.48
C ASP A 436 -33.44 -7.09 -16.49
N ASN A 437 -34.55 -7.62 -17.02
CA ASN A 437 -35.62 -8.14 -16.18
C ASN A 437 -35.17 -9.32 -15.32
N LYS A 438 -34.44 -10.24 -15.94
CA LYS A 438 -33.94 -11.42 -15.24
C LYS A 438 -32.93 -11.02 -14.16
N LEU A 439 -32.09 -10.04 -14.48
CA LEU A 439 -31.07 -9.59 -13.56
C LEU A 439 -31.70 -8.90 -12.34
N ASN A 440 -32.66 -8.01 -12.60
CA ASN A 440 -33.37 -7.33 -11.51
C ASN A 440 -34.09 -8.33 -10.62
N ASN A 441 -34.70 -9.34 -11.24
CA ASN A 441 -35.48 -10.34 -10.52
C ASN A 441 -34.62 -11.19 -9.58
N GLU A 442 -33.38 -11.43 -9.99
CA GLU A 442 -32.44 -12.19 -9.17
C GLU A 442 -32.26 -11.57 -7.79
N TYR A 443 -32.18 -10.25 -7.73
CA TYR A 443 -31.92 -9.54 -6.47
C TYR A 443 -33.17 -8.92 -5.87
N LEU A 444 -34.34 -9.37 -6.30
CA LEU A 444 -35.62 -8.79 -5.87
C LEU A 444 -35.76 -8.71 -4.35
N GLU A 445 -35.37 -9.78 -3.65
CA GLU A 445 -35.57 -9.87 -2.21
C GLU A 445 -34.55 -9.07 -1.40
N LEU A 446 -33.50 -8.62 -2.05
CA LEU A 446 -32.47 -7.83 -1.38
C LEU A 446 -32.87 -6.36 -1.28
N ASN A 447 -32.73 -5.79 -0.09
CA ASN A 447 -32.96 -4.37 0.11
C ASN A 447 -31.93 -3.79 1.08
N TYR A 448 -30.98 -3.04 0.54
CA TYR A 448 -29.87 -2.52 1.34
C TYR A 448 -30.14 -1.12 1.87
N LYS A 449 -29.50 -0.78 2.98
CA LYS A 449 -29.55 0.58 3.52
C LYS A 449 -28.20 1.26 3.34
N GLU A 450 -28.24 2.54 3.00
CA GLU A 450 -27.03 3.31 2.69
C GLU A 450 -26.05 3.40 3.85
N ASP A 451 -26.58 3.47 5.07
CA ASP A 451 -25.76 3.73 6.24
C ASP A 451 -25.69 2.55 7.22
N GLU A 452 -26.06 1.36 6.77
CA GLU A 452 -25.97 0.18 7.62
C GLU A 452 -25.26 -0.96 6.93
N TYR A 453 -23.93 -0.88 6.86
CA TYR A 453 -23.12 -1.88 6.21
C TYR A 453 -23.26 -3.25 6.87
N PHE A 454 -23.17 -3.28 8.19
CA PHE A 454 -23.22 -4.54 8.93
C PHE A 454 -24.57 -5.23 8.73
N GLU A 455 -25.64 -4.45 8.71
CA GLU A 455 -26.97 -5.02 8.46
C GLU A 455 -27.04 -5.61 7.07
N ASN A 456 -26.42 -4.95 6.11
CA ASN A 456 -26.39 -5.42 4.72
C ASN A 456 -25.65 -6.76 4.59
N ILE A 457 -24.55 -6.93 5.31
CA ILE A 457 -23.77 -8.16 5.19
C ILE A 457 -24.49 -9.31 5.89
N ILE A 458 -25.23 -9.01 6.96
CA ILE A 458 -26.04 -10.02 7.63
C ILE A 458 -27.16 -10.48 6.70
N GLN A 459 -27.78 -9.53 6.02
CA GLN A 459 -28.81 -9.84 5.03
C GLN A 459 -28.25 -10.75 3.95
N ASN A 460 -27.03 -10.46 3.49
CA ASN A 460 -26.42 -11.26 2.44
C ASN A 460 -26.11 -12.70 2.87
N LEU A 461 -25.64 -12.87 4.10
CA LEU A 461 -25.35 -14.19 4.64
C LEU A 461 -26.62 -15.06 4.68
N LYS A 462 -27.70 -14.50 5.21
CA LYS A 462 -28.98 -15.22 5.27
C LYS A 462 -29.50 -15.59 3.89
N PHE A 463 -29.46 -14.61 2.97
CA PHE A 463 -29.92 -14.80 1.60
C PHE A 463 -29.14 -15.92 0.91
N SER A 464 -27.82 -15.90 1.07
CA SER A 464 -26.94 -16.89 0.45
C SER A 464 -27.22 -18.31 0.94
N GLN A 465 -27.43 -18.47 2.25
CA GLN A 465 -27.70 -19.78 2.82
C GLN A 465 -29.09 -20.26 2.42
N SER A 466 -30.08 -19.36 2.48
CA SER A 466 -31.44 -19.69 2.11
C SER A 466 -31.52 -20.18 0.67
N LYS A 467 -30.81 -19.49 -0.22
CA LYS A 467 -30.82 -19.83 -1.64
C LYS A 467 -30.27 -21.23 -1.91
N GLN A 468 -29.23 -21.61 -1.17
CA GLN A 468 -28.60 -22.92 -1.36
C GLN A 468 -29.43 -24.04 -0.75
N LEU A 469 -29.97 -23.79 0.45
CA LEU A 469 -30.79 -24.79 1.14
C LEU A 469 -32.07 -25.11 0.36
N LYS A 470 -32.61 -24.11 -0.34
CA LYS A 470 -33.85 -24.28 -1.11
C LYS A 470 -33.70 -25.23 -2.29
N LYS A 471 -32.46 -25.54 -2.66
CA LYS A 471 -32.21 -26.38 -3.83
C LYS A 471 -32.37 -27.88 -3.58
N LEU A 472 -32.59 -28.27 -2.33
CA LEU A 472 -32.55 -29.69 -1.95
C LEU A 472 -33.50 -30.57 -2.77
N ARG A 473 -34.69 -30.08 -3.07
CA ARG A 473 -35.66 -30.88 -3.83
C ARG A 473 -35.67 -30.48 -5.32
N GLU A 474 -34.84 -29.52 -5.69
CA GLU A 474 -34.78 -29.05 -7.07
C GLU A 474 -33.68 -29.76 -7.85
N LYS A 475 -33.85 -29.84 -9.17
CA LYS A 475 -32.80 -30.37 -10.03
C LYS A 475 -31.70 -29.32 -10.22
N VAL A 476 -30.50 -29.79 -10.55
CA VAL A 476 -29.39 -28.88 -10.82
C VAL A 476 -29.66 -28.08 -12.09
N ASP A 477 -29.47 -26.76 -12.01
CA ASP A 477 -29.65 -25.89 -13.17
C ASP A 477 -28.41 -25.93 -14.05
N LYS A 478 -28.56 -26.49 -15.25
CA LYS A 478 -27.46 -26.73 -16.17
C LYS A 478 -26.80 -25.45 -16.66
N ASP A 479 -27.59 -24.40 -16.83
CA ASP A 479 -27.11 -23.17 -17.45
C ASP A 479 -26.39 -22.26 -16.46
N GLU A 480 -26.56 -22.53 -15.17
CA GLU A 480 -26.01 -21.64 -14.14
C GLU A 480 -24.49 -21.63 -14.16
N TRP A 481 -23.92 -20.43 -14.19
CA TRP A 481 -22.46 -20.27 -14.18
C TRP A 481 -21.89 -20.52 -12.79
N ILE A 482 -20.67 -21.05 -12.75
CA ILE A 482 -20.02 -21.39 -11.48
C ILE A 482 -19.04 -20.31 -11.03
N THR A 483 -18.98 -19.20 -11.76
CA THR A 483 -18.15 -18.06 -11.40
C THR A 483 -18.72 -16.76 -11.96
N GLY A 484 -18.38 -15.65 -11.32
CA GLY A 484 -18.67 -14.34 -11.88
C GLY A 484 -17.70 -14.05 -13.00
N ALA A 485 -18.03 -13.08 -13.85
CA ALA A 485 -17.19 -12.73 -14.98
C ALA A 485 -15.99 -11.89 -14.57
N ALA A 486 -16.17 -11.06 -13.56
CA ALA A 486 -15.09 -10.18 -13.08
C ALA A 486 -14.15 -10.94 -12.17
N ILE A 487 -13.55 -12.00 -12.71
CA ILE A 487 -12.71 -12.91 -11.97
C ILE A 487 -11.46 -13.25 -12.79
N VAL A 488 -10.28 -13.14 -12.17
CA VAL A 488 -9.05 -13.53 -12.83
C VAL A 488 -8.67 -14.95 -12.44
N ASN A 489 -9.26 -15.91 -13.13
CA ASN A 489 -9.09 -17.33 -12.84
C ASN A 489 -9.76 -18.17 -13.93
N ALA A 490 -9.62 -19.49 -13.85
CA ALA A 490 -10.33 -20.40 -14.76
C ALA A 490 -10.66 -21.67 -13.99
N PHE A 491 -11.67 -22.40 -14.44
CA PHE A 491 -12.19 -23.52 -13.64
C PHE A 491 -12.57 -24.75 -14.46
N TYR A 492 -12.49 -25.90 -13.79
CA TYR A 492 -13.11 -27.12 -14.30
C TYR A 492 -14.08 -27.66 -13.26
N SER A 493 -15.27 -28.04 -13.71
CA SER A 493 -16.27 -28.63 -12.82
C SER A 493 -16.44 -30.11 -13.12
N SER A 494 -16.13 -30.95 -12.13
CA SER A 494 -16.32 -32.39 -12.27
C SER A 494 -17.78 -32.75 -12.47
N GLY A 495 -18.65 -32.09 -11.70
CA GLY A 495 -20.07 -32.41 -11.71
C GLY A 495 -20.80 -32.04 -12.98
N ARG A 496 -20.29 -31.01 -13.67
CA ARG A 496 -20.92 -30.56 -14.91
C ARG A 496 -20.08 -30.94 -16.12
N ASN A 497 -18.90 -31.49 -15.87
CA ASN A 497 -17.90 -31.74 -16.91
C ASN A 497 -17.77 -30.54 -17.84
N GLN A 498 -17.47 -29.37 -17.27
CA GLN A 498 -17.32 -28.17 -18.09
C GLN A 498 -16.09 -27.35 -17.71
N ILE A 499 -15.59 -26.60 -18.68
CA ILE A 499 -14.44 -25.71 -18.49
C ILE A 499 -14.90 -24.27 -18.64
N VAL A 500 -14.42 -23.39 -17.76
CA VAL A 500 -14.93 -22.02 -17.68
C VAL A 500 -13.81 -20.98 -17.71
N PHE A 501 -13.96 -20.00 -18.58
CA PHE A 501 -12.95 -18.95 -18.72
C PHE A 501 -13.60 -17.56 -18.66
N PRO A 502 -13.77 -17.02 -17.43
CA PRO A 502 -14.40 -15.71 -17.27
C PRO A 502 -13.60 -14.61 -17.94
N ALA A 503 -14.27 -13.50 -18.27
CA ALA A 503 -13.65 -12.38 -18.98
C ALA A 503 -12.36 -11.87 -18.31
N GLY A 504 -12.31 -11.95 -16.99
CA GLY A 504 -11.19 -11.41 -16.23
C GLY A 504 -9.83 -12.02 -16.54
N ILE A 505 -9.80 -13.25 -17.03
CA ILE A 505 -8.54 -13.91 -17.33
C ILE A 505 -8.19 -13.78 -18.82
N LEU A 506 -9.14 -13.27 -19.61
CA LEU A 506 -8.90 -13.10 -21.04
C LEU A 506 -8.23 -11.75 -21.32
N GLN A 507 -7.00 -11.60 -20.82
CA GLN A 507 -6.23 -10.37 -20.97
C GLN A 507 -4.74 -10.73 -20.87
N PRO A 508 -3.85 -9.82 -21.30
CA PRO A 508 -2.41 -10.06 -21.13
C PRO A 508 -2.05 -10.30 -19.67
N PRO A 509 -1.12 -11.23 -19.40
CA PRO A 509 -0.32 -11.95 -20.40
C PRO A 509 -0.95 -13.23 -20.95
N PHE A 510 -2.15 -13.58 -20.47
CA PHE A 510 -2.80 -14.81 -20.92
C PHE A 510 -3.17 -14.74 -22.39
N PHE A 511 -3.90 -13.70 -22.76
CA PHE A 511 -4.42 -13.59 -24.11
C PHE A 511 -4.65 -12.15 -24.55
N SER A 512 -4.31 -11.87 -25.81
CA SER A 512 -4.68 -10.61 -26.45
C SER A 512 -4.59 -10.73 -27.97
N ALA A 513 -5.49 -10.07 -28.68
CA ALA A 513 -5.43 -10.00 -30.13
C ALA A 513 -4.18 -9.25 -30.56
N GLN A 514 -3.67 -8.39 -29.67
CA GLN A 514 -2.48 -7.59 -29.94
C GLN A 514 -1.24 -8.28 -29.36
N GLN A 515 -1.35 -9.59 -29.16
CA GLN A 515 -0.29 -10.39 -28.56
C GLN A 515 0.11 -11.51 -29.52
N SER A 516 1.39 -11.85 -29.57
CA SER A 516 1.89 -12.93 -30.42
C SER A 516 1.17 -14.24 -30.12
N ASN A 517 1.07 -15.11 -31.13
CA ASN A 517 0.43 -16.40 -30.95
C ASN A 517 1.21 -17.27 -29.97
N SER A 518 2.54 -17.19 -30.03
CA SER A 518 3.38 -17.92 -29.10
C SER A 518 3.01 -17.58 -27.66
N LEU A 519 2.78 -16.30 -27.40
CA LEU A 519 2.41 -15.85 -26.06
C LEU A 519 0.99 -16.32 -25.70
N ASN A 520 0.06 -16.21 -26.64
CA ASN A 520 -1.31 -16.65 -26.42
C ASN A 520 -1.42 -18.14 -26.10
N TYR A 521 -0.70 -18.96 -26.86
CA TYR A 521 -0.72 -20.41 -26.63
C TYR A 521 0.00 -20.76 -25.33
N GLY A 522 1.10 -20.05 -25.05
CA GLY A 522 1.84 -20.25 -23.82
C GLY A 522 1.07 -19.78 -22.60
N GLY A 523 0.12 -18.87 -22.82
CA GLY A 523 -0.66 -18.31 -21.74
C GLY A 523 -2.01 -18.96 -21.56
N ILE A 524 -3.03 -18.43 -22.23
CA ILE A 524 -4.38 -18.97 -22.11
C ILE A 524 -4.47 -20.38 -22.71
N GLY A 525 -3.60 -20.67 -23.68
CA GLY A 525 -3.54 -22.00 -24.26
C GLY A 525 -3.20 -23.06 -23.22
N MET A 526 -2.16 -22.79 -22.43
CA MET A 526 -1.76 -23.68 -21.35
C MET A 526 -2.85 -23.80 -20.29
N VAL A 527 -3.51 -22.68 -19.99
CA VAL A 527 -4.61 -22.65 -19.03
C VAL A 527 -5.80 -23.50 -19.52
N ILE A 528 -6.12 -23.40 -20.80
CA ILE A 528 -7.18 -24.22 -21.38
C ILE A 528 -6.85 -25.70 -21.25
N GLY A 529 -5.60 -26.07 -21.57
CA GLY A 529 -5.15 -27.44 -21.41
C GLY A 529 -5.22 -27.88 -19.96
N HIS A 530 -4.84 -26.96 -19.06
CA HIS A 530 -4.90 -27.19 -17.63
C HIS A 530 -6.33 -27.59 -17.19
N GLU A 531 -7.32 -26.80 -17.58
CA GLU A 531 -8.70 -27.08 -17.18
C GLU A 531 -9.24 -28.38 -17.78
N ILE A 532 -8.96 -28.61 -19.05
CA ILE A 532 -9.37 -29.86 -19.71
C ILE A 532 -8.75 -31.07 -18.99
N THR A 533 -7.47 -30.98 -18.67
CA THR A 533 -6.75 -32.07 -18.01
C THR A 533 -7.31 -32.34 -16.62
N HIS A 534 -7.87 -31.33 -15.97
CA HIS A 534 -8.50 -31.51 -14.67
C HIS A 534 -9.62 -32.55 -14.71
N GLY A 535 -10.23 -32.73 -15.87
CA GLY A 535 -11.25 -33.75 -16.05
C GLY A 535 -10.68 -35.15 -16.01
N PHE A 536 -9.37 -35.24 -15.93
CA PHE A 536 -8.69 -36.52 -15.97
C PHE A 536 -7.58 -36.64 -14.93
N ASP A 537 -7.58 -35.78 -13.91
CA ASP A 537 -6.57 -35.92 -12.86
C ASP A 537 -7.01 -36.96 -11.84
N ASP A 538 -6.34 -37.02 -10.70
CA ASP A 538 -6.62 -38.06 -9.70
C ASP A 538 -8.05 -37.94 -9.14
N ASN A 539 -8.64 -36.75 -9.24
CA ASN A 539 -10.03 -36.59 -8.86
C ASN A 539 -10.96 -36.72 -10.06
N GLY A 540 -10.71 -35.91 -11.09
CA GLY A 540 -11.57 -35.84 -12.26
C GLY A 540 -11.79 -37.15 -13.01
N ARG A 541 -10.78 -38.01 -13.06
CA ARG A 541 -10.89 -39.26 -13.80
C ARG A 541 -11.94 -40.21 -13.21
N ASN A 542 -12.40 -39.91 -11.99
CA ASN A 542 -13.41 -40.72 -11.32
C ASN A 542 -14.85 -40.34 -11.72
N PHE A 543 -14.99 -39.23 -12.44
CA PHE A 543 -16.29 -38.76 -12.88
C PHE A 543 -16.46 -38.97 -14.39
N ASN A 544 -17.64 -39.38 -14.83
CA ASN A 544 -17.84 -39.67 -16.26
C ASN A 544 -18.27 -38.44 -17.04
N LYS A 545 -18.68 -38.66 -18.29
CA LYS A 545 -18.94 -37.55 -19.20
C LYS A 545 -20.13 -36.67 -18.78
N ASP A 546 -20.99 -37.22 -17.94
CA ASP A 546 -22.18 -36.51 -17.48
C ASP A 546 -22.04 -36.03 -16.03
N GLY A 547 -20.83 -36.18 -15.47
CA GLY A 547 -20.53 -35.63 -14.16
C GLY A 547 -20.80 -36.56 -12.99
N ASP A 548 -21.05 -37.83 -13.27
CA ASP A 548 -21.35 -38.81 -12.22
C ASP A 548 -20.10 -39.55 -11.76
N LEU A 549 -19.96 -39.69 -10.44
CA LEU A 549 -18.89 -40.46 -9.84
C LEU A 549 -19.08 -41.95 -10.13
N VAL A 550 -18.51 -42.41 -11.24
CA VAL A 550 -18.59 -43.81 -11.64
C VAL A 550 -17.25 -44.27 -12.21
N ASP A 551 -16.91 -45.54 -11.99
CA ASP A 551 -15.64 -46.08 -12.48
C ASP A 551 -15.74 -46.48 -13.94
N TRP A 552 -15.06 -45.73 -14.82
CA TRP A 552 -15.02 -46.10 -16.23
C TRP A 552 -13.62 -46.54 -16.64
N TRP A 553 -12.81 -46.93 -15.66
CA TRP A 553 -11.44 -47.40 -15.92
C TRP A 553 -11.33 -48.91 -15.76
N THR A 554 -10.55 -49.54 -16.63
CA THR A 554 -10.18 -50.93 -16.42
C THR A 554 -9.20 -50.98 -15.25
N GLN A 555 -9.08 -52.15 -14.63
CA GLN A 555 -8.20 -52.31 -13.47
C GLN A 555 -6.74 -52.02 -13.83
N GLN A 556 -6.33 -52.47 -15.01
CA GLN A 556 -4.95 -52.30 -15.44
C GLN A 556 -4.62 -50.82 -15.70
N SER A 557 -5.49 -50.14 -16.45
CA SER A 557 -5.28 -48.73 -16.76
C SER A 557 -5.35 -47.85 -15.51
N ALA A 558 -6.25 -48.18 -14.59
CA ALA A 558 -6.35 -47.45 -13.33
C ALA A 558 -5.07 -47.62 -12.52
N ASN A 559 -4.58 -48.85 -12.44
CA ASN A 559 -3.30 -49.14 -11.80
C ASN A 559 -2.15 -48.38 -12.46
N ASN A 560 -2.16 -48.34 -13.78
CA ASN A 560 -1.10 -47.62 -14.51
C ASN A 560 -1.18 -46.12 -14.29
N PHE A 561 -2.39 -45.58 -14.21
CA PHE A 561 -2.57 -44.16 -13.92
C PHE A 561 -1.92 -43.80 -12.59
N LYS A 562 -2.16 -44.64 -11.59
CA LYS A 562 -1.62 -44.41 -10.25
C LYS A 562 -0.10 -44.50 -10.24
N GLU A 563 0.45 -45.39 -11.06
CA GLU A 563 1.90 -45.54 -11.17
C GLU A 563 2.53 -44.32 -11.84
N GLN A 564 1.96 -43.90 -12.97
CA GLN A 564 2.46 -42.71 -13.68
C GLN A 564 2.38 -41.46 -12.81
N SER A 565 1.27 -41.31 -12.09
CA SER A 565 1.05 -40.11 -11.27
C SER A 565 1.93 -40.12 -10.01
N GLN A 566 2.27 -41.31 -9.52
CA GLN A 566 3.12 -41.42 -8.34
C GLN A 566 4.46 -40.73 -8.55
N CYS A 567 4.94 -40.74 -9.78
CA CYS A 567 6.17 -40.04 -10.14
C CYS A 567 6.08 -38.56 -9.78
N MET A 568 4.93 -37.94 -10.03
CA MET A 568 4.76 -36.52 -9.75
C MET A 568 4.59 -36.25 -8.26
N VAL A 569 4.03 -37.22 -7.53
CA VAL A 569 3.94 -37.12 -6.08
C VAL A 569 5.34 -37.00 -5.47
N TYR A 570 6.25 -37.85 -5.93
CA TYR A 570 7.63 -37.82 -5.49
C TYR A 570 8.37 -36.57 -5.96
N GLN A 571 8.15 -36.19 -7.22
CA GLN A 571 8.85 -35.05 -7.80
C GLN A 571 8.57 -33.76 -7.02
N TYR A 572 7.29 -33.47 -6.79
CA TYR A 572 6.93 -32.21 -6.13
C TYR A 572 7.10 -32.29 -4.63
N GLY A 573 6.94 -33.47 -4.06
CA GLY A 573 7.17 -33.67 -2.64
C GLY A 573 8.63 -33.46 -2.26
N ASN A 574 9.52 -33.67 -3.23
CA ASN A 574 10.95 -33.48 -2.99
C ASN A 574 11.38 -32.03 -3.08
N PHE A 575 10.51 -31.16 -3.61
CA PHE A 575 10.80 -29.74 -3.69
C PHE A 575 10.77 -29.09 -2.30
N SER A 576 11.87 -28.43 -1.93
CA SER A 576 11.90 -27.70 -0.67
C SER A 576 11.79 -26.20 -0.94
N TRP A 577 10.99 -25.52 -0.14
CA TRP A 577 10.67 -24.11 -0.38
C TRP A 577 11.35 -23.20 0.66
N ASP A 578 12.27 -22.36 0.20
CA ASP A 578 13.05 -21.52 1.10
C ASP A 578 12.19 -20.47 1.80
N LEU A 579 11.16 -19.97 1.10
CA LEU A 579 10.27 -18.98 1.68
C LEU A 579 9.48 -19.55 2.85
N ALA A 580 9.24 -20.86 2.81
CA ALA A 580 8.50 -21.55 3.87
C ALA A 580 9.48 -22.19 4.86
N GLY A 581 10.70 -21.67 4.92
CA GLY A 581 11.70 -22.16 5.85
C GLY A 581 12.16 -23.58 5.54
N GLY A 582 12.18 -23.94 4.26
CA GLY A 582 12.69 -25.23 3.85
C GLY A 582 11.68 -26.36 3.93
N GLN A 583 10.45 -26.05 4.33
CA GLN A 583 9.37 -27.04 4.30
C GLN A 583 9.20 -27.58 2.89
N HIS A 584 8.81 -28.84 2.77
CA HIS A 584 8.60 -29.45 1.47
C HIS A 584 7.15 -29.30 1.01
N LEU A 585 6.96 -29.17 -0.30
CA LEU A 585 5.63 -29.20 -0.89
C LEU A 585 4.92 -30.50 -0.54
N ASN A 586 3.60 -30.46 -0.46
CA ASN A 586 2.81 -31.68 -0.27
C ASN A 586 2.49 -32.32 -1.62
N GLY A 587 3.25 -33.34 -1.98
CA GLY A 587 3.11 -33.98 -3.28
C GLY A 587 1.76 -34.61 -3.54
N ILE A 588 1.09 -35.04 -2.48
CA ILE A 588 -0.21 -35.69 -2.62
C ILE A 588 -1.32 -34.68 -2.83
N ASN A 589 -1.36 -33.65 -1.99
CA ASN A 589 -2.42 -32.66 -2.04
C ASN A 589 -2.33 -31.77 -3.29
N THR A 590 -1.14 -31.61 -3.83
CA THR A 590 -0.95 -30.79 -5.03
C THR A 590 -0.98 -31.60 -6.32
N LEU A 591 -1.13 -32.93 -6.19
CA LEU A 591 -1.05 -33.83 -7.34
C LEU A 591 -1.97 -33.43 -8.49
N GLY A 592 -3.24 -33.21 -8.20
CA GLY A 592 -4.22 -32.85 -9.23
C GLY A 592 -3.84 -31.64 -10.05
N GLU A 593 -3.44 -30.57 -9.38
CA GLU A 593 -3.03 -29.34 -10.06
C GLU A 593 -1.72 -29.55 -10.83
N ASN A 594 -0.84 -30.40 -10.32
CA ASN A 594 0.41 -30.68 -11.00
C ASN A 594 0.18 -31.53 -12.25
N ILE A 595 -0.74 -32.47 -12.17
CA ILE A 595 -1.13 -33.26 -13.35
C ILE A 595 -1.67 -32.35 -14.45
N ALA A 596 -2.52 -31.40 -14.05
CA ALA A 596 -3.13 -30.48 -15.00
C ALA A 596 -2.10 -29.53 -15.61
N ASP A 597 -1.17 -29.04 -14.79
CA ASP A 597 -0.09 -28.18 -15.29
C ASP A 597 0.74 -28.90 -16.35
N ASN A 598 1.19 -30.11 -16.01
CA ASN A 598 2.06 -30.88 -16.88
C ASN A 598 1.38 -31.32 -18.17
N GLY A 599 0.13 -31.75 -18.06
CA GLY A 599 -0.64 -32.13 -19.24
C GLY A 599 -0.92 -30.93 -20.11
N GLY A 600 -1.37 -29.84 -19.50
CA GLY A 600 -1.80 -28.66 -20.22
C GLY A 600 -0.73 -27.96 -21.05
N ILE A 601 0.47 -27.83 -20.52
CA ILE A 601 1.52 -27.12 -21.25
C ILE A 601 1.95 -27.92 -22.48
N GLY A 602 1.96 -29.25 -22.35
CA GLY A 602 2.31 -30.12 -23.47
C GLY A 602 1.27 -30.04 -24.57
N GLN A 603 -0.01 -30.04 -24.17
CA GLN A 603 -1.10 -29.92 -25.12
C GLN A 603 -1.08 -28.58 -25.83
N ALA A 604 -0.81 -27.52 -25.08
CA ALA A 604 -0.77 -26.16 -25.60
C ALA A 604 0.37 -25.98 -26.60
N TYR A 605 1.53 -26.56 -26.29
CA TYR A 605 2.70 -26.43 -27.16
C TYR A 605 2.48 -27.17 -28.47
N ARG A 606 1.93 -28.37 -28.37
CA ARG A 606 1.61 -29.17 -29.55
C ARG A 606 0.62 -28.43 -30.45
N ALA A 607 -0.39 -27.81 -29.84
CA ALA A 607 -1.36 -27.02 -30.59
C ALA A 607 -0.68 -25.84 -31.27
N TYR A 608 0.30 -25.26 -30.59
CA TYR A 608 1.04 -24.14 -31.14
C TYR A 608 1.90 -24.56 -32.33
N GLN A 609 2.61 -25.67 -32.17
CA GLN A 609 3.41 -26.23 -33.27
C GLN A 609 2.56 -26.49 -34.51
N ASN A 610 1.37 -27.05 -34.29
CA ASN A 610 0.43 -27.30 -35.38
C ASN A 610 0.03 -26.00 -36.06
N TYR A 611 -0.16 -24.94 -35.27
CA TYR A 611 -0.55 -23.65 -35.81
C TYR A 611 0.57 -23.06 -36.68
N VAL A 612 1.81 -23.20 -36.24
CA VAL A 612 2.94 -22.68 -36.99
C VAL A 612 3.12 -23.47 -38.28
N LYS A 613 2.88 -24.77 -38.21
CA LYS A 613 3.00 -25.63 -39.38
C LYS A 613 2.03 -25.19 -40.49
N LYS A 614 0.85 -24.75 -40.10
CA LYS A 614 -0.18 -24.41 -41.08
C LYS A 614 -0.22 -22.93 -41.47
N ASN A 615 0.25 -22.05 -40.59
CA ASN A 615 0.15 -20.62 -40.85
C ASN A 615 1.49 -19.91 -41.01
N GLY A 616 2.57 -20.62 -40.70
CA GLY A 616 3.91 -20.06 -40.85
C GLY A 616 4.44 -19.39 -39.60
N GLU A 617 5.65 -18.87 -39.69
CA GLU A 617 6.33 -18.26 -38.55
C GLU A 617 5.80 -16.86 -38.24
N GLU A 618 6.00 -16.40 -37.01
CA GLU A 618 5.58 -15.07 -36.60
C GLU A 618 6.73 -14.07 -36.60
N LYS A 619 6.39 -12.78 -36.69
CA LYS A 619 7.36 -11.70 -36.58
C LYS A 619 8.04 -11.71 -35.21
N LEU A 620 9.35 -11.49 -35.19
CA LEU A 620 10.08 -11.44 -33.93
C LEU A 620 9.73 -10.19 -33.12
N LEU A 621 9.98 -10.25 -31.82
CA LEU A 621 9.76 -9.10 -30.94
C LEU A 621 11.05 -8.29 -30.79
N PRO A 622 10.93 -6.96 -30.81
CA PRO A 622 12.12 -6.10 -30.72
C PRO A 622 12.78 -6.18 -29.36
N GLY A 623 14.10 -6.13 -29.32
CA GLY A 623 14.84 -6.08 -28.07
C GLY A 623 14.94 -7.39 -27.32
N ILE A 624 14.36 -8.45 -27.89
CA ILE A 624 14.41 -9.77 -27.29
C ILE A 624 15.02 -10.78 -28.25
N ASP A 625 16.17 -11.34 -27.90
CA ASP A 625 16.86 -12.29 -28.75
C ASP A 625 16.40 -13.72 -28.47
N LEU A 626 15.13 -13.98 -28.75
CA LEU A 626 14.55 -15.31 -28.58
C LEU A 626 13.63 -15.64 -29.75
N ASN A 627 13.60 -16.91 -30.16
CA ASN A 627 12.63 -17.32 -31.16
C ASN A 627 11.29 -17.59 -30.47
N HIS A 628 10.25 -17.87 -31.25
CA HIS A 628 8.91 -17.97 -30.69
C HIS A 628 8.67 -19.27 -29.93
N LYS A 629 9.45 -20.31 -30.21
CA LYS A 629 9.39 -21.52 -29.41
C LYS A 629 9.81 -21.18 -27.98
N GLN A 630 10.85 -20.35 -27.86
CA GLN A 630 11.36 -19.93 -26.57
C GLN A 630 10.41 -18.93 -25.88
N LEU A 631 9.77 -18.07 -26.68
CA LEU A 631 8.82 -17.10 -26.15
C LEU A 631 7.57 -17.79 -25.59
N PHE A 632 7.22 -18.94 -26.17
CA PHE A 632 6.13 -19.75 -25.65
C PHE A 632 6.37 -20.09 -24.18
N PHE A 633 7.56 -20.62 -23.90
CA PHE A 633 7.85 -21.08 -22.55
C PHE A 633 8.15 -19.92 -21.61
N LEU A 634 8.72 -18.85 -22.15
CA LEU A 634 8.96 -17.65 -21.36
C LEU A 634 7.63 -17.06 -20.88
N ASN A 635 6.65 -16.96 -21.77
CA ASN A 635 5.36 -16.40 -21.38
C ASN A 635 4.61 -17.32 -20.42
N PHE A 636 4.67 -18.63 -20.66
CA PHE A 636 4.11 -19.61 -19.72
C PHE A 636 4.63 -19.35 -18.32
N ALA A 637 5.94 -19.18 -18.19
CA ALA A 637 6.56 -18.97 -16.89
C ALA A 637 6.16 -17.63 -16.28
N GLN A 638 6.07 -16.59 -17.10
CA GLN A 638 5.77 -15.25 -16.58
C GLN A 638 4.30 -15.14 -16.15
N VAL A 639 3.47 -16.05 -16.64
CA VAL A 639 2.11 -16.20 -16.13
C VAL A 639 2.14 -16.53 -14.64
N TRP A 640 3.19 -17.23 -14.21
CA TRP A 640 3.27 -17.72 -12.84
C TRP A 640 4.30 -17.01 -11.97
N CYS A 641 4.88 -15.91 -12.47
CA CYS A 641 5.80 -15.10 -11.68
C CYS A 641 5.14 -14.64 -10.39
N GLY A 642 5.88 -14.73 -9.28
CA GLY A 642 5.35 -14.27 -8.01
C GLY A 642 6.19 -14.62 -6.80
N THR A 643 5.78 -14.12 -5.64
CA THR A 643 6.51 -14.35 -4.41
C THR A 643 5.54 -14.32 -3.21
N TYR A 644 6.01 -14.83 -2.08
CA TYR A 644 5.18 -15.00 -0.88
C TYR A 644 5.85 -14.39 0.34
N ARG A 645 5.05 -13.85 1.27
CA ARG A 645 5.56 -13.54 2.60
C ARG A 645 5.78 -14.86 3.33
N PRO A 646 6.84 -14.95 4.15
CA PRO A 646 7.20 -16.20 4.84
C PRO A 646 6.03 -16.80 5.62
N GLU A 647 5.29 -15.97 6.35
CA GLU A 647 4.14 -16.41 7.12
C GLU A 647 3.06 -17.04 6.23
N TYR A 648 2.89 -16.49 5.03
CA TYR A 648 1.86 -17.00 4.15
C TYR A 648 2.36 -18.18 3.33
N ALA A 649 3.67 -18.25 3.14
CA ALA A 649 4.28 -19.40 2.47
C ALA A 649 4.00 -20.65 3.28
N VAL A 650 4.19 -20.55 4.60
CA VAL A 650 3.88 -21.62 5.53
C VAL A 650 2.39 -21.96 5.48
N ASN A 651 1.56 -20.91 5.48
CA ASN A 651 0.12 -21.06 5.35
C ASN A 651 -0.25 -21.85 4.09
N SER A 652 0.18 -21.36 2.94
CA SER A 652 -0.24 -21.93 1.65
C SER A 652 0.28 -23.36 1.42
N ILE A 653 1.45 -23.67 1.96
CA ILE A 653 2.07 -24.97 1.72
C ILE A 653 1.27 -26.08 2.41
N LYS A 654 0.39 -25.68 3.32
CA LYS A 654 -0.44 -26.61 4.06
C LYS A 654 -1.91 -26.54 3.65
N THR A 655 -2.29 -25.51 2.90
CA THR A 655 -3.69 -25.32 2.53
C THR A 655 -3.97 -25.25 1.02
N ASP A 656 -3.02 -24.71 0.25
CA ASP A 656 -3.24 -24.55 -1.19
C ASP A 656 -3.14 -25.88 -1.93
N VAL A 657 -4.12 -26.17 -2.77
CA VAL A 657 -4.08 -27.38 -3.59
C VAL A 657 -3.14 -27.21 -4.78
N HIS A 658 -2.70 -25.97 -5.03
CA HIS A 658 -1.73 -25.70 -6.08
C HIS A 658 -0.31 -25.69 -5.53
N SER A 659 0.66 -26.00 -6.38
CA SER A 659 2.06 -25.74 -6.07
C SER A 659 2.29 -24.24 -6.20
N PRO A 660 3.29 -23.69 -5.47
CA PRO A 660 3.66 -22.30 -5.70
C PRO A 660 4.13 -22.10 -7.13
N GLY A 661 3.88 -20.94 -7.72
CA GLY A 661 4.25 -20.66 -9.10
C GLY A 661 5.68 -21.03 -9.43
N ASN A 662 6.58 -20.77 -8.49
CA ASN A 662 7.99 -21.16 -8.59
C ASN A 662 8.15 -22.62 -9.04
N PHE A 663 7.41 -23.52 -8.41
CA PHE A 663 7.59 -24.94 -8.67
C PHE A 663 6.63 -25.48 -9.73
N ARG A 664 5.58 -24.72 -10.04
CA ARG A 664 4.77 -25.04 -11.20
C ARG A 664 5.62 -24.86 -12.45
N ILE A 665 6.46 -23.84 -12.44
CA ILE A 665 7.37 -23.58 -13.54
C ILE A 665 8.47 -24.63 -13.62
N ILE A 666 9.17 -24.84 -12.52
CA ILE A 666 10.27 -25.80 -12.49
C ILE A 666 9.78 -27.22 -12.74
N GLY A 667 8.73 -27.63 -12.02
CA GLY A 667 8.19 -28.97 -12.15
C GLY A 667 7.71 -29.32 -13.54
N SER A 668 6.92 -28.44 -14.15
CA SER A 668 6.34 -28.74 -15.46
C SER A 668 7.38 -28.76 -16.56
N LEU A 669 8.35 -27.85 -16.48
CA LEU A 669 9.37 -27.76 -17.52
C LEU A 669 10.43 -28.86 -17.38
N GLN A 670 10.67 -29.31 -16.16
CA GLN A 670 11.56 -30.44 -15.94
C GLN A 670 11.04 -31.67 -16.67
N ASN A 671 9.72 -31.80 -16.76
CA ASN A 671 9.08 -32.92 -17.42
C ASN A 671 8.84 -32.70 -18.91
N SER A 672 9.26 -31.54 -19.41
CA SER A 672 9.00 -31.20 -20.80
C SER A 672 10.23 -31.39 -21.69
N VAL A 673 10.16 -32.39 -22.56
CA VAL A 673 11.20 -32.61 -23.56
C VAL A 673 11.29 -31.41 -24.48
N GLU A 674 10.12 -30.87 -24.84
CA GLU A 674 10.04 -29.77 -25.78
C GLU A 674 10.69 -28.49 -25.25
N PHE A 675 10.55 -28.24 -23.95
CA PHE A 675 11.20 -27.10 -23.34
C PHE A 675 12.71 -27.17 -23.50
N SER A 676 13.28 -28.34 -23.20
CA SER A 676 14.73 -28.49 -23.23
C SER A 676 15.27 -28.43 -24.66
N GLU A 677 14.48 -28.85 -25.62
CA GLU A 677 14.86 -28.69 -27.03
C GLU A 677 14.89 -27.21 -27.41
N ALA A 678 13.88 -26.47 -26.95
CA ALA A 678 13.77 -25.05 -27.28
C ALA A 678 14.92 -24.23 -26.70
N PHE A 679 15.36 -24.59 -25.49
CA PHE A 679 16.45 -23.85 -24.87
C PHE A 679 17.76 -24.65 -24.88
N GLN A 680 17.78 -25.74 -25.64
CA GLN A 680 18.97 -26.56 -25.82
C GLN A 680 19.63 -26.94 -24.49
N CYS A 681 18.82 -27.41 -23.55
CA CYS A 681 19.32 -27.79 -22.24
C CYS A 681 20.06 -29.12 -22.31
N PRO A 682 21.26 -29.16 -21.73
CA PRO A 682 22.01 -30.42 -21.64
C PRO A 682 21.29 -31.42 -20.76
N LYS A 683 21.40 -32.70 -21.09
CA LYS A 683 20.83 -33.74 -20.27
C LYS A 683 21.38 -33.61 -18.85
N ASN A 684 20.49 -33.77 -17.87
CA ASN A 684 20.85 -33.71 -16.45
C ASN A 684 21.33 -32.35 -15.97
N SER A 685 21.03 -31.29 -16.73
CA SER A 685 21.00 -29.96 -16.15
C SER A 685 19.76 -29.95 -15.26
N TYR A 686 19.70 -29.04 -14.29
CA TYR A 686 18.61 -29.05 -13.32
C TYR A 686 17.23 -29.01 -13.98
N MET A 687 17.11 -28.24 -15.06
CA MET A 687 15.83 -28.12 -15.76
C MET A 687 15.55 -29.28 -16.72
N ASN A 688 16.54 -30.16 -16.91
CA ASN A 688 16.38 -31.29 -17.83
C ASN A 688 16.79 -32.65 -17.23
N PRO A 689 16.12 -33.08 -16.15
CA PRO A 689 16.45 -34.39 -15.58
C PRO A 689 16.14 -35.52 -16.57
N GLU A 690 16.98 -36.55 -16.61
CA GLU A 690 16.78 -37.62 -17.59
C GLU A 690 15.56 -38.45 -17.20
N LYS A 691 15.21 -38.46 -15.93
CA LYS A 691 13.96 -39.09 -15.49
C LYS A 691 12.84 -38.06 -15.43
N LYS A 692 11.84 -38.24 -16.30
CA LYS A 692 10.72 -37.31 -16.37
C LYS A 692 9.40 -38.02 -16.10
N CYS A 693 8.48 -37.31 -15.45
CA CYS A 693 7.14 -37.82 -15.18
C CYS A 693 6.21 -37.53 -16.34
N ARG A 694 5.26 -38.43 -16.58
CA ARG A 694 4.28 -38.23 -17.65
C ARG A 694 2.96 -38.90 -17.31
N VAL A 695 1.88 -38.13 -17.35
CA VAL A 695 0.54 -38.70 -17.29
C VAL A 695 -0.14 -38.39 -18.62
N TRP A 696 -0.68 -37.19 -18.76
CA TRP A 696 -1.31 -36.79 -20.02
C TRP A 696 -0.34 -36.02 -20.90
N GLY B 1 16.59 4.37 -38.71
CA GLY B 1 16.88 5.44 -37.77
C GLY B 1 16.05 5.34 -36.50
N ILE B 2 15.63 4.12 -36.17
CA ILE B 2 14.85 3.87 -34.96
C ILE B 2 15.59 2.93 -34.02
N CYS B 3 15.77 3.38 -32.78
CA CYS B 3 16.43 2.57 -31.75
C CYS B 3 15.63 1.31 -31.45
N LYS B 4 16.30 0.17 -31.40
CA LYS B 4 15.61 -1.09 -31.11
C LYS B 4 16.33 -1.88 -30.02
N SER B 5 17.11 -1.17 -29.21
CA SER B 5 17.78 -1.80 -28.09
C SER B 5 16.79 -2.12 -26.98
N SER B 6 17.18 -3.03 -26.10
CA SER B 6 16.38 -3.39 -24.93
C SER B 6 16.04 -2.16 -24.09
N ASP B 7 17.01 -1.26 -23.92
CA ASP B 7 16.81 -0.06 -23.11
C ASP B 7 15.77 0.89 -23.71
N CYS B 8 15.83 1.08 -25.03
CA CYS B 8 14.90 1.97 -25.71
C CYS B 8 13.47 1.45 -25.65
N ILE B 9 13.33 0.13 -25.68
CA ILE B 9 12.00 -0.47 -25.63
C ILE B 9 11.38 -0.27 -24.25
N LYS B 10 12.16 -0.50 -23.20
CA LYS B 10 11.67 -0.31 -21.83
C LYS B 10 11.33 1.15 -21.59
N SER B 11 12.20 2.03 -22.10
CA SER B 11 12.00 3.46 -22.00
C SER B 11 10.70 3.89 -22.69
N ALA B 12 10.51 3.46 -23.94
CA ALA B 12 9.31 3.82 -24.70
C ALA B 12 8.04 3.34 -24.01
N ALA B 13 8.06 2.09 -23.55
CA ALA B 13 6.89 1.49 -22.90
C ALA B 13 6.45 2.28 -21.65
N ARG B 14 7.42 2.79 -20.91
CA ARG B 14 7.13 3.58 -19.71
C ARG B 14 6.39 4.87 -20.08
N LEU B 15 6.91 5.56 -21.09
CA LEU B 15 6.29 6.79 -21.57
C LEU B 15 4.86 6.56 -22.06
N ILE B 16 4.69 5.48 -22.81
CA ILE B 16 3.41 5.12 -23.40
C ILE B 16 2.36 4.84 -22.32
N GLN B 17 2.76 4.08 -21.30
CA GLN B 17 1.85 3.71 -20.23
C GLN B 17 1.30 4.93 -19.47
N ASN B 18 2.18 5.89 -19.18
CA ASN B 18 1.78 7.06 -18.40
C ASN B 18 0.89 8.04 -19.15
N MET B 19 1.08 8.14 -20.46
CA MET B 19 0.41 9.15 -21.26
C MET B 19 -0.97 8.72 -21.73
N ASP B 20 -1.80 9.69 -22.12
CA ASP B 20 -3.09 9.44 -22.73
C ASP B 20 -3.11 10.07 -24.13
N ALA B 21 -2.83 9.26 -25.15
CA ALA B 21 -2.66 9.75 -26.51
C ALA B 21 -3.96 10.26 -27.15
N THR B 22 -5.09 10.00 -26.51
CA THR B 22 -6.38 10.44 -27.04
C THR B 22 -6.66 11.89 -26.65
N ALA B 23 -5.85 12.44 -25.74
CA ALA B 23 -5.99 13.83 -25.33
C ALA B 23 -5.21 14.74 -26.27
N GLU B 24 -5.65 15.99 -26.40
CA GLU B 24 -4.93 16.97 -27.20
C GLU B 24 -3.87 17.66 -26.36
N PRO B 25 -2.60 17.57 -26.78
CA PRO B 25 -1.46 18.15 -26.07
C PRO B 25 -1.59 19.65 -25.85
N CYS B 26 -2.23 20.35 -26.80
CA CYS B 26 -2.32 21.81 -26.75
C CYS B 26 -3.56 22.28 -26.00
N THR B 27 -4.40 21.33 -25.58
CA THR B 27 -5.56 21.65 -24.77
C THR B 27 -5.22 21.49 -23.28
N ASP B 28 -4.55 20.38 -22.96
CA ASP B 28 -4.12 20.10 -21.60
C ASP B 28 -2.99 19.08 -21.64
N PHE B 29 -1.76 19.56 -21.54
CA PHE B 29 -0.60 18.68 -21.67
C PHE B 29 -0.44 17.78 -20.44
N PHE B 30 -0.99 18.20 -19.31
CA PHE B 30 -0.98 17.39 -18.11
C PHE B 30 -1.80 16.10 -18.32
N LYS B 31 -3.02 16.25 -18.82
CA LYS B 31 -3.89 15.12 -19.14
C LYS B 31 -3.27 14.26 -20.24
N TYR B 32 -2.61 14.92 -21.19
CA TYR B 32 -1.97 14.21 -22.30
C TYR B 32 -0.80 13.37 -21.81
N ALA B 33 0.03 13.95 -20.94
CA ALA B 33 1.26 13.29 -20.51
C ALA B 33 1.03 12.34 -19.32
N CYS B 34 -0.01 12.58 -18.54
CA CYS B 34 -0.19 11.83 -17.30
C CYS B 34 -1.53 11.11 -17.21
N GLY B 35 -2.33 11.17 -18.28
CA GLY B 35 -3.65 10.56 -18.29
C GLY B 35 -3.64 9.08 -17.95
N GLY B 36 -2.68 8.34 -18.50
CA GLY B 36 -2.54 6.93 -18.21
C GLY B 36 -2.14 6.69 -16.77
N TRP B 37 -1.21 7.53 -16.28
CA TRP B 37 -0.76 7.48 -14.90
C TRP B 37 -1.94 7.64 -13.95
N LEU B 38 -2.78 8.62 -14.22
CA LEU B 38 -3.90 8.97 -13.34
C LEU B 38 -4.95 7.86 -13.26
N LYS B 39 -5.21 7.22 -14.40
CA LYS B 39 -6.20 6.15 -14.43
C LYS B 39 -5.73 4.91 -13.69
N ARG B 40 -4.41 4.70 -13.69
CA ARG B 40 -3.83 3.49 -13.11
C ARG B 40 -3.62 3.60 -11.59
N ASN B 41 -3.15 4.76 -11.13
CA ASN B 41 -2.73 4.90 -9.74
C ASN B 41 -3.78 5.51 -8.84
N VAL B 42 -4.16 4.77 -7.80
CA VAL B 42 -5.05 5.27 -6.78
C VAL B 42 -4.23 5.71 -5.58
N ILE B 43 -4.59 6.85 -4.99
CA ILE B 43 -3.89 7.35 -3.81
C ILE B 43 -4.04 6.35 -2.66
N PRO B 44 -2.91 5.84 -2.15
CA PRO B 44 -2.93 4.92 -1.00
C PRO B 44 -3.65 5.53 0.20
N GLU B 45 -4.27 4.68 1.02
CA GLU B 45 -5.01 5.12 2.19
C GLU B 45 -4.15 5.94 3.15
N THR B 46 -2.85 5.66 3.17
CA THR B 46 -1.94 6.30 4.10
C THR B 46 -1.23 7.50 3.48
N SER B 47 -1.51 7.77 2.22
CA SER B 47 -0.87 8.88 1.52
C SER B 47 -1.81 10.07 1.38
N SER B 48 -1.28 11.27 1.61
CA SER B 48 -2.03 12.50 1.41
C SER B 48 -1.84 12.99 -0.03
N ARG B 49 -0.81 12.47 -0.67
CA ARG B 49 -0.47 12.82 -2.05
C ARG B 49 0.22 11.64 -2.73
N TYR B 50 -0.07 11.45 -4.01
CA TYR B 50 0.59 10.39 -4.77
C TYR B 50 1.10 10.95 -6.10
N SER B 51 2.32 10.58 -6.44
CA SER B 51 3.01 11.17 -7.59
C SER B 51 4.26 10.39 -7.95
N ASN B 52 4.96 10.85 -8.99
CA ASN B 52 6.25 10.28 -9.35
C ASN B 52 7.25 10.35 -8.19
N PHE B 53 7.36 11.53 -7.58
CA PHE B 53 8.24 11.73 -6.43
C PHE B 53 7.88 10.79 -5.27
N ASP B 54 6.59 10.72 -4.97
CA ASP B 54 6.11 9.93 -3.84
C ASP B 54 6.36 8.43 -4.05
N ILE B 55 6.19 7.97 -5.28
CA ILE B 55 6.48 6.58 -5.64
C ILE B 55 7.96 6.26 -5.43
N LEU B 56 8.82 7.13 -5.95
CA LEU B 56 10.26 6.96 -5.80
C LEU B 56 10.67 6.98 -4.32
N ARG B 57 9.98 7.80 -3.53
CA ARG B 57 10.28 7.88 -2.11
C ARG B 57 9.80 6.64 -1.37
N ASP B 58 8.65 6.11 -1.78
CA ASP B 58 8.14 4.87 -1.21
C ASP B 58 9.07 3.70 -1.53
N GLU B 59 9.64 3.73 -2.72
CA GLU B 59 10.57 2.70 -3.14
C GLU B 59 11.90 2.82 -2.39
N LEU B 60 12.31 4.04 -2.11
CA LEU B 60 13.54 4.27 -1.36
C LEU B 60 13.39 3.76 0.06
N GLU B 61 12.21 3.99 0.64
CA GLU B 61 11.91 3.54 2.00
C GLU B 61 12.01 2.02 2.13
N VAL B 62 11.57 1.29 1.11
CA VAL B 62 11.67 -0.16 1.09
C VAL B 62 13.14 -0.59 1.15
N ILE B 63 13.96 0.04 0.31
CA ILE B 63 15.40 -0.19 0.31
C ILE B 63 16.02 0.09 1.68
N LEU B 64 15.58 1.18 2.31
CA LEU B 64 16.08 1.52 3.65
C LEU B 64 15.70 0.46 4.67
N LYS B 65 14.47 -0.01 4.61
CA LYS B 65 14.00 -1.06 5.51
C LYS B 65 14.86 -2.31 5.35
N ASP B 66 15.15 -2.68 4.11
CA ASP B 66 15.93 -3.88 3.82
C ASP B 66 17.32 -3.83 4.46
N VAL B 67 18.00 -2.70 4.35
CA VAL B 67 19.36 -2.59 4.89
C VAL B 67 19.38 -2.39 6.41
N LEU B 68 18.32 -1.76 6.95
CA LEU B 68 18.24 -1.50 8.39
C LEU B 68 17.81 -2.72 9.21
N GLN B 69 17.02 -3.60 8.60
CA GLN B 69 16.51 -4.77 9.31
C GLN B 69 17.48 -5.93 9.23
N GLU B 70 18.48 -5.80 8.37
CA GLU B 70 19.49 -6.83 8.19
C GLU B 70 20.21 -7.08 9.52
N PRO B 71 20.44 -8.36 9.86
CA PRO B 71 21.22 -8.70 11.05
C PRO B 71 22.53 -7.92 11.04
N LYS B 72 23.00 -7.48 12.21
CA LYS B 72 24.17 -6.61 12.28
C LYS B 72 25.35 -7.17 11.51
N THR B 73 26.17 -7.97 12.19
CA THR B 73 27.22 -8.77 11.54
C THR B 73 28.21 -7.93 10.73
N GLU B 74 29.42 -7.79 11.26
CA GLU B 74 30.50 -7.02 10.62
C GLU B 74 30.08 -5.60 10.24
N ASP B 75 29.42 -4.91 11.16
CA ASP B 75 29.03 -3.51 10.96
C ASP B 75 29.81 -2.60 11.89
N ILE B 76 30.20 -1.42 11.40
CA ILE B 76 30.81 -0.42 12.27
C ILE B 76 29.75 0.10 13.23
N VAL B 77 30.18 0.69 14.33
CA VAL B 77 29.28 1.10 15.41
C VAL B 77 28.19 2.06 14.91
N ALA B 78 28.58 2.97 14.02
CA ALA B 78 27.64 3.94 13.45
C ALA B 78 26.44 3.24 12.80
N VAL B 79 26.73 2.19 12.03
CA VAL B 79 25.67 1.40 11.40
C VAL B 79 24.89 0.59 12.44
N GLN B 80 25.59 0.05 13.44
CA GLN B 80 24.94 -0.71 14.51
C GLN B 80 23.93 0.15 15.25
N LYS B 81 24.32 1.39 15.55
CA LYS B 81 23.44 2.31 16.26
C LYS B 81 22.20 2.65 15.44
N ALA B 82 22.38 2.77 14.12
CA ALA B 82 21.26 3.01 13.21
C ALA B 82 20.27 1.84 13.25
N LYS B 83 20.80 0.62 13.22
CA LYS B 83 19.97 -0.57 13.25
C LYS B 83 19.26 -0.73 14.60
N THR B 84 19.99 -0.44 15.68
CA THR B 84 19.41 -0.48 17.01
C THR B 84 18.24 0.50 17.14
N LEU B 85 18.45 1.73 16.66
CA LEU B 85 17.41 2.75 16.67
C LEU B 85 16.18 2.26 15.90
N TYR B 86 16.42 1.70 14.73
CA TYR B 86 15.36 1.17 13.89
C TYR B 86 14.59 0.05 14.61
N ARG B 87 15.34 -0.87 15.23
CA ARG B 87 14.72 -1.99 15.93
C ARG B 87 13.84 -1.53 17.08
N SER B 88 14.27 -0.49 17.80
CA SER B 88 13.49 0.02 18.91
C SER B 88 12.19 0.65 18.40
N CYS B 89 12.24 1.16 17.17
CA CYS B 89 11.11 1.88 16.60
C CYS B 89 10.01 0.94 16.11
N VAL B 90 10.39 -0.21 15.58
CA VAL B 90 9.43 -1.12 14.95
C VAL B 90 8.77 -2.07 15.94
N ASN B 91 9.34 -2.20 17.14
CA ASN B 91 8.75 -3.08 18.14
C ASN B 91 7.56 -2.44 18.83
N GLU B 92 6.39 -2.54 18.19
CA GLU B 92 5.16 -1.98 18.76
C GLU B 92 4.71 -2.72 20.01
N THR B 93 5.14 -3.97 20.16
CA THR B 93 4.80 -4.77 21.34
C THR B 93 5.36 -4.14 22.62
N ALA B 94 6.64 -3.79 22.58
CA ALA B 94 7.29 -3.14 23.71
C ALA B 94 6.68 -1.75 23.95
N ILE B 95 6.40 -1.03 22.87
CA ILE B 95 5.88 0.33 22.96
C ILE B 95 4.47 0.35 23.55
N ASP B 96 3.62 -0.58 23.13
CA ASP B 96 2.25 -0.65 23.61
C ASP B 96 2.20 -1.00 25.10
N SER B 97 3.14 -1.80 25.56
CA SER B 97 3.15 -2.28 26.95
C SER B 97 3.54 -1.17 27.93
N ARG B 98 4.10 -0.08 27.41
CA ARG B 98 4.53 1.03 28.25
C ARG B 98 3.45 2.09 28.38
N GLY B 99 2.39 1.95 27.60
CA GLY B 99 1.29 2.90 27.64
C GLY B 99 1.75 4.31 27.35
N GLY B 100 1.54 5.20 28.31
CA GLY B 100 1.98 6.58 28.19
C GLY B 100 3.02 6.93 29.24
N GLN B 101 3.46 5.92 29.97
CA GLN B 101 4.44 6.09 31.06
C GLN B 101 5.73 6.83 30.68
N PRO B 102 6.30 6.57 29.48
CA PRO B 102 7.49 7.35 29.12
C PRO B 102 7.24 8.85 29.05
N LEU B 103 6.04 9.25 28.64
CA LEU B 103 5.69 10.67 28.57
C LEU B 103 5.38 11.23 29.95
N LEU B 104 4.59 10.48 30.72
CA LEU B 104 4.21 10.90 32.07
C LEU B 104 5.44 11.09 32.95
N LYS B 105 6.50 10.35 32.62
CA LYS B 105 7.76 10.43 33.37
C LYS B 105 8.44 11.79 33.26
N LEU B 106 8.49 12.35 32.06
CA LEU B 106 9.24 13.59 31.85
C LEU B 106 8.40 14.86 31.92
N LEU B 107 7.09 14.71 32.10
CA LEU B 107 6.22 15.88 32.22
C LEU B 107 6.62 16.85 33.35
N PRO B 108 7.10 16.33 34.50
CA PRO B 108 7.64 17.30 35.47
C PRO B 108 8.83 18.10 34.95
N ASP B 109 9.59 17.54 34.01
CA ASP B 109 10.77 18.21 33.49
C ASP B 109 10.40 19.42 32.63
N VAL B 110 9.14 19.51 32.23
CA VAL B 110 8.65 20.66 31.49
C VAL B 110 7.58 21.42 32.27
N TYR B 111 7.64 21.30 33.59
CA TYR B 111 6.72 21.98 34.50
C TYR B 111 5.27 21.51 34.33
N GLY B 112 5.11 20.27 33.87
CA GLY B 112 3.81 19.60 33.86
C GLY B 112 2.77 20.17 32.91
N TRP B 113 1.63 19.47 32.84
CA TRP B 113 0.49 19.92 32.06
C TRP B 113 -0.71 20.11 32.99
N PRO B 114 -0.97 21.36 33.39
CA PRO B 114 -1.96 21.75 34.41
C PRO B 114 -3.28 20.97 34.37
N VAL B 115 -3.86 20.79 33.18
CA VAL B 115 -5.13 20.11 33.03
C VAL B 115 -5.04 18.63 33.43
N ALA B 116 -3.83 18.09 33.39
CA ALA B 116 -3.61 16.69 33.73
C ALA B 116 -2.84 16.56 35.03
N THR B 117 -2.94 17.60 35.86
CA THR B 117 -2.28 17.62 37.17
C THR B 117 -3.31 17.88 38.26
N GLN B 118 -3.16 17.22 39.40
CA GLN B 118 -4.09 17.40 40.51
C GLN B 118 -4.01 18.82 41.08
N ASN B 119 -2.80 19.22 41.47
CA ASN B 119 -2.55 20.57 41.96
C ASN B 119 -1.33 21.16 41.28
N TRP B 120 -1.53 21.77 40.13
CA TRP B 120 -0.42 22.32 39.36
C TRP B 120 0.13 23.57 40.04
N GLU B 121 -0.76 24.36 40.63
CA GLU B 121 -0.39 25.66 41.20
C GLU B 121 0.61 25.58 42.36
N GLN B 122 0.63 24.47 43.07
CA GLN B 122 1.53 24.33 44.21
C GLN B 122 2.70 23.39 43.92
N THR B 123 2.54 22.53 42.92
CA THR B 123 3.60 21.59 42.57
C THR B 123 4.62 22.25 41.64
N TYR B 124 4.14 23.07 40.71
CA TYR B 124 5.00 23.74 39.75
C TYR B 124 4.87 25.26 39.82
N GLY B 125 3.71 25.73 40.25
CA GLY B 125 3.38 27.14 40.19
C GLY B 125 4.26 28.10 40.98
N THR B 126 5.14 27.55 41.81
CA THR B 126 6.04 28.38 42.61
C THR B 126 7.40 28.54 41.93
N SER B 127 7.91 27.45 41.36
CA SER B 127 9.18 27.48 40.66
C SER B 127 9.01 27.81 39.18
N TRP B 128 7.80 28.27 38.83
CA TRP B 128 7.45 28.51 37.43
C TRP B 128 7.81 29.91 36.95
N SER B 129 8.30 29.97 35.71
CA SER B 129 8.48 31.23 35.01
C SER B 129 8.41 30.95 33.52
N ALA B 130 7.82 31.87 32.76
CA ALA B 130 7.72 31.72 31.32
C ALA B 130 9.10 31.61 30.70
N GLU B 131 10.07 32.30 31.30
CA GLU B 131 11.46 32.26 30.83
C GLU B 131 12.00 30.83 30.85
N LYS B 132 11.93 30.19 32.01
CA LYS B 132 12.45 28.83 32.15
C LYS B 132 11.62 27.80 31.37
N SER B 133 10.31 28.02 31.29
CA SER B 133 9.42 27.08 30.64
C SER B 133 9.64 27.04 29.13
N ILE B 134 9.67 28.20 28.50
CA ILE B 134 9.95 28.30 27.07
C ILE B 134 11.36 27.80 26.77
N ALA B 135 12.31 28.17 27.62
CA ALA B 135 13.71 27.80 27.42
C ALA B 135 13.91 26.29 27.50
N GLN B 136 13.21 25.64 28.43
CA GLN B 136 13.36 24.21 28.63
C GLN B 136 12.87 23.44 27.41
N LEU B 137 11.66 23.76 26.94
CA LEU B 137 11.10 23.13 25.75
C LEU B 137 12.00 23.36 24.53
N ASN B 138 12.55 24.56 24.43
CA ASN B 138 13.45 24.92 23.34
C ASN B 138 14.76 24.12 23.37
N SER B 139 15.53 24.32 24.43
CA SER B 139 16.92 23.87 24.48
C SER B 139 17.08 22.36 24.65
N LYS B 140 16.07 21.72 25.24
CA LYS B 140 16.16 20.27 25.47
C LYS B 140 15.37 19.47 24.45
N TYR B 141 14.20 19.97 24.05
CA TYR B 141 13.27 19.19 23.25
C TYR B 141 12.97 19.79 21.87
N GLY B 142 13.59 20.94 21.59
CA GLY B 142 13.46 21.55 20.27
C GLY B 142 12.08 22.08 19.93
N LYS B 143 11.19 22.14 20.92
CA LYS B 143 9.85 22.67 20.71
C LYS B 143 9.83 24.18 20.94
N LYS B 144 9.51 24.92 19.88
CA LYS B 144 9.54 26.38 19.93
C LYS B 144 8.15 26.97 20.12
N VAL B 145 7.86 27.44 21.33
CA VAL B 145 6.54 28.01 21.63
C VAL B 145 6.63 29.48 22.05
N LEU B 146 5.61 30.25 21.67
CA LEU B 146 5.50 31.69 21.99
C LEU B 146 6.59 32.53 21.32
N ILE B 147 7.84 32.20 21.63
CA ILE B 147 8.99 32.89 21.04
C ILE B 147 9.92 31.87 20.40
N ASN B 148 10.16 32.01 19.10
CA ASN B 148 11.11 31.14 18.43
C ASN B 148 12.53 31.67 18.56
N PHE B 149 13.35 30.93 19.30
CA PHE B 149 14.75 31.25 19.52
C PHE B 149 15.59 30.17 18.84
N PHE B 150 16.49 30.57 17.93
CA PHE B 150 17.40 29.59 17.36
C PHE B 150 18.72 30.20 16.91
N VAL B 151 19.76 29.37 16.92
CA VAL B 151 21.06 29.77 16.43
C VAL B 151 21.17 29.40 14.95
N GLY B 152 21.45 30.38 14.12
CA GLY B 152 21.54 30.15 12.70
C GLY B 152 22.63 30.98 12.05
N THR B 153 22.79 30.82 10.74
CA THR B 153 23.75 31.59 9.98
C THR B 153 23.33 33.06 9.90
N ASP B 154 24.28 33.97 10.06
CA ASP B 154 24.05 35.40 9.87
C ASP B 154 23.79 35.68 8.38
N ASP B 155 22.61 36.22 8.08
CA ASP B 155 22.22 36.53 6.71
C ASP B 155 23.25 37.39 5.98
N LYS B 156 23.82 38.36 6.70
CA LYS B 156 24.76 39.31 6.10
C LYS B 156 26.22 38.92 6.32
N ASN B 157 26.43 37.83 7.05
CA ASN B 157 27.77 37.27 7.21
C ASN B 157 27.69 35.75 7.24
N SER B 158 27.76 35.16 6.04
CA SER B 158 27.49 33.74 5.85
C SER B 158 28.52 32.82 6.51
N MET B 159 29.60 33.39 7.03
CA MET B 159 30.64 32.62 7.70
C MET B 159 30.39 32.52 9.20
N ASN B 160 29.41 33.28 9.69
CA ASN B 160 29.15 33.35 11.12
C ASN B 160 27.79 32.82 11.53
N HIS B 161 27.69 32.43 12.80
CA HIS B 161 26.41 32.09 13.41
C HIS B 161 25.96 33.22 14.33
N ILE B 162 24.66 33.33 14.54
CA ILE B 162 24.11 34.40 15.37
C ILE B 162 22.73 34.00 15.88
N ILE B 163 22.36 34.52 17.05
CA ILE B 163 21.04 34.25 17.61
C ILE B 163 19.94 34.90 16.76
N HIS B 164 18.90 34.12 16.46
CA HIS B 164 17.73 34.63 15.76
C HIS B 164 16.50 34.61 16.67
N ILE B 165 15.66 35.63 16.54
CA ILE B 165 14.36 35.64 17.20
C ILE B 165 13.24 35.82 16.17
N ASP B 166 12.27 34.91 16.18
CA ASP B 166 11.19 34.93 15.21
C ASP B 166 9.87 34.52 15.84
N GLN B 167 8.77 34.73 15.12
CA GLN B 167 7.48 34.22 15.54
C GLN B 167 7.47 32.70 15.40
N PRO B 168 6.75 32.00 16.28
CA PRO B 168 6.74 30.53 16.24
C PRO B 168 5.68 29.98 15.29
N ARG B 169 5.80 28.70 14.94
CA ARG B 169 4.75 28.05 14.18
C ARG B 169 3.64 27.63 15.13
N LEU B 170 2.54 27.13 14.59
CA LEU B 170 1.35 26.83 15.38
C LEU B 170 1.00 25.35 15.35
N GLY B 171 0.02 24.96 16.18
CA GLY B 171 -0.45 23.58 16.21
C GLY B 171 -1.05 23.17 14.88
N LEU B 172 -1.85 24.07 14.30
CA LEU B 172 -2.43 23.86 12.99
C LEU B 172 -1.44 24.31 11.90
N PRO B 173 -1.58 23.77 10.67
CA PRO B 173 -0.62 24.03 9.59
C PRO B 173 -0.32 25.51 9.29
N SER B 174 -1.29 26.39 9.48
CA SER B 174 -1.08 27.81 9.21
C SER B 174 -2.06 28.69 9.98
N ARG B 175 -1.78 30.00 10.01
CA ARG B 175 -2.61 30.96 10.75
C ARG B 175 -4.03 31.02 10.19
N ASP B 176 -4.17 30.72 8.91
CA ASP B 176 -5.47 30.76 8.23
C ASP B 176 -6.47 29.78 8.86
N TYR B 177 -5.97 28.64 9.31
CA TYR B 177 -6.84 27.62 9.90
C TYR B 177 -7.60 28.13 11.13
N TYR B 178 -7.05 29.14 11.79
CA TYR B 178 -7.61 29.62 13.05
C TYR B 178 -8.82 30.53 12.87
N GLU B 179 -9.28 30.67 11.63
CA GLU B 179 -10.57 31.29 11.38
C GLU B 179 -11.66 30.33 11.85
N CYS B 180 -11.39 29.04 11.71
CA CYS B 180 -12.27 27.96 12.16
C CYS B 180 -13.67 28.04 11.55
N THR B 181 -13.74 28.58 10.34
CA THR B 181 -15.00 28.67 9.60
C THR B 181 -14.89 28.01 8.23
N GLY B 182 -15.97 27.38 7.80
CA GLY B 182 -16.00 26.73 6.50
C GLY B 182 -15.05 25.56 6.39
N ILE B 183 -14.05 25.69 5.52
CA ILE B 183 -13.11 24.62 5.24
C ILE B 183 -12.13 24.37 6.38
N TYR B 184 -12.22 25.17 7.44
CA TYR B 184 -11.31 25.08 8.56
C TYR B 184 -11.99 24.59 9.84
N LYS B 185 -13.31 24.65 9.87
CA LYS B 185 -14.06 24.39 11.09
C LYS B 185 -13.88 22.96 11.60
N GLU B 186 -13.82 21.99 10.69
CA GLU B 186 -13.64 20.61 11.08
C GLU B 186 -12.25 20.37 11.66
N ALA B 187 -11.25 21.02 11.07
CA ALA B 187 -9.89 20.95 11.59
C ALA B 187 -9.83 21.52 13.00
N CYS B 188 -10.48 22.66 13.21
CA CYS B 188 -10.51 23.30 14.52
C CYS B 188 -11.22 22.43 15.54
N THR B 189 -12.32 21.81 15.11
CA THR B 189 -13.09 20.91 15.96
C THR B 189 -12.27 19.68 16.35
N ALA B 190 -11.64 19.06 15.36
CA ALA B 190 -10.79 17.90 15.60
C ALA B 190 -9.60 18.27 16.48
N TYR B 191 -9.10 19.49 16.32
CA TYR B 191 -7.96 19.99 17.09
C TYR B 191 -8.27 20.05 18.58
N VAL B 192 -9.38 20.70 18.93
CA VAL B 192 -9.79 20.83 20.32
C VAL B 192 -10.16 19.48 20.93
N ASP B 193 -10.85 18.64 20.16
CA ASP B 193 -11.18 17.29 20.60
C ASP B 193 -9.91 16.47 20.85
N PHE B 194 -8.88 16.73 20.04
CA PHE B 194 -7.57 16.10 20.21
C PHE B 194 -7.01 16.46 21.59
N MET B 195 -7.10 17.75 21.95
CA MET B 195 -6.67 18.22 23.27
C MET B 195 -7.38 17.47 24.40
N ILE B 196 -8.71 17.50 24.36
CA ILE B 196 -9.54 16.88 25.40
C ILE B 196 -9.29 15.38 25.53
N ALA B 197 -9.17 14.70 24.39
CA ALA B 197 -8.96 13.25 24.38
C ALA B 197 -7.66 12.86 25.08
N VAL B 198 -6.58 13.57 24.76
CA VAL B 198 -5.27 13.28 25.37
C VAL B 198 -5.30 13.68 26.85
N ALA B 199 -5.99 14.77 27.16
CA ALA B 199 -6.13 15.22 28.52
C ALA B 199 -6.79 14.13 29.38
N LYS B 200 -7.82 13.51 28.83
CA LYS B 200 -8.51 12.41 29.52
C LYS B 200 -7.63 11.19 29.67
N LEU B 201 -6.93 10.82 28.60
CA LEU B 201 -6.06 9.64 28.62
C LEU B 201 -4.99 9.72 29.70
N ILE B 202 -4.36 10.89 29.82
CA ILE B 202 -3.28 11.06 30.79
C ILE B 202 -3.82 11.04 32.22
N ARG B 203 -4.93 11.74 32.45
CA ARG B 203 -5.55 11.77 33.77
C ARG B 203 -6.00 10.37 34.20
N GLN B 204 -6.49 9.59 33.24
CA GLN B 204 -6.92 8.22 33.51
C GLN B 204 -5.73 7.32 33.85
N GLU B 205 -4.57 7.62 33.27
CA GLU B 205 -3.37 6.84 33.52
C GLU B 205 -2.67 7.29 34.79
N GLU B 206 -2.91 8.54 35.19
CA GLU B 206 -2.35 9.07 36.43
C GLU B 206 -3.19 8.63 37.63
N GLY B 207 -4.43 8.22 37.37
CA GLY B 207 -5.34 7.83 38.43
C GLY B 207 -6.07 9.02 39.00
N LEU B 208 -6.58 9.87 38.10
CA LEU B 208 -7.25 11.09 38.50
C LEU B 208 -8.70 11.11 38.03
N PRO B 209 -9.59 11.78 38.78
CA PRO B 209 -11.00 11.92 38.39
C PRO B 209 -11.13 12.68 37.07
N ILE B 210 -12.25 12.47 36.38
CA ILE B 210 -12.45 13.07 35.06
C ILE B 210 -13.66 14.00 35.03
N ASP B 211 -13.40 15.30 35.10
CA ASP B 211 -14.45 16.30 34.90
C ASP B 211 -14.40 16.74 33.44
N GLU B 212 -15.16 16.04 32.59
CA GLU B 212 -15.12 16.27 31.15
C GLU B 212 -15.56 17.67 30.77
N ASN B 213 -16.45 18.26 31.57
CA ASN B 213 -16.90 19.62 31.31
C ASN B 213 -15.80 20.63 31.61
N GLN B 214 -15.07 20.41 32.70
CA GLN B 214 -13.98 21.31 33.10
C GLN B 214 -12.80 21.19 32.14
N ILE B 215 -12.51 19.96 31.72
CA ILE B 215 -11.43 19.72 30.75
C ILE B 215 -11.71 20.43 29.44
N SER B 216 -12.96 20.39 28.98
CA SER B 216 -13.38 21.08 27.76
C SER B 216 -13.23 22.59 27.90
N VAL B 217 -13.44 23.09 29.12
CA VAL B 217 -13.29 24.52 29.39
C VAL B 217 -11.84 24.96 29.25
N GLU B 218 -10.93 24.21 29.88
CA GLU B 218 -9.51 24.56 29.88
C GLU B 218 -8.89 24.44 28.49
N MET B 219 -9.33 23.46 27.71
CA MET B 219 -8.77 23.24 26.39
C MET B 219 -9.29 24.24 25.37
N ASN B 220 -10.55 24.65 25.52
CA ASN B 220 -11.08 25.73 24.70
C ASN B 220 -10.40 27.05 25.03
N LYS B 221 -9.92 27.17 26.27
CA LYS B 221 -9.14 28.33 26.68
C LYS B 221 -7.78 28.34 26.00
N VAL B 222 -7.20 27.14 25.86
CA VAL B 222 -5.96 26.96 25.11
C VAL B 222 -6.15 27.38 23.66
N MET B 223 -7.25 26.94 23.06
CA MET B 223 -7.58 27.28 21.68
C MET B 223 -7.83 28.78 21.53
N GLU B 224 -8.45 29.37 22.54
CA GLU B 224 -8.72 30.81 22.56
C GLU B 224 -7.41 31.59 22.54
N LEU B 225 -6.46 31.15 23.36
CA LEU B 225 -5.15 31.78 23.46
C LEU B 225 -4.38 31.68 22.15
N GLU B 226 -4.40 30.50 21.53
CA GLU B 226 -3.63 30.28 20.32
C GLU B 226 -4.23 31.02 19.12
N LYS B 227 -5.55 31.21 19.15
CA LYS B 227 -6.22 32.00 18.11
C LYS B 227 -5.69 33.42 18.08
N GLU B 228 -5.50 34.00 19.27
CA GLU B 228 -4.96 35.35 19.37
C GLU B 228 -3.52 35.40 18.88
N ILE B 229 -2.74 34.41 19.29
CA ILE B 229 -1.35 34.31 18.88
C ILE B 229 -1.23 34.16 17.36
N ALA B 230 -2.06 33.31 16.79
CA ALA B 230 -2.10 33.13 15.33
C ALA B 230 -2.45 34.45 14.66
N ASN B 231 -3.45 35.14 15.21
CA ASN B 231 -3.88 36.43 14.68
C ASN B 231 -2.78 37.48 14.75
N ALA B 232 -1.90 37.34 15.75
CA ALA B 232 -0.81 38.28 15.96
C ALA B 232 0.39 38.03 15.04
N THR B 233 0.46 36.83 14.45
CA THR B 233 1.58 36.52 13.55
C THR B 233 1.44 37.25 12.21
N THR B 234 2.58 37.59 11.63
CA THR B 234 2.61 38.25 10.33
C THR B 234 2.42 37.22 9.22
N LYS B 235 1.62 37.58 8.22
CA LYS B 235 1.37 36.69 7.09
C LYS B 235 2.64 36.37 6.33
N SER B 236 2.69 35.17 5.76
CA SER B 236 3.85 34.70 5.03
C SER B 236 4.13 35.55 3.78
N GLU B 237 3.08 36.16 3.22
CA GLU B 237 3.24 37.03 2.06
C GLU B 237 4.05 38.26 2.39
N ASP B 238 4.05 38.67 3.66
CA ASP B 238 4.80 39.84 4.11
C ASP B 238 6.15 39.46 4.69
N ARG B 239 6.61 38.25 4.36
CA ARG B 239 7.88 37.74 4.88
C ARG B 239 8.74 37.18 3.76
N ASN B 240 8.44 37.56 2.53
CA ASN B 240 9.17 37.07 1.35
C ASN B 240 10.32 38.00 0.95
N ASP B 241 10.49 39.09 1.67
CA ASP B 241 11.58 40.03 1.40
C ASP B 241 12.64 39.92 2.49
N PRO B 242 13.74 39.19 2.20
CA PRO B 242 14.80 38.94 3.19
C PRO B 242 15.45 40.22 3.72
N MET B 243 15.56 41.25 2.88
CA MET B 243 16.15 42.51 3.32
C MET B 243 15.31 43.19 4.40
N LEU B 244 13.99 43.07 4.27
CA LEU B 244 13.07 43.69 5.23
C LEU B 244 12.99 42.92 6.54
N LEU B 245 13.20 41.61 6.48
CA LEU B 245 13.12 40.77 7.67
C LEU B 245 14.31 40.95 8.61
N TYR B 246 15.45 41.34 8.06
CA TYR B 246 16.68 41.43 8.82
C TYR B 246 16.72 42.66 9.72
N ASN B 247 16.61 42.44 11.03
CA ASN B 247 16.74 43.52 12.01
C ASN B 247 17.73 43.15 13.10
N LYS B 248 18.96 43.66 12.99
CA LYS B 248 19.97 43.37 14.00
C LYS B 248 19.93 44.41 15.12
N MET B 249 19.96 43.92 16.35
CA MET B 249 19.97 44.77 17.54
C MET B 249 20.56 43.99 18.70
N THR B 250 20.90 44.68 19.78
CA THR B 250 21.48 44.02 20.93
C THR B 250 20.40 43.43 21.83
N LEU B 251 20.81 42.55 22.74
CA LEU B 251 19.89 41.96 23.70
C LEU B 251 19.26 43.04 24.57
N ALA B 252 20.06 44.02 24.98
CA ALA B 252 19.56 45.14 25.77
C ALA B 252 18.51 45.93 25.00
N GLN B 253 18.73 46.08 23.70
CA GLN B 253 17.79 46.79 22.85
C GLN B 253 16.48 46.02 22.72
N ILE B 254 16.58 44.69 22.68
CA ILE B 254 15.39 43.84 22.62
C ILE B 254 14.57 44.00 23.90
N GLN B 255 15.25 44.02 25.05
CA GLN B 255 14.59 44.23 26.33
C GLN B 255 13.83 45.55 26.34
N ASN B 256 14.47 46.61 25.84
CA ASN B 256 13.85 47.93 25.80
C ASN B 256 12.58 48.01 24.95
N ASN B 257 12.63 47.47 23.74
CA ASN B 257 11.56 47.71 22.78
C ASN B 257 10.50 46.59 22.69
N PHE B 258 10.86 45.39 23.11
CA PHE B 258 9.91 44.27 23.04
C PHE B 258 9.65 43.67 24.41
N SER B 259 9.19 44.52 25.33
CA SER B 259 8.87 44.08 26.68
C SER B 259 7.62 43.21 26.66
N LEU B 260 7.55 42.28 27.62
CA LEU B 260 6.41 41.41 27.78
C LEU B 260 6.07 41.33 29.26
N GLU B 261 4.79 41.26 29.58
CA GLU B 261 4.39 41.15 30.98
C GLU B 261 3.71 39.81 31.24
N ILE B 262 4.34 39.00 32.07
CA ILE B 262 3.81 37.69 32.43
C ILE B 262 3.50 37.63 33.92
N ASN B 263 2.24 37.38 34.24
CA ASN B 263 1.81 37.21 35.63
C ASN B 263 2.11 38.45 36.47
N GLY B 264 1.90 39.63 35.88
CA GLY B 264 2.13 40.89 36.57
C GLY B 264 3.60 41.23 36.72
N LYS B 265 4.47 40.42 36.13
CA LYS B 265 5.91 40.65 36.21
C LYS B 265 6.50 40.85 34.82
N PRO B 266 7.58 41.64 34.73
CA PRO B 266 8.26 41.87 33.44
C PRO B 266 9.05 40.65 32.98
N PHE B 267 8.94 40.32 31.70
CA PHE B 267 9.69 39.22 31.10
C PHE B 267 11.15 39.60 30.95
N SER B 268 12.05 38.70 31.33
CA SER B 268 13.48 38.96 31.26
C SER B 268 14.13 38.23 30.08
N TRP B 269 14.46 38.98 29.03
CA TRP B 269 15.06 38.41 27.84
C TRP B 269 16.44 37.83 28.11
N SER B 270 17.18 38.45 29.02
CA SER B 270 18.50 37.95 29.39
C SER B 270 18.39 36.61 30.10
N ASN B 271 17.44 36.52 31.03
CA ASN B 271 17.18 35.29 31.75
C ASN B 271 16.76 34.17 30.81
N PHE B 272 15.85 34.51 29.89
CA PHE B 272 15.37 33.59 28.89
C PHE B 272 16.48 33.07 27.97
N THR B 273 17.25 33.98 27.40
CA THR B 273 18.31 33.61 26.45
C THR B 273 19.41 32.79 27.14
N ASN B 274 19.74 33.14 28.37
CA ASN B 274 20.79 32.43 29.09
C ASN B 274 20.31 31.11 29.69
N GLU B 275 19.01 31.01 29.96
CA GLU B 275 18.45 29.72 30.34
C GLU B 275 18.64 28.72 29.21
N ILE B 276 18.51 29.21 27.97
CA ILE B 276 18.74 28.38 26.80
C ILE B 276 20.22 28.09 26.58
N MET B 277 21.03 29.15 26.54
CA MET B 277 22.42 29.01 26.12
C MET B 277 23.35 28.42 27.19
N SER B 278 22.90 28.38 28.44
CA SER B 278 23.72 27.77 29.50
C SER B 278 23.79 26.25 29.34
N THR B 279 22.83 25.69 28.59
CA THR B 279 22.81 24.26 28.34
C THR B 279 24.03 23.82 27.53
N VAL B 280 24.59 24.76 26.77
CA VAL B 280 25.84 24.49 26.05
C VAL B 280 26.96 25.38 26.60
N ASN B 281 26.76 25.86 27.83
CA ASN B 281 27.77 26.62 28.56
C ASN B 281 28.28 27.86 27.82
N ILE B 282 27.35 28.66 27.32
CA ILE B 282 27.68 29.93 26.69
C ILE B 282 26.90 31.04 27.37
N ASN B 283 27.61 32.05 27.85
CA ASN B 283 26.96 33.20 28.46
C ASN B 283 26.61 34.25 27.41
N ILE B 284 25.42 34.82 27.54
CA ILE B 284 24.95 35.86 26.62
C ILE B 284 24.88 37.22 27.32
N PRO B 285 25.82 38.11 27.01
CA PRO B 285 25.83 39.46 27.59
C PRO B 285 24.77 40.37 26.98
N ASN B 286 24.50 41.50 27.63
CA ASN B 286 23.49 42.43 27.15
C ASN B 286 23.85 43.09 25.82
N GLU B 287 25.13 43.09 25.47
CA GLU B 287 25.57 43.71 24.22
C GLU B 287 25.66 42.69 23.08
N GLU B 288 25.09 41.51 23.28
CA GLU B 288 25.06 40.49 22.25
C GLU B 288 24.18 40.93 21.07
N ASP B 289 24.69 40.81 19.85
CA ASP B 289 23.90 41.11 18.65
C ASP B 289 22.94 39.97 18.31
N VAL B 290 21.69 40.32 18.02
CA VAL B 290 20.64 39.35 17.71
C VAL B 290 19.86 39.79 16.46
N VAL B 291 19.44 38.84 15.64
CA VAL B 291 18.61 39.17 14.48
C VAL B 291 17.15 38.89 14.78
N VAL B 292 16.32 39.92 14.68
CA VAL B 292 14.89 39.81 14.95
C VAL B 292 14.07 39.81 13.66
N TYR B 293 13.44 38.69 13.36
CA TYR B 293 12.67 38.53 12.12
C TYR B 293 11.24 39.05 12.22
N ALA B 294 10.69 39.10 13.44
CA ALA B 294 9.28 39.43 13.61
C ALA B 294 9.02 40.46 14.70
N PRO B 295 9.51 41.70 14.52
CA PRO B 295 9.27 42.73 15.54
C PRO B 295 7.78 43.07 15.71
N GLU B 296 7.02 43.06 14.63
CA GLU B 296 5.59 43.35 14.70
C GLU B 296 4.85 42.31 15.53
N TYR B 297 5.30 41.05 15.45
CA TYR B 297 4.69 39.99 16.24
C TYR B 297 4.94 40.20 17.72
N LEU B 298 6.19 40.54 18.07
CA LEU B 298 6.58 40.73 19.47
C LEU B 298 5.83 41.88 20.13
N ILE B 299 5.50 42.91 19.33
CA ILE B 299 4.73 44.04 19.82
C ILE B 299 3.30 43.60 20.17
N LYS B 300 2.66 42.89 19.25
CA LYS B 300 1.29 42.42 19.44
C LYS B 300 1.18 41.36 20.52
N LEU B 301 2.30 40.72 20.85
CA LEU B 301 2.31 39.62 21.81
C LEU B 301 2.10 40.09 23.25
N LYS B 302 2.53 41.32 23.54
CA LYS B 302 2.46 41.84 24.91
C LYS B 302 1.03 41.98 25.47
N PRO B 303 0.11 42.61 24.71
CA PRO B 303 -1.24 42.75 25.27
C PRO B 303 -1.95 41.41 25.42
N ILE B 304 -1.56 40.43 24.61
CA ILE B 304 -2.17 39.11 24.65
C ILE B 304 -1.78 38.34 25.91
N LEU B 305 -0.48 38.13 26.09
CA LEU B 305 0.02 37.25 27.15
C LEU B 305 -0.27 37.76 28.56
N THR B 306 -0.39 39.08 28.71
CA THR B 306 -0.58 39.67 30.04
C THR B 306 -1.97 39.36 30.58
N LYS B 307 -2.87 38.92 29.71
CA LYS B 307 -4.25 38.63 30.10
C LYS B 307 -4.44 37.21 30.62
N TYR B 308 -3.44 36.36 30.41
CA TYR B 308 -3.58 34.95 30.76
C TYR B 308 -2.77 34.55 31.98
N SER B 309 -3.28 33.58 32.74
CA SER B 309 -2.61 33.06 33.91
C SER B 309 -1.47 32.12 33.51
N PRO B 310 -0.52 31.87 34.42
CA PRO B 310 0.53 30.87 34.18
C PRO B 310 -0.06 29.50 33.78
N ARG B 311 -1.16 29.13 34.43
CA ARG B 311 -1.82 27.86 34.14
C ARG B 311 -2.29 27.78 32.68
N ASP B 312 -2.90 28.86 32.21
CA ASP B 312 -3.38 28.92 30.83
C ASP B 312 -2.22 28.83 29.84
N LEU B 313 -1.14 29.56 30.14
CA LEU B 313 0.04 29.58 29.27
C LEU B 313 0.71 28.21 29.23
N GLN B 314 0.87 27.60 30.41
CA GLN B 314 1.51 26.29 30.49
C GLN B 314 0.65 25.21 29.83
N ASN B 315 -0.67 25.37 29.92
CA ASN B 315 -1.60 24.47 29.24
C ASN B 315 -1.35 24.46 27.74
N LEU B 316 -1.10 25.63 27.17
CA LEU B 316 -0.80 25.75 25.74
C LEU B 316 0.57 25.19 25.42
N MET B 317 1.59 25.67 26.14
CA MET B 317 2.98 25.27 25.90
C MET B 317 3.19 23.77 26.02
N SER B 318 2.61 23.16 27.05
CA SER B 318 2.75 21.73 27.26
C SER B 318 1.97 20.92 26.23
N TRP B 319 0.82 21.42 25.82
CA TRP B 319 0.02 20.74 24.80
C TRP B 319 0.79 20.66 23.49
N ARG B 320 1.40 21.77 23.09
CA ARG B 320 2.20 21.82 21.87
C ARG B 320 3.37 20.84 21.93
N PHE B 321 3.85 20.59 23.14
CA PHE B 321 4.91 19.62 23.38
C PHE B 321 4.37 18.19 23.27
N ILE B 322 3.20 17.96 23.84
CA ILE B 322 2.62 16.63 23.94
C ILE B 322 2.01 16.13 22.62
N MET B 323 1.42 17.04 21.86
CA MET B 323 0.72 16.66 20.63
C MET B 323 1.64 16.03 19.58
N ASP B 324 2.94 16.27 19.69
CA ASP B 324 3.91 15.71 18.74
C ASP B 324 4.59 14.46 19.28
N LEU B 325 4.19 14.03 20.47
CA LEU B 325 4.80 12.87 21.11
C LEU B 325 3.83 11.72 21.31
N VAL B 326 2.54 11.99 21.19
CA VAL B 326 1.53 10.97 21.47
C VAL B 326 1.60 9.80 20.48
N SER B 327 2.03 10.07 19.25
CA SER B 327 2.11 9.04 18.23
C SER B 327 3.36 8.18 18.42
N SER B 328 4.18 8.53 19.40
CA SER B 328 5.36 7.73 19.74
C SER B 328 5.11 6.85 20.97
N LEU B 329 3.87 6.87 21.44
CA LEU B 329 3.48 6.06 22.59
C LEU B 329 2.62 4.86 22.18
N SER B 330 1.85 4.33 23.11
CA SER B 330 1.03 3.14 22.84
C SER B 330 -0.06 3.43 21.82
N ARG B 331 -0.64 2.37 21.28
CA ARG B 331 -1.66 2.46 20.24
C ARG B 331 -2.86 3.32 20.67
N THR B 332 -3.17 3.29 21.96
CA THR B 332 -4.27 4.10 22.49
C THR B 332 -3.99 5.59 22.33
N TYR B 333 -2.75 5.98 22.59
CA TYR B 333 -2.34 7.37 22.43
C TYR B 333 -2.27 7.75 20.95
N LYS B 334 -1.82 6.82 20.12
CA LYS B 334 -1.72 7.08 18.68
C LYS B 334 -3.08 7.42 18.10
N ASP B 335 -4.10 6.66 18.52
CA ASP B 335 -5.45 6.78 17.97
C ASP B 335 -6.11 8.12 18.30
N SER B 336 -5.64 8.80 19.34
CA SER B 336 -6.22 10.08 19.73
C SER B 336 -6.00 11.14 18.66
N ARG B 337 -5.03 10.89 17.77
CA ARG B 337 -4.66 11.84 16.73
C ARG B 337 -5.37 11.57 15.41
N ASN B 338 -6.05 10.44 15.32
CA ASN B 338 -6.68 9.98 14.07
C ASN B 338 -7.59 11.00 13.40
N ALA B 339 -8.51 11.57 14.17
CA ALA B 339 -9.45 12.55 13.63
C ALA B 339 -8.73 13.84 13.23
N PHE B 340 -7.70 14.20 14.00
CA PHE B 340 -6.90 15.39 13.72
C PHE B 340 -6.14 15.22 12.41
N ARG B 341 -5.43 14.09 12.28
CA ARG B 341 -4.67 13.79 11.07
C ARG B 341 -5.55 13.76 9.82
N LYS B 342 -6.73 13.18 9.94
CA LYS B 342 -7.64 13.05 8.80
C LYS B 342 -8.10 14.42 8.30
N ALA B 343 -8.31 15.35 9.22
CA ALA B 343 -8.77 16.69 8.84
C ALA B 343 -7.70 17.45 8.07
N LEU B 344 -6.44 17.18 8.37
CA LEU B 344 -5.34 17.92 7.77
C LEU B 344 -4.74 17.23 6.55
N TYR B 345 -4.85 15.90 6.49
CA TYR B 345 -4.17 15.14 5.45
C TYR B 345 -5.10 14.21 4.66
N GLY B 346 -6.28 13.93 5.21
CA GLY B 346 -7.25 13.09 4.54
C GLY B 346 -6.96 11.60 4.65
N THR B 347 -5.99 11.25 5.50
CA THR B 347 -5.58 9.86 5.66
C THR B 347 -6.30 9.18 6.82
N THR B 348 -6.97 8.07 6.53
CA THR B 348 -7.73 7.34 7.54
C THR B 348 -6.81 6.51 8.44
N SER B 349 -5.55 6.43 8.05
CA SER B 349 -4.56 5.65 8.80
C SER B 349 -3.16 6.21 8.63
N GLU B 350 -2.35 6.10 9.68
CA GLU B 350 -0.96 6.49 9.61
C GLU B 350 -0.20 5.49 8.75
N SER B 351 0.94 5.91 8.19
CA SER B 351 1.76 5.04 7.37
C SER B 351 2.26 3.84 8.16
N ALA B 352 2.66 2.79 7.46
CA ALA B 352 3.19 1.59 8.10
C ALA B 352 4.36 1.94 9.02
N THR B 353 4.40 1.26 10.17
CA THR B 353 5.40 1.54 11.20
C THR B 353 6.83 1.48 10.66
N TRP B 354 7.14 0.46 9.86
CA TRP B 354 8.49 0.31 9.34
C TRP B 354 8.87 1.43 8.38
N ARG B 355 7.89 2.03 7.72
CA ARG B 355 8.14 3.14 6.81
C ARG B 355 8.51 4.40 7.61
N ARG B 356 7.68 4.74 8.58
CA ARG B 356 7.95 5.87 9.46
C ARG B 356 9.29 5.73 10.18
N CYS B 357 9.60 4.51 10.61
CA CYS B 357 10.84 4.23 11.34
C CYS B 357 12.07 4.37 10.44
N ALA B 358 11.95 3.91 9.21
CA ALA B 358 13.04 4.06 8.25
C ALA B 358 13.32 5.53 7.98
N ASN B 359 12.25 6.32 7.83
CA ASN B 359 12.39 7.75 7.61
C ASN B 359 12.96 8.47 8.83
N TYR B 360 12.52 8.04 10.02
CA TYR B 360 13.01 8.64 11.25
C TYR B 360 14.51 8.40 11.44
N VAL B 361 14.95 7.19 11.16
CA VAL B 361 16.37 6.86 11.27
C VAL B 361 17.18 7.64 10.24
N ASN B 362 16.63 7.77 9.03
CA ASN B 362 17.28 8.55 7.98
C ASN B 362 17.39 10.03 8.35
N GLY B 363 16.33 10.57 8.95
CA GLY B 363 16.30 11.96 9.37
C GLY B 363 17.22 12.29 10.54
N ASN B 364 17.54 11.30 11.36
CA ASN B 364 18.37 11.54 12.54
C ASN B 364 19.79 11.02 12.41
N MET B 365 20.03 10.19 11.39
CA MET B 365 21.37 9.65 11.12
C MET B 365 21.62 9.64 9.63
N GLU B 366 21.57 10.81 9.00
CA GLU B 366 21.55 10.90 7.55
C GLU B 366 22.83 10.42 6.88
N ASN B 367 23.95 10.52 7.59
CA ASN B 367 25.21 10.07 7.03
C ASN B 367 25.34 8.55 7.09
N ALA B 368 24.93 7.97 8.20
CA ALA B 368 24.97 6.52 8.39
C ALA B 368 24.00 5.82 7.43
N VAL B 369 22.78 6.36 7.32
CA VAL B 369 21.78 5.78 6.42
C VAL B 369 22.16 6.04 4.96
N GLY B 370 22.70 7.23 4.69
CA GLY B 370 23.17 7.57 3.36
C GLY B 370 24.23 6.60 2.89
N ARG B 371 25.10 6.19 3.80
CA ARG B 371 26.15 5.21 3.52
C ARG B 371 25.57 3.89 3.05
N LEU B 372 24.61 3.36 3.81
CA LEU B 372 23.98 2.08 3.48
C LEU B 372 23.24 2.15 2.14
N TYR B 373 22.62 3.29 1.88
CA TYR B 373 21.81 3.47 0.68
C TYR B 373 22.63 3.44 -0.60
N VAL B 374 23.70 4.25 -0.65
CA VAL B 374 24.49 4.37 -1.88
C VAL B 374 25.24 3.08 -2.20
N GLU B 375 25.54 2.29 -1.18
CA GLU B 375 26.21 1.01 -1.39
C GLU B 375 25.22 -0.02 -1.92
N ALA B 376 23.93 0.23 -1.68
CA ALA B 376 22.90 -0.73 -2.03
C ALA B 376 22.17 -0.37 -3.33
N ALA B 377 22.18 0.90 -3.72
CA ALA B 377 21.34 1.32 -4.84
C ALA B 377 21.91 2.43 -5.73
N PHE B 378 23.09 2.96 -5.40
CA PHE B 378 23.65 4.05 -6.20
C PHE B 378 24.98 3.71 -6.85
N ALA B 379 25.04 3.87 -8.16
CA ALA B 379 26.26 3.60 -8.93
C ALA B 379 27.14 4.85 -9.00
N GLY B 380 28.44 4.65 -8.88
CA GLY B 380 29.39 5.75 -8.85
C GLY B 380 29.65 6.43 -10.18
N GLU B 381 29.39 5.72 -11.28
CA GLU B 381 29.68 6.25 -12.61
C GLU B 381 28.69 7.35 -13.01
N SER B 382 27.74 7.64 -12.12
CA SER B 382 26.74 8.68 -12.37
C SER B 382 27.33 10.08 -12.18
N LYS B 383 28.37 10.18 -11.36
CA LYS B 383 28.91 11.49 -10.96
C LYS B 383 29.37 12.36 -12.11
N HIS B 384 30.41 11.93 -12.82
CA HIS B 384 31.03 12.78 -13.84
C HIS B 384 30.08 13.12 -14.98
N VAL B 385 29.08 12.27 -15.19
CA VAL B 385 28.06 12.53 -16.21
C VAL B 385 27.16 13.67 -15.75
N VAL B 386 26.71 13.59 -14.50
CA VAL B 386 25.88 14.64 -13.92
C VAL B 386 26.70 15.93 -13.78
N GLU B 387 27.98 15.78 -13.48
CA GLU B 387 28.90 16.92 -13.40
C GLU B 387 28.91 17.72 -14.69
N ASP B 388 29.05 17.02 -15.82
CA ASP B 388 29.14 17.66 -17.12
C ASP B 388 27.82 18.31 -17.49
N LEU B 389 26.71 17.66 -17.14
CA LEU B 389 25.38 18.22 -17.37
C LEU B 389 25.20 19.54 -16.64
N ILE B 390 25.68 19.61 -15.39
CA ILE B 390 25.58 20.82 -14.59
C ILE B 390 26.42 21.95 -15.21
N ALA B 391 27.62 21.59 -15.68
CA ALA B 391 28.49 22.57 -16.32
C ALA B 391 27.84 23.18 -17.57
N GLN B 392 27.15 22.35 -18.33
CA GLN B 392 26.46 22.82 -19.54
C GLN B 392 25.35 23.80 -19.20
N ILE B 393 24.54 23.45 -18.21
CA ILE B 393 23.38 24.25 -17.85
C ILE B 393 23.79 25.55 -17.17
N ARG B 394 24.88 25.50 -16.39
CA ARG B 394 25.45 26.72 -15.81
C ARG B 394 25.87 27.68 -16.92
N GLU B 395 26.54 27.13 -17.93
CA GLU B 395 27.00 27.93 -19.05
C GLU B 395 25.83 28.49 -19.86
N VAL B 396 24.78 27.68 -20.02
CA VAL B 396 23.56 28.14 -20.69
C VAL B 396 22.95 29.34 -19.97
N PHE B 397 22.86 29.26 -18.65
CA PHE B 397 22.33 30.37 -17.85
C PHE B 397 23.11 31.65 -18.14
N ILE B 398 24.43 31.54 -18.12
CA ILE B 398 25.32 32.67 -18.32
C ILE B 398 25.17 33.26 -19.73
N GLN B 399 25.10 32.40 -20.74
CA GLN B 399 24.89 32.85 -22.11
C GLN B 399 23.53 33.52 -22.28
N THR B 400 22.52 33.01 -21.58
CA THR B 400 21.16 33.54 -21.67
C THR B 400 21.08 34.99 -21.17
N LEU B 401 21.97 35.35 -20.23
CA LEU B 401 22.01 36.69 -19.67
C LEU B 401 22.11 37.76 -20.76
N ASP B 402 22.87 37.46 -21.81
CA ASP B 402 23.06 38.39 -22.92
C ASP B 402 21.77 38.60 -23.70
N ASP B 403 20.87 37.62 -23.62
CA ASP B 403 19.62 37.66 -24.38
C ASP B 403 18.49 38.37 -23.65
N LEU B 404 18.58 38.40 -22.31
CA LEU B 404 17.52 38.98 -21.49
C LEU B 404 17.55 40.51 -21.57
N THR B 405 16.41 41.10 -21.90
CA THR B 405 16.36 42.53 -22.21
C THR B 405 15.93 43.41 -21.04
N TRP B 406 15.60 42.81 -19.91
CA TRP B 406 15.11 43.58 -18.77
C TRP B 406 16.20 43.84 -17.71
N MET B 407 17.44 43.57 -18.07
CA MET B 407 18.58 43.88 -17.20
C MET B 407 19.59 44.78 -17.91
N ASP B 408 20.22 45.67 -17.15
CA ASP B 408 21.30 46.48 -17.70
C ASP B 408 22.63 45.74 -17.59
N ALA B 409 23.65 46.28 -18.26
CA ALA B 409 24.94 45.62 -18.39
C ALA B 409 25.60 45.31 -17.05
N GLU B 410 25.53 46.26 -16.12
CA GLU B 410 26.21 46.08 -14.83
C GLU B 410 25.56 44.97 -14.00
N THR B 411 24.24 44.87 -14.06
CA THR B 411 23.54 43.83 -13.31
C THR B 411 23.79 42.46 -13.93
N LYS B 412 23.85 42.40 -15.26
CA LYS B 412 24.16 41.17 -15.96
C LYS B 412 25.52 40.62 -15.57
N LYS B 413 26.51 41.52 -15.47
CA LYS B 413 27.86 41.11 -15.12
C LYS B 413 27.90 40.59 -13.69
N LYS B 414 27.10 41.18 -12.81
CA LYS B 414 27.06 40.73 -11.42
C LYS B 414 26.32 39.40 -11.32
N ALA B 415 25.28 39.22 -12.14
CA ALA B 415 24.56 37.97 -12.18
C ALA B 415 25.48 36.84 -12.65
N GLU B 416 26.32 37.14 -13.65
CA GLU B 416 27.28 36.17 -14.15
C GLU B 416 28.29 35.80 -13.07
N GLU B 417 28.74 36.80 -12.31
CA GLU B 417 29.70 36.57 -11.23
C GLU B 417 29.15 35.61 -10.19
N LYS B 418 27.88 35.77 -9.83
CA LYS B 418 27.26 34.86 -8.87
C LYS B 418 27.11 33.46 -9.46
N ALA B 419 26.77 33.39 -10.75
CA ALA B 419 26.56 32.10 -11.41
C ALA B 419 27.85 31.29 -11.45
N LEU B 420 28.97 31.94 -11.74
CA LEU B 420 30.27 31.29 -11.78
C LEU B 420 30.72 30.82 -10.41
N ALA B 421 30.22 31.47 -9.36
CA ALA B 421 30.62 31.16 -7.99
C ALA B 421 29.81 30.01 -7.39
N ILE B 422 28.75 29.59 -8.08
CA ILE B 422 27.92 28.49 -7.60
C ILE B 422 28.73 27.19 -7.48
N LYS B 423 28.70 26.58 -6.29
CA LYS B 423 29.38 25.31 -6.06
C LYS B 423 28.39 24.15 -6.06
N GLU B 424 28.82 22.98 -6.49
CA GLU B 424 27.91 21.86 -6.68
C GLU B 424 28.20 20.69 -5.73
N ARG B 425 27.12 19.99 -5.35
CA ARG B 425 27.24 18.78 -4.55
C ARG B 425 26.47 17.65 -5.25
N ILE B 426 27.14 16.52 -5.47
CA ILE B 426 26.54 15.44 -6.25
C ILE B 426 26.66 14.08 -5.57
N GLY B 427 25.54 13.37 -5.48
CA GLY B 427 25.51 12.01 -4.99
C GLY B 427 25.59 11.88 -3.48
N TYR B 428 26.80 11.91 -2.94
CA TYR B 428 27.02 11.76 -1.51
C TYR B 428 28.41 12.24 -1.12
N PRO B 429 28.58 12.67 0.14
CA PRO B 429 29.92 12.99 0.65
C PRO B 429 30.76 11.73 0.79
N ASP B 430 31.90 11.70 0.12
CA ASP B 430 32.74 10.50 0.04
C ASP B 430 33.09 9.88 1.39
N ASP B 431 33.39 10.71 2.38
CA ASP B 431 33.96 10.23 3.64
C ASP B 431 32.98 9.42 4.51
N ILE B 432 31.71 9.38 4.12
CA ILE B 432 30.75 8.55 4.86
C ILE B 432 30.90 7.09 4.47
N VAL B 433 31.66 6.84 3.40
CA VAL B 433 31.94 5.49 2.95
C VAL B 433 33.40 5.15 3.15
N SER B 434 34.28 6.12 2.92
CA SER B 434 35.72 5.89 2.98
C SER B 434 36.35 6.16 4.35
N ASN B 435 35.62 6.82 5.25
CA ASN B 435 36.17 7.16 6.56
C ASN B 435 35.29 6.66 7.71
N ASP B 436 35.49 5.40 8.09
CA ASP B 436 34.69 4.77 9.14
C ASP B 436 34.84 5.49 10.48
N ASN B 437 36.06 5.89 10.80
CA ASN B 437 36.35 6.47 12.12
C ASN B 437 35.62 7.79 12.35
N LYS B 438 35.61 8.65 11.33
CA LYS B 438 34.89 9.92 11.41
C LYS B 438 33.40 9.69 11.61
N LEU B 439 32.84 8.78 10.82
CA LEU B 439 31.41 8.48 10.86
C LEU B 439 31.02 7.92 12.23
N ASN B 440 31.85 7.03 12.75
CA ASN B 440 31.66 6.49 14.09
C ASN B 440 31.65 7.60 15.14
N ASN B 441 32.56 8.55 15.00
CA ASN B 441 32.70 9.61 15.98
C ASN B 441 31.61 10.66 15.87
N GLU B 442 30.94 10.71 14.72
CA GLU B 442 29.82 11.63 14.54
C GLU B 442 28.69 11.27 15.50
N TYR B 443 28.51 9.98 15.75
CA TYR B 443 27.43 9.49 16.59
C TYR B 443 27.92 8.93 17.93
N LEU B 444 29.15 9.23 18.29
CA LEU B 444 29.79 8.64 19.47
C LEU B 444 28.97 8.85 20.75
N GLU B 445 28.44 10.04 20.92
CA GLU B 445 27.72 10.38 22.15
C GLU B 445 26.30 9.82 22.20
N LEU B 446 25.84 9.25 21.08
CA LEU B 446 24.53 8.62 21.06
C LEU B 446 24.61 7.20 21.63
N ASN B 447 23.67 6.86 22.50
CA ASN B 447 23.66 5.55 23.15
C ASN B 447 22.24 4.99 23.16
N TYR B 448 21.87 4.36 22.06
CA TYR B 448 20.53 3.81 21.91
C TYR B 448 20.36 2.47 22.62
N LYS B 449 19.13 2.16 23.00
CA LYS B 449 18.80 0.87 23.57
C LYS B 449 17.53 0.33 22.90
N GLU B 450 17.56 -0.96 22.58
CA GLU B 450 16.56 -1.57 21.71
C GLU B 450 15.16 -1.61 22.33
N ASP B 451 15.09 -1.64 23.66
CA ASP B 451 13.80 -1.73 24.33
C ASP B 451 13.24 -0.37 24.76
N GLU B 452 13.96 0.71 24.48
CA GLU B 452 13.51 2.03 24.93
C GLU B 452 13.47 3.02 23.77
N TYR B 453 12.45 2.92 22.93
CA TYR B 453 12.28 3.81 21.79
C TYR B 453 12.07 5.27 22.18
N PHE B 454 11.25 5.51 23.21
CA PHE B 454 10.93 6.86 23.63
C PHE B 454 12.15 7.57 24.22
N GLU B 455 12.94 6.85 25.01
CA GLU B 455 14.19 7.39 25.53
C GLU B 455 15.13 7.74 24.39
N ASN B 456 15.13 6.90 23.35
CA ASN B 456 15.98 7.13 22.19
C ASN B 456 15.63 8.44 21.48
N ILE B 457 14.34 8.70 21.29
CA ILE B 457 13.93 9.88 20.55
C ILE B 457 14.11 11.13 21.40
N ILE B 458 14.04 10.98 22.73
CA ILE B 458 14.30 12.08 23.64
C ILE B 458 15.78 12.42 23.59
N GLN B 459 16.60 11.37 23.51
CA GLN B 459 18.04 11.53 23.38
C GLN B 459 18.37 12.29 22.09
N ASN B 460 17.65 11.96 21.01
CA ASN B 460 17.88 12.62 19.72
C ASN B 460 17.49 14.09 19.72
N LEU B 461 16.37 14.42 20.37
CA LEU B 461 15.94 15.82 20.49
C LEU B 461 17.00 16.66 21.20
N LYS B 462 17.52 16.14 22.31
CA LYS B 462 18.54 16.85 23.07
C LYS B 462 19.84 16.99 22.29
N PHE B 463 20.20 15.94 21.56
CA PHE B 463 21.43 15.92 20.77
C PHE B 463 21.37 16.94 19.64
N SER B 464 20.21 17.01 18.99
CA SER B 464 20.02 17.92 17.86
C SER B 464 20.14 19.38 18.31
N GLN B 465 19.45 19.73 19.38
CA GLN B 465 19.50 21.10 19.89
C GLN B 465 20.88 21.49 20.37
N SER B 466 21.49 20.61 21.17
CA SER B 466 22.84 20.85 21.67
C SER B 466 23.83 21.10 20.54
N LYS B 467 23.74 20.28 19.49
CA LYS B 467 24.60 20.40 18.32
C LYS B 467 24.46 21.77 17.65
N GLN B 468 23.23 22.24 17.51
CA GLN B 468 22.96 23.51 16.83
C GLN B 468 23.35 24.70 17.71
N LEU B 469 22.99 24.65 18.98
CA LEU B 469 23.26 25.74 19.92
C LEU B 469 24.76 26.01 20.08
N LYS B 470 25.55 24.96 20.03
CA LYS B 470 27.01 25.07 20.20
C LYS B 470 27.69 25.83 19.06
N LYS B 471 26.99 26.03 17.96
CA LYS B 471 27.59 26.66 16.79
C LYS B 471 27.74 28.17 16.88
N LEU B 472 27.14 28.78 17.91
CA LEU B 472 27.04 30.24 18.00
C LEU B 472 28.37 30.97 17.82
N ARG B 473 29.41 30.48 18.49
CA ARG B 473 30.72 31.13 18.40
C ARG B 473 31.61 30.49 17.34
N GLU B 474 31.06 29.52 16.62
CA GLU B 474 31.84 28.80 15.61
C GLU B 474 31.61 29.36 14.21
N LYS B 475 32.58 29.14 13.33
CA LYS B 475 32.43 29.50 11.93
C LYS B 475 31.60 28.45 11.20
N VAL B 476 30.93 28.86 10.13
CA VAL B 476 30.13 27.93 9.34
C VAL B 476 31.02 26.90 8.66
N ASP B 477 30.65 25.63 8.79
CA ASP B 477 31.43 24.54 8.22
C ASP B 477 31.25 24.47 6.71
N LYS B 478 32.36 24.60 5.99
CA LYS B 478 32.36 24.62 4.53
C LYS B 478 31.84 23.33 3.91
N ASP B 479 32.45 22.21 4.28
CA ASP B 479 32.23 20.93 3.59
C ASP B 479 30.95 20.23 4.00
N GLU B 480 30.29 20.74 5.02
CA GLU B 480 29.07 20.13 5.54
C GLU B 480 27.96 20.09 4.48
N TRP B 481 27.30 18.94 4.37
CA TRP B 481 26.21 18.77 3.41
C TRP B 481 24.88 19.23 4.01
N ILE B 482 23.98 19.73 3.16
CA ILE B 482 22.72 20.25 3.63
C ILE B 482 21.59 19.22 3.49
N THR B 483 21.94 18.01 3.04
CA THR B 483 20.96 16.93 2.91
C THR B 483 21.63 15.57 2.93
N GLY B 484 20.89 14.56 3.41
CA GLY B 484 21.35 13.19 3.32
C GLY B 484 21.30 12.73 1.87
N ALA B 485 22.03 11.67 1.57
CA ALA B 485 22.08 11.13 0.21
C ALA B 485 20.82 10.34 -0.13
N ALA B 486 20.19 9.75 0.89
CA ALA B 486 19.00 8.93 0.68
C ALA B 486 17.75 9.80 0.62
N ILE B 487 17.74 10.74 -0.32
CA ILE B 487 16.67 11.73 -0.46
C ILE B 487 16.30 11.90 -1.93
N VAL B 488 15.02 11.83 -2.23
CA VAL B 488 14.54 12.09 -3.59
C VAL B 488 14.12 13.55 -3.70
N ASN B 489 15.11 14.40 -3.95
CA ASN B 489 14.90 15.85 -4.01
C ASN B 489 16.19 16.53 -4.46
N ALA B 490 16.12 17.83 -4.70
CA ALA B 490 17.31 18.63 -4.99
C ALA B 490 17.16 19.98 -4.32
N PHE B 491 18.26 20.69 -4.09
CA PHE B 491 18.20 21.90 -3.28
C PHE B 491 19.12 23.02 -3.74
N TYR B 492 18.74 24.24 -3.40
CA TYR B 492 19.64 25.39 -3.51
C TYR B 492 19.82 26.04 -2.14
N SER B 493 21.06 26.37 -1.79
CA SER B 493 21.35 27.08 -0.55
C SER B 493 21.81 28.51 -0.86
N SER B 494 21.01 29.48 -0.47
CA SER B 494 21.37 30.88 -0.69
C SER B 494 22.56 31.29 0.18
N GLY B 495 22.63 30.73 1.39
CA GLY B 495 23.72 31.04 2.30
C GLY B 495 25.07 30.49 1.86
N ARG B 496 25.05 29.37 1.15
CA ARG B 496 26.28 28.74 0.69
C ARG B 496 26.49 28.93 -0.81
N ASN B 497 25.49 29.51 -1.47
CA ASN B 497 25.44 29.62 -2.93
C ASN B 497 25.82 28.30 -3.60
N GLN B 498 25.11 27.24 -3.23
CA GLN B 498 25.40 25.94 -3.80
C GLN B 498 24.16 25.20 -4.26
N ILE B 499 24.34 24.29 -5.21
CA ILE B 499 23.27 23.41 -5.67
C ILE B 499 23.61 21.97 -5.31
N VAL B 500 22.64 21.23 -4.80
CA VAL B 500 22.90 19.89 -4.30
C VAL B 500 21.98 18.86 -4.95
N PHE B 501 22.58 17.78 -5.44
CA PHE B 501 21.83 16.71 -6.09
C PHE B 501 22.20 15.37 -5.47
N PRO B 502 21.44 14.96 -4.44
CA PRO B 502 21.72 13.71 -3.72
C PRO B 502 21.44 12.49 -4.58
N ALA B 503 22.00 11.35 -4.18
CA ALA B 503 21.91 10.10 -4.94
C ALA B 503 20.46 9.70 -5.24
N GLY B 504 19.56 9.98 -4.31
CA GLY B 504 18.17 9.59 -4.44
C GLY B 504 17.42 10.11 -5.65
N ILE B 505 17.86 11.27 -6.18
CA ILE B 505 17.18 11.86 -7.32
C ILE B 505 17.86 11.50 -8.65
N LEU B 506 19.03 10.88 -8.56
CA LEU B 506 19.77 10.51 -9.76
C LEU B 506 19.36 9.12 -10.25
N GLN B 507 18.09 9.01 -10.64
CA GLN B 507 17.50 7.76 -11.10
C GLN B 507 16.36 8.07 -12.07
N PRO B 508 15.95 7.07 -12.88
CA PRO B 508 14.79 7.28 -13.77
C PRO B 508 13.55 7.69 -12.98
N PRO B 509 12.70 8.56 -13.55
CA PRO B 509 12.81 9.12 -14.91
C PRO B 509 13.69 10.38 -15.01
N PHE B 510 14.30 10.81 -13.91
CA PHE B 510 15.15 11.99 -13.92
C PHE B 510 16.41 11.76 -14.74
N PHE B 511 17.15 10.72 -14.40
CA PHE B 511 18.42 10.44 -15.06
C PHE B 511 18.72 8.96 -15.16
N SER B 512 19.31 8.57 -16.29
CA SER B 512 19.75 7.21 -16.53
C SER B 512 20.66 7.18 -17.75
N ALA B 513 21.78 6.49 -17.64
CA ALA B 513 22.67 6.28 -18.79
C ALA B 513 22.01 5.37 -19.83
N GLN B 514 20.88 4.77 -19.45
CA GLN B 514 20.17 3.86 -20.34
C GLN B 514 18.91 4.49 -20.94
N GLN B 515 18.78 5.81 -20.83
CA GLN B 515 17.69 6.50 -21.52
C GLN B 515 18.25 7.61 -22.40
N SER B 516 17.42 8.12 -23.30
CA SER B 516 17.84 9.13 -24.27
C SER B 516 18.28 10.42 -23.60
N ASN B 517 19.07 11.21 -24.31
CA ASN B 517 19.51 12.51 -23.80
C ASN B 517 18.32 13.45 -23.63
N SER B 518 17.36 13.36 -24.56
CA SER B 518 16.15 14.15 -24.49
C SER B 518 15.43 13.96 -23.16
N LEU B 519 15.37 12.71 -22.71
CA LEU B 519 14.70 12.39 -21.45
C LEU B 519 15.50 12.90 -20.25
N ASN B 520 16.83 12.79 -20.33
CA ASN B 520 17.70 13.26 -19.27
C ASN B 520 17.64 14.78 -19.07
N TYR B 521 17.73 15.52 -20.18
CA TYR B 521 17.65 16.97 -20.12
C TYR B 521 16.26 17.43 -19.66
N GLY B 522 15.22 16.74 -20.10
CA GLY B 522 13.86 17.07 -19.69
C GLY B 522 13.58 16.69 -18.24
N GLY B 523 14.43 15.83 -17.68
CA GLY B 523 14.25 15.36 -16.32
C GLY B 523 15.22 16.03 -15.36
N ILE B 524 16.38 15.43 -15.17
CA ILE B 524 17.39 15.96 -14.26
C ILE B 524 17.92 17.30 -14.76
N GLY B 525 17.93 17.49 -16.09
CA GLY B 525 18.39 18.74 -16.67
C GLY B 525 17.52 19.91 -16.23
N MET B 526 16.21 19.71 -16.25
CA MET B 526 15.28 20.74 -15.81
C MET B 526 15.44 21.00 -14.31
N VAL B 527 15.69 19.93 -13.56
CA VAL B 527 15.89 20.03 -12.12
C VAL B 527 17.15 20.83 -11.80
N ILE B 528 18.24 20.56 -12.51
CA ILE B 528 19.47 21.32 -12.37
C ILE B 528 19.24 22.80 -12.65
N GLY B 529 18.51 23.08 -13.73
CA GLY B 529 18.16 24.45 -14.08
C GLY B 529 17.30 25.09 -13.00
N HIS B 530 16.41 24.29 -12.44
CA HIS B 530 15.52 24.74 -11.35
C HIS B 530 16.32 25.22 -10.14
N GLU B 531 17.31 24.43 -9.73
CA GLU B 531 18.09 24.76 -8.53
C GLU B 531 19.00 25.98 -8.75
N ILE B 532 19.59 26.08 -9.94
CA ILE B 532 20.42 27.23 -10.27
C ILE B 532 19.58 28.52 -10.26
N THR B 533 18.39 28.45 -10.85
CA THR B 533 17.51 29.61 -10.97
C THR B 533 17.07 30.11 -9.59
N HIS B 534 17.01 29.20 -8.61
CA HIS B 534 16.70 29.57 -7.24
C HIS B 534 17.66 30.62 -6.69
N GLY B 535 18.89 30.61 -7.21
CA GLY B 535 19.88 31.59 -6.81
C GLY B 535 19.53 32.98 -7.31
N PHE B 536 18.48 33.06 -8.12
CA PHE B 536 18.11 34.31 -8.76
C PHE B 536 16.61 34.56 -8.70
N ASP B 537 15.90 33.88 -7.80
CA ASP B 537 14.47 34.12 -7.68
C ASP B 537 14.21 35.29 -6.73
N ASP B 538 12.95 35.48 -6.33
CA ASP B 538 12.60 36.65 -5.51
C ASP B 538 13.29 36.62 -4.13
N ASN B 539 13.74 35.44 -3.71
CA ASN B 539 14.54 35.34 -2.49
C ASN B 539 16.03 35.34 -2.78
N GLY B 540 16.46 34.37 -3.59
CA GLY B 540 17.87 34.16 -3.88
C GLY B 540 18.62 35.33 -4.49
N ARG B 541 17.93 36.14 -5.29
CA ARG B 541 18.60 37.25 -5.98
C ARG B 541 19.16 38.28 -5.00
N ASN B 542 18.67 38.24 -3.76
CA ASN B 542 19.09 39.18 -2.74
C ASN B 542 20.40 38.82 -2.07
N PHE B 543 20.92 37.63 -2.38
CA PHE B 543 22.18 37.16 -1.81
C PHE B 543 23.29 37.17 -2.85
N ASN B 544 24.49 37.54 -2.45
CA ASN B 544 25.59 37.63 -3.41
C ASN B 544 26.34 36.31 -3.56
N LYS B 545 27.42 36.33 -4.33
CA LYS B 545 28.17 35.12 -4.66
C LYS B 545 28.73 34.42 -3.42
N ASP B 546 28.89 35.17 -2.33
CA ASP B 546 29.48 34.61 -1.11
C ASP B 546 28.41 34.14 -0.12
N GLY B 547 27.14 34.36 -0.47
CA GLY B 547 26.04 33.94 0.38
C GLY B 547 25.55 35.02 1.31
N ASP B 548 26.02 36.24 1.10
CA ASP B 548 25.65 37.36 1.97
C ASP B 548 24.48 38.17 1.42
N LEU B 549 23.58 38.55 2.32
CA LEU B 549 22.44 39.39 2.00
C LEU B 549 22.90 40.80 1.64
N VAL B 550 23.26 41.00 0.38
CA VAL B 550 23.79 42.28 -0.11
C VAL B 550 23.18 42.61 -1.47
N ASP B 551 22.76 43.87 -1.65
CA ASP B 551 22.11 44.29 -2.89
C ASP B 551 23.12 44.51 -4.02
N TRP B 552 23.08 43.64 -5.03
CA TRP B 552 23.94 43.82 -6.20
C TRP B 552 23.13 44.20 -7.45
N TRP B 553 21.89 44.65 -7.24
CA TRP B 553 21.02 45.06 -8.33
C TRP B 553 20.93 46.57 -8.47
N THR B 554 20.93 47.07 -9.71
CA THR B 554 20.60 48.48 -9.93
C THR B 554 19.11 48.63 -9.66
N GLN B 555 18.68 49.84 -9.34
CA GLN B 555 17.28 50.10 -9.03
C GLN B 555 16.38 49.74 -10.22
N GLN B 556 16.82 50.10 -11.42
CA GLN B 556 16.03 49.85 -12.62
C GLN B 556 15.86 48.35 -12.89
N SER B 557 16.95 47.60 -12.75
CA SER B 557 16.92 46.16 -12.98
C SER B 557 16.12 45.44 -11.91
N ALA B 558 16.25 45.90 -10.66
CA ALA B 558 15.48 45.34 -9.57
C ALA B 558 13.99 45.56 -9.79
N ASN B 559 13.62 46.78 -10.18
CA ASN B 559 12.23 47.09 -10.49
C ASN B 559 11.73 46.29 -11.69
N ASN B 560 12.63 46.03 -12.63
CA ASN B 560 12.27 45.21 -13.79
C ASN B 560 12.05 43.75 -13.40
N PHE B 561 12.86 43.25 -12.46
CA PHE B 561 12.67 41.89 -11.95
C PHE B 561 11.26 41.77 -11.37
N LYS B 562 10.83 42.79 -10.62
CA LYS B 562 9.53 42.76 -9.99
C LYS B 562 8.41 42.83 -11.02
N GLU B 563 8.62 43.59 -12.09
CA GLU B 563 7.63 43.68 -13.16
C GLU B 563 7.49 42.35 -13.91
N GLN B 564 8.62 41.77 -14.28
CA GLN B 564 8.62 40.50 -15.00
C GLN B 564 7.97 39.38 -14.19
N SER B 565 8.34 39.30 -12.91
CA SER B 565 7.85 38.23 -12.05
C SER B 565 6.39 38.43 -11.64
N GLN B 566 5.91 39.67 -11.67
CA GLN B 566 4.53 39.96 -11.32
C GLN B 566 3.56 39.26 -12.28
N CYS B 567 4.00 39.09 -13.53
CA CYS B 567 3.24 38.35 -14.53
C CYS B 567 2.93 36.94 -14.03
N MET B 568 3.92 36.31 -13.39
CA MET B 568 3.74 34.94 -12.88
C MET B 568 2.89 34.91 -11.60
N VAL B 569 2.94 35.99 -10.83
CA VAL B 569 2.09 36.12 -9.65
C VAL B 569 0.63 36.06 -10.05
N TYR B 570 0.29 36.76 -11.13
CA TYR B 570 -1.08 36.79 -11.64
C TYR B 570 -1.45 35.48 -12.31
N GLN B 571 -0.54 34.96 -13.13
CA GLN B 571 -0.78 33.72 -13.88
C GLN B 571 -1.14 32.56 -12.95
N TYR B 572 -0.27 32.28 -11.99
CA TYR B 572 -0.50 31.16 -11.07
C TYR B 572 -1.58 31.50 -10.05
N GLY B 573 -1.73 32.79 -9.76
CA GLY B 573 -2.77 33.25 -8.86
C GLY B 573 -4.15 33.05 -9.43
N ASN B 574 -4.24 33.06 -10.76
CA ASN B 574 -5.51 32.86 -11.46
C ASN B 574 -5.91 31.39 -11.60
N PHE B 575 -4.99 30.47 -11.33
CA PHE B 575 -5.30 29.04 -11.41
C PHE B 575 -6.24 28.61 -10.28
N SER B 576 -7.38 28.03 -10.65
CA SER B 576 -8.31 27.47 -9.66
C SER B 576 -8.16 25.95 -9.59
N TRP B 577 -8.03 25.42 -8.38
CA TRP B 577 -7.73 24.01 -8.17
C TRP B 577 -8.97 23.22 -7.74
N ASP B 578 -9.47 22.36 -8.62
CA ASP B 578 -10.68 21.59 -8.36
C ASP B 578 -10.53 20.66 -7.16
N LEU B 579 -9.34 20.10 -6.98
CA LEU B 579 -9.08 19.21 -5.85
C LEU B 579 -9.15 19.96 -4.52
N ALA B 580 -9.00 21.28 -4.58
CA ALA B 580 -9.10 22.12 -3.39
C ALA B 580 -10.42 22.88 -3.35
N GLY B 581 -11.40 22.38 -4.08
CA GLY B 581 -12.72 22.99 -4.11
C GLY B 581 -12.76 24.33 -4.82
N GLY B 582 -12.01 24.44 -5.91
CA GLY B 582 -12.02 25.65 -6.72
C GLY B 582 -11.16 26.78 -6.20
N GLN B 583 -10.55 26.59 -5.04
CA GLN B 583 -9.67 27.60 -4.46
C GLN B 583 -8.44 27.84 -5.33
N HIS B 584 -7.98 29.09 -5.35
CA HIS B 584 -6.86 29.47 -6.21
C HIS B 584 -5.52 29.32 -5.49
N LEU B 585 -4.46 29.14 -6.28
CA LEU B 585 -3.10 29.04 -5.75
C LEU B 585 -2.62 30.40 -5.24
N ASN B 586 -1.70 30.38 -4.29
CA ASN B 586 -1.07 31.59 -3.80
C ASN B 586 0.05 32.01 -4.74
N GLY B 587 -0.25 32.95 -5.63
CA GLY B 587 0.71 33.40 -6.62
C GLY B 587 1.94 34.06 -6.02
N ILE B 588 1.79 34.59 -4.81
CA ILE B 588 2.90 35.26 -4.14
C ILE B 588 3.82 34.25 -3.45
N ASN B 589 3.24 33.31 -2.72
CA ASN B 589 4.05 32.37 -1.93
C ASN B 589 4.67 31.27 -2.78
N THR B 590 4.13 31.05 -3.98
CA THR B 590 4.68 30.05 -4.88
C THR B 590 5.59 30.67 -5.94
N LEU B 591 5.76 31.98 -5.87
CA LEU B 591 6.48 32.73 -6.90
C LEU B 591 7.89 32.19 -7.15
N GLY B 592 8.66 32.01 -6.08
CA GLY B 592 10.03 31.54 -6.19
C GLY B 592 10.17 30.20 -6.88
N GLU B 593 9.30 29.25 -6.53
CA GLU B 593 9.34 27.93 -7.15
C GLU B 593 8.91 28.01 -8.61
N ASN B 594 7.91 28.85 -8.89
CA ASN B 594 7.44 29.00 -10.26
C ASN B 594 8.48 29.66 -11.16
N ILE B 595 9.22 30.61 -10.60
CA ILE B 595 10.33 31.24 -11.34
C ILE B 595 11.38 30.18 -11.65
N ALA B 596 11.66 29.33 -10.68
CA ALA B 596 12.65 28.27 -10.82
C ALA B 596 12.22 27.27 -11.89
N ASP B 597 10.94 26.91 -11.89
CA ASP B 597 10.40 26.00 -12.90
C ASP B 597 10.51 26.59 -14.30
N ASN B 598 10.02 27.82 -14.46
CA ASN B 598 9.95 28.45 -15.77
C ASN B 598 11.32 28.73 -16.38
N GLY B 599 12.27 29.11 -15.54
CA GLY B 599 13.64 29.33 -16.00
C GLY B 599 14.34 28.01 -16.29
N GLY B 600 14.18 27.05 -15.38
CA GLY B 600 14.85 25.76 -15.49
C GLY B 600 14.50 24.97 -16.74
N ILE B 601 13.23 24.93 -17.08
CA ILE B 601 12.78 24.17 -18.25
C ILE B 601 13.40 24.75 -19.54
N GLY B 602 13.51 26.08 -19.59
CA GLY B 602 14.07 26.75 -20.75
C GLY B 602 15.57 26.53 -20.85
N GLN B 603 16.25 26.54 -19.71
CA GLN B 603 17.69 26.32 -19.67
C GLN B 603 18.04 24.89 -20.10
N ALA B 604 17.24 23.93 -19.64
CA ALA B 604 17.47 22.52 -19.97
C ALA B 604 17.25 22.27 -21.46
N TYR B 605 16.25 22.94 -22.03
CA TYR B 605 15.93 22.78 -23.45
C TYR B 605 17.03 23.38 -24.32
N ARG B 606 17.53 24.55 -23.93
CA ARG B 606 18.63 25.20 -24.64
C ARG B 606 19.86 24.32 -24.63
N ALA B 607 20.16 23.74 -23.47
CA ALA B 607 21.30 22.85 -23.33
C ALA B 607 21.15 21.60 -24.19
N TYR B 608 19.91 21.13 -24.35
CA TYR B 608 19.66 19.96 -25.19
C TYR B 608 19.86 20.29 -26.66
N GLN B 609 19.42 21.48 -27.06
CA GLN B 609 19.65 21.96 -28.42
C GLN B 609 21.13 22.03 -28.74
N ASN B 610 21.92 22.51 -27.79
CA ASN B 610 23.36 22.59 -27.96
C ASN B 610 23.97 21.19 -28.10
N TYR B 611 23.41 20.22 -27.38
CA TYR B 611 23.86 18.84 -27.47
C TYR B 611 23.65 18.27 -28.87
N VAL B 612 22.45 18.50 -29.42
CA VAL B 612 22.09 18.01 -30.73
C VAL B 612 22.94 18.65 -31.83
N LYS B 613 23.15 19.95 -31.74
CA LYS B 613 24.01 20.65 -32.70
C LYS B 613 25.45 20.14 -32.62
N LYS B 614 25.83 19.66 -31.44
CA LYS B 614 27.18 19.18 -31.19
C LYS B 614 27.38 17.71 -31.58
N ASN B 615 26.39 16.87 -31.29
CA ASN B 615 26.55 15.43 -31.47
C ASN B 615 25.58 14.80 -32.48
N GLY B 616 24.63 15.59 -32.98
CA GLY B 616 23.67 15.09 -33.94
C GLY B 616 22.39 14.61 -33.30
N GLU B 617 21.39 14.31 -34.14
CA GLU B 617 20.10 13.87 -33.67
C GLU B 617 20.16 12.46 -33.06
N GLU B 618 19.22 12.16 -32.18
CA GLU B 618 19.10 10.83 -31.58
C GLU B 618 18.12 9.97 -32.37
N LYS B 619 18.35 8.67 -32.39
CA LYS B 619 17.43 7.74 -33.03
C LYS B 619 16.10 7.74 -32.28
N LEU B 620 15.01 7.61 -33.02
CA LEU B 620 13.67 7.66 -32.43
C LEU B 620 13.41 6.50 -31.50
N LEU B 621 12.46 6.67 -30.59
CA LEU B 621 12.00 5.59 -29.74
C LEU B 621 10.92 4.80 -30.46
N PRO B 622 10.97 3.47 -30.37
CA PRO B 622 9.99 2.62 -31.05
C PRO B 622 8.62 2.64 -30.38
N GLY B 623 7.55 2.53 -31.17
CA GLY B 623 6.21 2.41 -30.64
C GLY B 623 5.58 3.71 -30.18
N ILE B 624 6.30 4.81 -30.33
CA ILE B 624 5.77 6.12 -29.96
C ILE B 624 6.17 7.16 -31.01
N ASP B 625 5.17 7.79 -31.61
CA ASP B 625 5.38 8.65 -32.77
C ASP B 625 5.62 10.11 -32.37
N LEU B 626 6.72 10.34 -31.66
CA LEU B 626 7.11 11.69 -31.27
C LEU B 626 8.59 11.90 -31.55
N ASN B 627 8.97 13.12 -31.93
CA ASN B 627 10.38 13.44 -32.08
C ASN B 627 10.99 13.72 -30.72
N HIS B 628 12.31 13.83 -30.66
CA HIS B 628 12.98 13.97 -29.37
C HIS B 628 12.77 15.34 -28.74
N LYS B 629 12.43 16.34 -29.55
CA LYS B 629 12.02 17.63 -29.01
C LYS B 629 10.74 17.45 -28.20
N GLN B 630 9.81 16.67 -28.75
CA GLN B 630 8.56 16.37 -28.07
C GLN B 630 8.77 15.49 -26.84
N LEU B 631 9.67 14.52 -26.96
CA LEU B 631 9.98 13.61 -25.86
C LEU B 631 10.57 14.35 -24.65
N PHE B 632 11.35 15.40 -24.94
CA PHE B 632 11.89 16.27 -23.89
C PHE B 632 10.76 16.75 -22.98
N PHE B 633 9.73 17.33 -23.60
CA PHE B 633 8.63 17.91 -22.85
C PHE B 633 7.74 16.83 -22.21
N LEU B 634 7.64 15.68 -22.86
CA LEU B 634 6.85 14.58 -22.32
C LEU B 634 7.45 14.05 -21.01
N ASN B 635 8.77 13.90 -20.98
CA ASN B 635 9.43 13.41 -19.77
C ASN B 635 9.38 14.44 -18.66
N PHE B 636 9.49 15.71 -19.04
CA PHE B 636 9.38 16.80 -18.06
C PHE B 636 8.04 16.71 -17.33
N ALA B 637 6.97 16.54 -18.09
CA ALA B 637 5.63 16.47 -17.51
C ALA B 637 5.43 15.21 -16.67
N GLN B 638 5.95 14.07 -17.14
CA GLN B 638 5.73 12.81 -16.44
C GLN B 638 6.53 12.77 -15.14
N VAL B 639 7.53 13.63 -15.03
CA VAL B 639 8.27 13.82 -13.79
C VAL B 639 7.34 14.37 -12.71
N TRP B 640 6.33 15.13 -13.14
CA TRP B 640 5.42 15.78 -12.20
C TRP B 640 4.00 15.21 -12.18
N CYS B 641 3.82 14.03 -12.78
CA CYS B 641 2.53 13.33 -12.68
C CYS B 641 2.15 13.15 -11.21
N GLY B 642 0.90 13.40 -10.88
CA GLY B 642 0.45 13.26 -9.50
C GLY B 642 -0.97 13.71 -9.23
N THR B 643 -1.44 13.42 -8.03
CA THR B 643 -2.77 13.82 -7.59
C THR B 643 -2.80 14.00 -6.07
N TYR B 644 -3.84 14.67 -5.57
CA TYR B 644 -3.91 15.04 -4.16
C TYR B 644 -5.24 14.65 -3.50
N ARG B 645 -5.20 14.35 -2.21
CA ARG B 645 -6.43 14.28 -1.43
C ARG B 645 -6.95 15.69 -1.18
N PRO B 646 -8.27 15.88 -1.23
CA PRO B 646 -8.90 17.19 -1.03
C PRO B 646 -8.49 17.88 0.28
N GLU B 647 -8.39 17.12 1.36
CA GLU B 647 -7.97 17.66 2.65
C GLU B 647 -6.57 18.23 2.59
N TYR B 648 -5.66 17.51 1.92
CA TYR B 648 -4.27 17.95 1.83
C TYR B 648 -4.09 19.03 0.77
N ALA B 649 -4.97 19.02 -0.24
CA ALA B 649 -4.95 20.05 -1.27
C ALA B 649 -5.16 21.42 -0.64
N VAL B 650 -6.15 21.52 0.25
CA VAL B 650 -6.42 22.75 0.98
C VAL B 650 -5.22 23.11 1.87
N ASN B 651 -4.65 22.10 2.52
CA ASN B 651 -3.45 22.26 3.32
C ASN B 651 -2.29 22.84 2.51
N SER B 652 -1.94 22.18 1.41
CA SER B 652 -0.74 22.51 0.66
C SER B 652 -0.80 23.89 0.00
N ILE B 653 -2.02 24.37 -0.27
CA ILE B 653 -2.19 25.70 -0.84
C ILE B 653 -1.60 26.76 0.09
N LYS B 654 -1.77 26.55 1.39
CA LYS B 654 -1.30 27.50 2.39
C LYS B 654 0.09 27.17 2.94
N THR B 655 0.55 25.93 2.75
CA THR B 655 1.80 25.52 3.38
C THR B 655 2.93 25.12 2.41
N ASP B 656 2.58 24.78 1.18
CA ASP B 656 3.59 24.38 0.21
C ASP B 656 4.01 25.57 -0.66
N VAL B 657 5.31 25.89 -0.66
CA VAL B 657 5.84 26.97 -1.49
C VAL B 657 5.88 26.56 -2.96
N HIS B 658 5.63 25.28 -3.22
CA HIS B 658 5.54 24.77 -4.59
C HIS B 658 4.11 24.84 -5.11
N SER B 659 3.95 24.99 -6.41
CA SER B 659 2.65 24.74 -7.05
C SER B 659 2.47 23.24 -7.17
N PRO B 660 1.22 22.77 -7.24
CA PRO B 660 1.02 21.34 -7.49
C PRO B 660 1.55 20.96 -8.87
N GLY B 661 2.04 19.73 -9.03
CA GLY B 661 2.65 19.27 -10.27
C GLY B 661 1.84 19.61 -11.51
N ASN B 662 0.52 19.47 -11.38
CA ASN B 662 -0.43 19.81 -12.44
C ASN B 662 -0.20 21.20 -13.04
N PHE B 663 -0.06 22.20 -12.17
CA PHE B 663 0.10 23.58 -12.64
C PHE B 663 1.56 23.95 -12.89
N ARG B 664 2.49 23.20 -12.29
CA ARG B 664 3.90 23.36 -12.62
C ARG B 664 4.11 23.03 -14.10
N ILE B 665 3.36 22.04 -14.57
CA ILE B 665 3.41 21.64 -15.97
C ILE B 665 2.70 22.66 -16.85
N ILE B 666 1.45 22.97 -16.52
CA ILE B 666 0.65 23.89 -17.32
C ILE B 666 1.25 25.29 -17.33
N GLY B 667 1.56 25.82 -16.15
CA GLY B 667 2.16 27.14 -16.03
C GLY B 667 3.44 27.33 -16.81
N SER B 668 4.38 26.39 -16.66
CA SER B 668 5.68 26.49 -17.33
C SER B 668 5.58 26.39 -18.85
N LEU B 669 4.77 25.44 -19.33
CA LEU B 669 4.67 25.20 -20.76
C LEU B 669 3.84 26.28 -21.46
N GLN B 670 2.90 26.88 -20.74
CA GLN B 670 2.16 28.04 -21.27
C GLN B 670 3.12 29.17 -21.62
N ASN B 671 4.15 29.36 -20.80
CA ASN B 671 5.14 30.40 -21.02
C ASN B 671 6.24 29.99 -21.98
N SER B 672 6.13 28.79 -22.54
CA SER B 672 7.19 28.23 -23.37
C SER B 672 6.86 28.29 -24.86
N VAL B 673 7.58 29.15 -25.58
CA VAL B 673 7.44 29.24 -27.02
C VAL B 673 7.96 27.95 -27.66
N GLU B 674 9.02 27.40 -27.09
CA GLU B 674 9.65 26.19 -27.60
C GLU B 674 8.72 24.99 -27.53
N PHE B 675 7.89 24.95 -26.49
CA PHE B 675 6.89 23.89 -26.33
C PHE B 675 5.85 23.94 -27.45
N SER B 676 5.32 25.13 -27.71
CA SER B 676 4.27 25.30 -28.71
C SER B 676 4.78 25.07 -30.12
N GLU B 677 6.08 25.27 -30.34
CA GLU B 677 6.68 24.95 -31.63
C GLU B 677 6.84 23.44 -31.79
N ALA B 678 7.06 22.74 -30.68
CA ALA B 678 7.26 21.30 -30.72
C ALA B 678 5.96 20.55 -31.00
N PHE B 679 4.86 21.03 -30.40
CA PHE B 679 3.57 20.39 -30.58
C PHE B 679 2.63 21.21 -31.47
N GLN B 680 3.20 22.20 -32.16
CA GLN B 680 2.46 23.01 -33.13
C GLN B 680 1.11 23.50 -32.59
N CYS B 681 1.11 24.04 -31.38
CA CYS B 681 -0.11 24.54 -30.78
C CYS B 681 -0.58 25.82 -31.47
N PRO B 682 -1.89 25.87 -31.79
CA PRO B 682 -2.47 27.07 -32.40
C PRO B 682 -2.46 28.24 -31.44
N LYS B 683 -2.45 29.47 -31.98
CA LYS B 683 -2.48 30.67 -31.18
C LYS B 683 -3.74 30.71 -30.31
N ASN B 684 -3.55 31.07 -29.04
CA ASN B 684 -4.62 31.18 -28.05
C ASN B 684 -5.25 29.84 -27.65
N SER B 685 -4.63 28.73 -28.02
CA SER B 685 -5.02 27.45 -27.44
C SER B 685 -4.60 27.50 -25.97
N TYR B 686 -5.21 26.68 -25.13
CA TYR B 686 -5.03 26.78 -23.69
C TYR B 686 -3.56 26.71 -23.27
N MET B 687 -2.79 25.91 -24.00
CA MET B 687 -1.37 25.74 -23.68
C MET B 687 -0.50 26.79 -24.38
N ASN B 688 -1.12 27.62 -25.22
CA ASN B 688 -0.37 28.63 -25.96
C ASN B 688 -1.01 30.03 -25.92
N PRO B 689 -1.09 30.63 -24.72
CA PRO B 689 -1.65 31.99 -24.64
C PRO B 689 -0.73 33.00 -25.31
N GLU B 690 -1.30 34.07 -25.86
CA GLU B 690 -0.50 35.10 -26.51
C GLU B 690 0.40 35.82 -25.50
N LYS B 691 -0.14 36.05 -24.31
CA LYS B 691 0.62 36.65 -23.21
C LYS B 691 1.43 35.59 -22.47
N LYS B 692 2.76 35.70 -22.56
CA LYS B 692 3.65 34.77 -21.87
C LYS B 692 4.57 35.48 -20.88
N CYS B 693 4.67 34.93 -19.67
CA CYS B 693 5.58 35.45 -18.67
C CYS B 693 7.00 34.97 -18.91
N ARG B 694 7.97 35.81 -18.57
CA ARG B 694 9.38 35.47 -18.74
C ARG B 694 10.27 36.22 -17.76
N VAL B 695 11.00 35.48 -16.93
CA VAL B 695 12.04 36.08 -16.11
C VAL B 695 13.37 35.59 -16.63
N TRP B 696 13.80 34.43 -16.16
CA TRP B 696 15.06 33.86 -16.62
C TRP B 696 14.85 32.96 -17.83
C1 NAG C . -5.33 -37.42 18.71
C2 NAG C . -4.58 -37.43 20.04
C3 NAG C . -4.01 -38.83 20.31
C4 NAG C . -5.10 -39.89 20.20
C5 NAG C . -5.85 -39.75 18.87
C6 NAG C . -7.04 -40.67 18.78
C7 NAG C . -3.67 -35.22 20.58
C8 NAG C . -2.47 -34.32 20.50
N2 NAG C . -3.52 -36.44 20.05
O3 NAG C . -3.43 -38.85 21.61
O4 NAG C . -4.52 -41.18 20.27
O5 NAG C . -6.35 -38.42 18.73
O6 NAG C . -7.91 -40.30 17.72
O7 NAG C . -4.72 -34.86 21.12
C1 NAG C . -4.86 -41.82 21.52
C2 NAG C . -4.69 -43.33 21.36
C3 NAG C . -5.01 -44.05 22.67
C4 NAG C . -4.19 -43.46 23.80
C5 NAG C . -4.38 -41.94 23.87
C6 NAG C . -3.52 -41.28 24.91
C7 NAG C . -5.11 -43.94 19.01
C8 NAG C . -6.11 -44.48 18.03
N2 NAG C . -5.53 -43.85 20.28
O3 NAG C . -4.74 -45.43 22.54
O4 NAG C . -4.58 -44.04 25.04
O5 NAG C . -4.05 -41.37 22.61
O6 NAG C . -2.18 -41.10 24.44
O7 NAG C . -3.98 -43.60 18.68
C1 NAG D . -22.40 -47.93 10.03
C2 NAG D . -21.21 -48.23 9.12
C3 NAG D . -21.40 -49.56 8.42
C4 NAG D . -21.70 -50.66 9.42
C5 NAG D . -22.86 -50.26 10.34
C6 NAG D . -23.09 -51.24 11.47
C7 NAG D . -19.86 -46.44 8.10
C8 NAG D . -19.80 -45.39 7.04
N2 NAG D . -20.99 -47.16 8.16
O3 NAG D . -20.25 -49.88 7.66
O4 NAG D . -22.05 -51.86 8.72
O5 NAG D . -22.57 -49.00 10.96
O6 NAG D . -21.91 -51.49 12.21
O7 NAG D . -18.93 -46.64 8.87
C1 NAG D . -21.22 -52.97 9.11
C2 NAG D . -21.99 -54.26 8.78
C3 NAG D . -21.15 -55.49 9.12
C4 NAG D . -19.78 -55.40 8.48
C5 NAG D . -19.11 -54.07 8.86
C6 NAG D . -17.78 -53.87 8.19
C7 NAG D . -24.42 -53.89 8.95
C8 NAG D . -25.63 -54.00 9.83
N2 NAG D . -23.27 -54.29 9.49
O3 NAG D . -21.83 -56.65 8.64
O4 NAG D . -18.96 -56.47 8.90
O5 NAG D . -19.96 -52.98 8.46
O6 NAG D . -17.36 -52.50 8.25
O7 NAG D . -24.48 -53.44 7.80
C1 NAG E . 9.87 -6.61 21.28
C2 NAG E . 10.91 -7.73 21.34
C3 NAG E . 10.38 -8.91 22.16
C4 NAG E . 9.86 -8.44 23.52
C5 NAG E . 8.89 -7.27 23.34
C6 NAG E . 8.45 -6.67 24.66
C7 NAG E . 12.51 -8.16 19.53
C8 NAG E . 12.70 -8.65 18.11
N2 NAG E . 11.26 -8.17 19.99
O3 NAG E . 11.43 -9.86 22.34
O4 NAG E . 9.20 -9.51 24.16
O5 NAG E . 9.53 -6.22 22.60
O6 NAG E . 9.55 -6.17 25.41
O7 NAG E . 13.46 -7.79 20.21
C1 NAG E . 9.87 -9.88 25.38
C2 NAG E . 9.08 -10.97 26.08
C3 NAG E . 9.77 -11.38 27.38
C4 NAG E . 11.22 -11.76 27.11
C5 NAG E . 11.92 -10.63 26.38
C6 NAG E . 13.34 -10.96 25.99
C7 NAG E . 6.71 -10.71 25.48
C8 NAG E . 5.37 -10.20 25.93
N2 NAG E . 7.71 -10.55 26.34
O3 NAG E . 9.08 -12.48 27.96
O4 NAG E . 11.90 -12.02 28.34
O5 NAG E . 11.22 -10.32 25.16
O6 NAG E . 13.53 -12.37 25.83
O7 NAG E . 6.88 -11.23 24.38
C1 NAG F . 16.64 33.07 35.63
C2 NAG F . 17.98 32.53 36.09
C3 NAG F . 17.80 31.47 37.19
C4 NAG F . 16.90 31.99 38.29
C5 NAG F . 15.60 32.52 37.71
C6 NAG F . 14.69 33.15 38.74
C7 NAG F . 19.94 32.38 34.61
C8 NAG F . 20.55 31.67 33.43
N2 NAG F . 18.72 31.95 34.97
O3 NAG F . 19.07 31.12 37.72
O4 NAG F . 16.60 30.95 39.21
O5 NAG F . 15.90 33.54 36.74
O6 NAG F . 15.33 34.22 39.40
O7 NAG F . 20.53 33.28 35.21
C1 NAG F . 17.16 31.23 40.50
C2 NAG F . 16.35 30.50 41.58
C3 NAG F . 16.96 30.75 42.95
C4 NAG F . 18.44 30.39 42.95
C5 NAG F . 19.16 31.13 41.83
C6 NAG F . 20.60 30.73 41.70
C7 NAG F . 14.03 30.31 40.80
C8 NAG F . 12.64 30.85 40.89
N2 NAG F . 14.95 30.91 41.55
O3 NAG F . 16.26 29.96 43.92
O4 NAG F . 19.02 30.73 44.21
O5 NAG F . 18.53 30.83 40.58
O6 NAG F . 20.76 29.60 40.86
O7 NAG F . 14.30 29.36 40.07
ZN ZN G . -6.34 -26.15 -11.57
P PO4 H . -7.74 -23.60 -11.56
O1 PO4 H . -8.35 -24.75 -12.31
O2 PO4 H . -8.76 -22.97 -10.65
O3 PO4 H . -6.58 -24.12 -10.73
O4 PO4 H . -7.23 -22.58 -12.54
C1 NAG I . -21.38 8.60 5.56
C2 NAG I . -21.96 9.61 4.58
C3 NAG I . -22.17 10.97 5.26
C4 NAG I . -22.98 10.80 6.54
C5 NAG I . -22.34 9.74 7.44
C6 NAG I . -23.15 9.46 8.68
C7 NAG I . -21.55 9.67 2.16
C8 NAG I . -20.53 9.83 1.08
N2 NAG I . -21.11 9.76 3.42
O3 NAG I . -22.83 11.84 4.37
O4 NAG I . -23.05 12.04 7.24
O5 NAG I . -22.22 8.50 6.72
O6 NAG I . -24.38 8.81 8.38
O7 NAG I . -22.74 9.46 1.91
C1 NAG J . -35.63 -29.89 18.43
C2 NAG J . -36.90 -29.45 17.72
C3 NAG J . -37.62 -28.35 18.52
C4 NAG J . -37.82 -28.78 19.96
C5 NAG J . -36.48 -29.18 20.57
C6 NAG J . -36.61 -29.69 21.98
C7 NAG J . -37.25 -29.40 15.28
C8 NAG J . -36.81 -28.80 13.98
N2 NAG J . -36.61 -28.98 16.38
O3 NAG J . -38.88 -28.07 17.91
O4 NAG J . -38.40 -27.72 20.72
O5 NAG J . -35.93 -30.24 19.79
O6 NAG J . -36.72 -31.12 22.00
O7 NAG J . -38.14 -30.25 15.35
ZN ZN K . 12.59 24.67 -5.78
P PO4 L . 13.43 22.17 -4.50
O1 PO4 L . 13.49 21.11 -5.57
O2 PO4 L . 12.08 22.88 -4.57
O3 PO4 L . 13.56 21.53 -3.14
O4 PO4 L . 14.54 23.16 -4.70
C1 NAG M . -6.06 40.57 15.39
C2 NAG M . -7.50 40.76 15.87
C3 NAG M . -7.98 42.17 15.58
C4 NAG M . -7.01 43.20 16.16
C5 NAG M . -5.60 42.92 15.62
C6 NAG M . -4.56 43.84 16.20
C7 NAG M . -8.79 38.66 15.87
C8 NAG M . -9.70 37.77 15.08
N2 NAG M . -8.38 39.77 15.26
O3 NAG M . -9.27 42.36 16.17
O4 NAG M . -7.40 44.51 15.80
O5 NAG M . -5.22 41.57 15.96
O6 NAG M . -3.26 43.28 16.08
O7 NAG M . -8.44 38.38 17.02
#